data_6MAA
# 
_entry.id   6MAA 
# 
_audit_conform.dict_name       mmcif_pdbx.dic 
_audit_conform.dict_version    5.397 
_audit_conform.dict_location   http://mmcif.pdb.org/dictionaries/ascii/mmcif_pdbx.dic 
# 
loop_
_database_2.database_id 
_database_2.database_code 
_database_2.pdbx_database_accession 
_database_2.pdbx_DOI 
PDB   6MAA         pdb_00006maa 10.2210/pdb6maa/pdb 
WWPDB D_1000236431 ?            ?                   
# 
loop_
_pdbx_audit_revision_history.ordinal 
_pdbx_audit_revision_history.data_content_type 
_pdbx_audit_revision_history.major_revision 
_pdbx_audit_revision_history.minor_revision 
_pdbx_audit_revision_history.revision_date 
1 'Structure model' 1 0 2019-03-06 
2 'Structure model' 1 1 2019-03-13 
3 'Structure model' 1 2 2019-05-01 
4 'Structure model' 1 3 2019-12-04 
5 'Structure model' 1 4 2024-10-30 
# 
_pdbx_audit_revision_details.ordinal             1 
_pdbx_audit_revision_details.revision_ordinal    1 
_pdbx_audit_revision_details.data_content_type   'Structure model' 
_pdbx_audit_revision_details.provider            repository 
_pdbx_audit_revision_details.type                'Initial release' 
_pdbx_audit_revision_details.description         ? 
_pdbx_audit_revision_details.details             ? 
# 
loop_
_pdbx_audit_revision_group.ordinal 
_pdbx_audit_revision_group.revision_ordinal 
_pdbx_audit_revision_group.data_content_type 
_pdbx_audit_revision_group.group 
1 2 'Structure model' 'Data collection'            
2 2 'Structure model' 'Database references'        
3 3 'Structure model' 'Data collection'            
4 3 'Structure model' 'Database references'        
5 4 'Structure model' 'Author supporting evidence' 
6 5 'Structure model' 'Data collection'            
7 5 'Structure model' 'Database references'        
8 5 'Structure model' 'Structure summary'          
# 
loop_
_pdbx_audit_revision_category.ordinal 
_pdbx_audit_revision_category.revision_ordinal 
_pdbx_audit_revision_category.data_content_type 
_pdbx_audit_revision_category.category 
1  2 'Structure model' citation                  
2  2 'Structure model' citation_author           
3  2 'Structure model' pdbx_database_proc        
4  3 'Structure model' citation                  
5  3 'Structure model' citation_author           
6  4 'Structure model' pdbx_audit_support        
7  5 'Structure model' chem_comp_atom            
8  5 'Structure model' chem_comp_bond            
9  5 'Structure model' database_2                
10 5 'Structure model' pdbx_entry_details        
11 5 'Structure model' pdbx_modification_feature 
# 
loop_
_pdbx_audit_revision_item.ordinal 
_pdbx_audit_revision_item.revision_ordinal 
_pdbx_audit_revision_item.data_content_type 
_pdbx_audit_revision_item.item 
1  2 'Structure model' '_citation.journal_abbrev'                     
2  2 'Structure model' '_citation.pdbx_database_id_PubMed'            
3  2 'Structure model' '_citation.title'                              
4  2 'Structure model' '_citation_author.name'                        
5  3 'Structure model' '_citation.journal_abbrev'                     
6  3 'Structure model' '_citation.journal_volume'                     
7  3 'Structure model' '_citation.page_first'                         
8  3 'Structure model' '_citation.page_last'                          
9  3 'Structure model' '_citation_author.identifier_ORCID'            
10 4 'Structure model' '_pdbx_audit_support.funding_organization'     
11 5 'Structure model' '_database_2.pdbx_DOI'                         
12 5 'Structure model' '_database_2.pdbx_database_accession'          
13 5 'Structure model' '_pdbx_entry_details.has_protein_modification' 
# 
_pdbx_database_status.status_code                     REL 
_pdbx_database_status.status_code_sf                  REL 
_pdbx_database_status.status_code_mr                  ? 
_pdbx_database_status.entry_id                        6MAA 
_pdbx_database_status.recvd_initial_deposition_date   2018-08-27 
_pdbx_database_status.SG_entry                        N 
_pdbx_database_status.deposit_site                    RCSB 
_pdbx_database_status.process_site                    RCSB 
_pdbx_database_status.status_code_cs                  ? 
_pdbx_database_status.methods_development_category    ? 
_pdbx_database_status.pdb_format_compatible           Y 
_pdbx_database_status.status_code_nmr_data            ? 
# 
loop_
_audit_author.name 
_audit_author.pdbx_ordinal 
_audit_author.identifier_ORCID 
'McCoy, J.C.'  1 0000-0003-4307-0466 
'Walker, R.G.' 2 ?                   
'Thomas, T.B.' 3 ?                   
# 
_citation.abstract                  ? 
_citation.abstract_id_CAS           ? 
_citation.book_id_ISBN              ? 
_citation.book_publisher            ? 
_citation.book_publisher_city       ? 
_citation.book_title                ? 
_citation.coordinate_linkage        ? 
_citation.country                   US 
_citation.database_id_Medline       ? 
_citation.details                   ? 
_citation.id                        primary 
_citation.journal_abbrev            J.Biol.Chem. 
_citation.journal_id_ASTM           JBCHA3 
_citation.journal_id_CSD            0071 
_citation.journal_id_ISSN           1083-351X 
_citation.journal_full              ? 
_citation.journal_issue             ? 
_citation.journal_volume            294 
_citation.language                  ? 
_citation.page_first                6333 
_citation.page_last                 6343 
_citation.title                     
;Crystal structure of the WFIKKN2 follistatin domain reveals insight into how it inhibits growth differentiation factor 8 (GDF8) and GDF11.
;
_citation.year                      2019 
_citation.database_id_CSD           ? 
_citation.pdbx_database_id_DOI      10.1074/jbc.RA118.005831 
_citation.pdbx_database_id_PubMed   30814254 
_citation.unpublished_flag          ? 
# 
loop_
_citation_author.citation_id 
_citation_author.name 
_citation_author.ordinal 
_citation_author.identifier_ORCID 
primary 'McCoy, J.C.'    1 ?                   
primary 'Walker, R.G.'   2 ?                   
primary 'Murray, N.H.'   3 ?                   
primary 'Thompson, T.B.' 4 0000-0002-7041-5047 
# 
loop_
_entity.id 
_entity.type 
_entity.src_method 
_entity.pdbx_description 
_entity.formula_weight 
_entity.pdbx_number_of_molecules 
_entity.pdbx_ec 
_entity.pdbx_mutation 
_entity.pdbx_fragment 
_entity.details 
1 polymer     man 'WAP, Kazal, immunoglobulin, Kunitz and NTR domain-containing protein 2' 10074.406 1   ? ? ? ? 
2 non-polymer syn 'NITRATE ION'                                                            62.005    4   ? ? ? ? 
3 water       nat water                                                                    18.015    156 ? ? ? ? 
# 
_entity_name_com.entity_id   1 
_entity_name_com.name        'Growth and differentiation factor-associated serum protein 1,mGASP-1' 
# 
_entity_poly.entity_id                      1 
_entity_poly.type                           'polypeptide(L)' 
_entity_poly.nstd_linkage                   no 
_entity_poly.nstd_monomer                   no 
_entity_poly.pdbx_seq_one_letter_code       
;MGSSHHHHHHSSGLVPRGSHMATCDHFMCLQQGSECDIWDGQPVCKCKDRCEKEPSFTCASDGLTYYNRCFMDAEACSKG
ITLSVVTCRY
;
_entity_poly.pdbx_seq_one_letter_code_can   
;MGSSHHHHHHSSGLVPRGSHMATCDHFMCLQQGSECDIWDGQPVCKCKDRCEKEPSFTCASDGLTYYNRCFMDAEACSKG
ITLSVVTCRY
;
_entity_poly.pdbx_strand_id                 A 
_entity_poly.pdbx_target_identifier         ? 
# 
loop_
_pdbx_entity_nonpoly.entity_id 
_pdbx_entity_nonpoly.name 
_pdbx_entity_nonpoly.comp_id 
2 'NITRATE ION' NO3 
3 water         HOH 
# 
loop_
_entity_poly_seq.entity_id 
_entity_poly_seq.num 
_entity_poly_seq.mon_id 
_entity_poly_seq.hetero 
1 1  MET n 
1 2  GLY n 
1 3  SER n 
1 4  SER n 
1 5  HIS n 
1 6  HIS n 
1 7  HIS n 
1 8  HIS n 
1 9  HIS n 
1 10 HIS n 
1 11 SER n 
1 12 SER n 
1 13 GLY n 
1 14 LEU n 
1 15 VAL n 
1 16 PRO n 
1 17 ARG n 
1 18 GLY n 
1 19 SER n 
1 20 HIS n 
1 21 MET n 
1 22 ALA n 
1 23 THR n 
1 24 CYS n 
1 25 ASP n 
1 26 HIS n 
1 27 PHE n 
1 28 MET n 
1 29 CYS n 
1 30 LEU n 
1 31 GLN n 
1 32 GLN n 
1 33 GLY n 
1 34 SER n 
1 35 GLU n 
1 36 CYS n 
1 37 ASP n 
1 38 ILE n 
1 39 TRP n 
1 40 ASP n 
1 41 GLY n 
1 42 GLN n 
1 43 PRO n 
1 44 VAL n 
1 45 CYS n 
1 46 LYS n 
1 47 CYS n 
1 48 LYS n 
1 49 ASP n 
1 50 ARG n 
1 51 CYS n 
1 52 GLU n 
1 53 LYS n 
1 54 GLU n 
1 55 PRO n 
1 56 SER n 
1 57 PHE n 
1 58 THR n 
1 59 CYS n 
1 60 ALA n 
1 61 SER n 
1 62 ASP n 
1 63 GLY n 
1 64 LEU n 
1 65 THR n 
1 66 TYR n 
1 67 TYR n 
1 68 ASN n 
1 69 ARG n 
1 70 CYS n 
1 71 PHE n 
1 72 MET n 
1 73 ASP n 
1 74 ALA n 
1 75 GLU n 
1 76 ALA n 
1 77 CYS n 
1 78 SER n 
1 79 LYS n 
1 80 GLY n 
1 81 ILE n 
1 82 THR n 
1 83 LEU n 
1 84 SER n 
1 85 VAL n 
1 86 VAL n 
1 87 THR n 
1 88 CYS n 
1 89 ARG n 
1 90 TYR n 
# 
_entity_src_gen.entity_id                          1 
_entity_src_gen.pdbx_src_id                        1 
_entity_src_gen.pdbx_alt_source_flag               sample 
_entity_src_gen.pdbx_seq_type                      'Biological sequence' 
_entity_src_gen.pdbx_beg_seq_num                   1 
_entity_src_gen.pdbx_end_seq_num                   90 
_entity_src_gen.gene_src_common_name               Mouse 
_entity_src_gen.gene_src_genus                     ? 
_entity_src_gen.pdbx_gene_src_gene                 'Wfikkn2, Gasp1' 
_entity_src_gen.gene_src_species                   ? 
_entity_src_gen.gene_src_strain                    ? 
_entity_src_gen.gene_src_tissue                    ? 
_entity_src_gen.gene_src_tissue_fraction           ? 
_entity_src_gen.gene_src_details                   ? 
_entity_src_gen.pdbx_gene_src_fragment             ? 
_entity_src_gen.pdbx_gene_src_scientific_name      'Mus musculus' 
_entity_src_gen.pdbx_gene_src_ncbi_taxonomy_id     10090 
_entity_src_gen.pdbx_gene_src_variant              ? 
_entity_src_gen.pdbx_gene_src_cell_line            ? 
_entity_src_gen.pdbx_gene_src_atcc                 ? 
_entity_src_gen.pdbx_gene_src_organ                ? 
_entity_src_gen.pdbx_gene_src_organelle            ? 
_entity_src_gen.pdbx_gene_src_cell                 ? 
_entity_src_gen.pdbx_gene_src_cellular_location    ? 
_entity_src_gen.host_org_common_name               ? 
_entity_src_gen.pdbx_host_org_scientific_name      'Escherichia coli' 
_entity_src_gen.pdbx_host_org_ncbi_taxonomy_id     562 
_entity_src_gen.host_org_genus                     ? 
_entity_src_gen.pdbx_host_org_gene                 ? 
_entity_src_gen.pdbx_host_org_organ                ? 
_entity_src_gen.host_org_species                   ? 
_entity_src_gen.pdbx_host_org_tissue               ? 
_entity_src_gen.pdbx_host_org_tissue_fraction      ? 
_entity_src_gen.pdbx_host_org_strain               DE3 
_entity_src_gen.pdbx_host_org_variant              Rosetta 
_entity_src_gen.pdbx_host_org_cell_line            ? 
_entity_src_gen.pdbx_host_org_atcc                 ? 
_entity_src_gen.pdbx_host_org_culture_collection   ? 
_entity_src_gen.pdbx_host_org_cell                 ? 
_entity_src_gen.pdbx_host_org_organelle            ? 
_entity_src_gen.pdbx_host_org_cellular_location    ? 
_entity_src_gen.pdbx_host_org_vector_type          ? 
_entity_src_gen.pdbx_host_org_vector               PLASMID 
_entity_src_gen.host_org_details                   ? 
_entity_src_gen.expression_system_id               ? 
_entity_src_gen.plasmid_name                       pET28a 
_entity_src_gen.plasmid_details                    ? 
_entity_src_gen.pdbx_description                   ? 
# 
loop_
_chem_comp.id 
_chem_comp.type 
_chem_comp.mon_nstd_flag 
_chem_comp.name 
_chem_comp.pdbx_synonyms 
_chem_comp.formula 
_chem_comp.formula_weight 
ALA 'L-peptide linking' y ALANINE         ? 'C3 H7 N O2'     89.093  
ARG 'L-peptide linking' y ARGININE        ? 'C6 H15 N4 O2 1' 175.209 
ASN 'L-peptide linking' y ASPARAGINE      ? 'C4 H8 N2 O3'    132.118 
ASP 'L-peptide linking' y 'ASPARTIC ACID' ? 'C4 H7 N O4'     133.103 
CYS 'L-peptide linking' y CYSTEINE        ? 'C3 H7 N O2 S'   121.158 
GLN 'L-peptide linking' y GLUTAMINE       ? 'C5 H10 N2 O3'   146.144 
GLU 'L-peptide linking' y 'GLUTAMIC ACID' ? 'C5 H9 N O4'     147.129 
GLY 'peptide linking'   y GLYCINE         ? 'C2 H5 N O2'     75.067  
HIS 'L-peptide linking' y HISTIDINE       ? 'C6 H10 N3 O2 1' 156.162 
HOH non-polymer         . WATER           ? 'H2 O'           18.015  
ILE 'L-peptide linking' y ISOLEUCINE      ? 'C6 H13 N O2'    131.173 
LEU 'L-peptide linking' y LEUCINE         ? 'C6 H13 N O2'    131.173 
LYS 'L-peptide linking' y LYSINE          ? 'C6 H15 N2 O2 1' 147.195 
MET 'L-peptide linking' y METHIONINE      ? 'C5 H11 N O2 S'  149.211 
NO3 non-polymer         . 'NITRATE ION'   ? 'N O3 -1'        62.005  
PHE 'L-peptide linking' y PHENYLALANINE   ? 'C9 H11 N O2'    165.189 
PRO 'L-peptide linking' y PROLINE         ? 'C5 H9 N O2'     115.130 
SER 'L-peptide linking' y SERINE          ? 'C3 H7 N O3'     105.093 
THR 'L-peptide linking' y THREONINE       ? 'C4 H9 N O3'     119.119 
TRP 'L-peptide linking' y TRYPTOPHAN      ? 'C11 H12 N2 O2'  204.225 
TYR 'L-peptide linking' y TYROSINE        ? 'C9 H11 N O3'    181.189 
VAL 'L-peptide linking' y VALINE          ? 'C5 H11 N O2'    117.146 
# 
loop_
_pdbx_poly_seq_scheme.asym_id 
_pdbx_poly_seq_scheme.entity_id 
_pdbx_poly_seq_scheme.seq_id 
_pdbx_poly_seq_scheme.mon_id 
_pdbx_poly_seq_scheme.ndb_seq_num 
_pdbx_poly_seq_scheme.pdb_seq_num 
_pdbx_poly_seq_scheme.auth_seq_num 
_pdbx_poly_seq_scheme.pdb_mon_id 
_pdbx_poly_seq_scheme.auth_mon_id 
_pdbx_poly_seq_scheme.pdb_strand_id 
_pdbx_poly_seq_scheme.pdb_ins_code 
_pdbx_poly_seq_scheme.hetero 
A 1 1  MET 1  -11 ?  ?   ?   A . n 
A 1 2  GLY 2  -10 ?  ?   ?   A . n 
A 1 3  SER 3  -9  ?  ?   ?   A . n 
A 1 4  SER 4  -8  ?  ?   ?   A . n 
A 1 5  HIS 5  -7  ?  ?   ?   A . n 
A 1 6  HIS 6  -6  ?  ?   ?   A . n 
A 1 7  HIS 7  -5  ?  ?   ?   A . n 
A 1 8  HIS 8  -4  ?  ?   ?   A . n 
A 1 9  HIS 9  -3  ?  ?   ?   A . n 
A 1 10 HIS 10 -2  ?  ?   ?   A . n 
A 1 11 SER 11 -1  ?  ?   ?   A . n 
A 1 12 SER 12 0   ?  ?   ?   A . n 
A 1 13 GLY 13 1   1  GLY GLY A . n 
A 1 14 LEU 14 2   2  LEU LEU A . n 
A 1 15 VAL 15 3   3  VAL VAL A . n 
A 1 16 PRO 16 4   4  PRO PRO A . n 
A 1 17 ARG 17 5   5  ARG ARG A . n 
A 1 18 GLY 18 6   6  GLY GLY A . n 
A 1 19 SER 19 7   7  SER SER A . n 
A 1 20 HIS 20 8   8  HIS HIS A . n 
A 1 21 MET 21 9   9  MET MET A . n 
A 1 22 ALA 22 10  10 ALA ALA A . n 
A 1 23 THR 23 11  11 THR THR A . n 
A 1 24 CYS 24 12  12 CYS CYS A . n 
A 1 25 ASP 25 13  13 ASP ASP A . n 
A 1 26 HIS 26 14  14 HIS HIS A . n 
A 1 27 PHE 27 15  15 PHE PHE A . n 
A 1 28 MET 28 16  16 MET MET A . n 
A 1 29 CYS 29 17  17 CYS CYS A . n 
A 1 30 LEU 30 18  18 LEU LEU A . n 
A 1 31 GLN 31 19  19 GLN GLN A . n 
A 1 32 GLN 32 20  20 GLN GLN A . n 
A 1 33 GLY 33 21  21 GLY GLY A . n 
A 1 34 SER 34 22  22 SER SER A . n 
A 1 35 GLU 35 23  23 GLU GLU A . n 
A 1 36 CYS 36 24  24 CYS CYS A . n 
A 1 37 ASP 37 25  25 ASP ASP A . n 
A 1 38 ILE 38 26  26 ILE ILE A . n 
A 1 39 TRP 39 27  27 TRP TRP A . n 
A 1 40 ASP 40 28  28 ASP ASP A . n 
A 1 41 GLY 41 29  29 GLY GLY A . n 
A 1 42 GLN 42 30  30 GLN GLN A . n 
A 1 43 PRO 43 31  31 PRO PRO A . n 
A 1 44 VAL 44 32  32 VAL VAL A . n 
A 1 45 CYS 45 33  33 CYS CYS A . n 
A 1 46 LYS 46 34  34 LYS LYS A . n 
A 1 47 CYS 47 35  35 CYS CYS A . n 
A 1 48 LYS 48 36  36 LYS LYS A . n 
A 1 49 ASP 49 37  37 ASP ASP A . n 
A 1 50 ARG 50 38  38 ARG ARG A . n 
A 1 51 CYS 51 39  39 CYS CYS A . n 
A 1 52 GLU 52 40  40 GLU GLU A . n 
A 1 53 LYS 53 41  41 LYS LYS A . n 
A 1 54 GLU 54 42  42 GLU GLU A . n 
A 1 55 PRO 55 43  43 PRO PRO A . n 
A 1 56 SER 56 44  44 SER SER A . n 
A 1 57 PHE 57 45  45 PHE PHE A . n 
A 1 58 THR 58 46  46 THR THR A . n 
A 1 59 CYS 59 47  47 CYS CYS A . n 
A 1 60 ALA 60 48  48 ALA ALA A . n 
A 1 61 SER 61 49  49 SER SER A . n 
A 1 62 ASP 62 50  50 ASP ASP A . n 
A 1 63 GLY 63 51  51 GLY GLY A . n 
A 1 64 LEU 64 52  52 LEU LEU A . n 
A 1 65 THR 65 53  53 THR THR A . n 
A 1 66 TYR 66 54  54 TYR TYR A . n 
A 1 67 TYR 67 55  55 TYR TYR A . n 
A 1 68 ASN 68 56  56 ASN ASN A . n 
A 1 69 ARG 69 57  57 ARG ARG A . n 
A 1 70 CYS 70 58  58 CYS CYS A . n 
A 1 71 PHE 71 59  59 PHE PHE A . n 
A 1 72 MET 72 60  60 MET MET A . n 
A 1 73 ASP 73 61  61 ASP ASP A . n 
A 1 74 ALA 74 62  62 ALA ALA A . n 
A 1 75 GLU 75 63  63 GLU GLU A . n 
A 1 76 ALA 76 64  64 ALA ALA A . n 
A 1 77 CYS 77 65  65 CYS CYS A . n 
A 1 78 SER 78 66  66 SER SER A . n 
A 1 79 LYS 79 67  67 LYS LYS A . n 
A 1 80 GLY 80 68  68 GLY GLY A . n 
A 1 81 ILE 81 69  69 ILE ILE A . n 
A 1 82 THR 82 70  70 THR THR A . n 
A 1 83 LEU 83 71  71 LEU LEU A . n 
A 1 84 SER 84 72  72 SER SER A . n 
A 1 85 VAL 85 73  73 VAL VAL A . n 
A 1 86 VAL 86 74  74 VAL VAL A . n 
A 1 87 THR 87 75  75 THR THR A . n 
A 1 88 CYS 88 76  76 CYS CYS A . n 
A 1 89 ARG 89 77  77 ARG ARG A . n 
A 1 90 TYR 90 78  78 TYR TYR A . n 
# 
loop_
_pdbx_nonpoly_scheme.asym_id 
_pdbx_nonpoly_scheme.entity_id 
_pdbx_nonpoly_scheme.mon_id 
_pdbx_nonpoly_scheme.ndb_seq_num 
_pdbx_nonpoly_scheme.pdb_seq_num 
_pdbx_nonpoly_scheme.auth_seq_num 
_pdbx_nonpoly_scheme.pdb_mon_id 
_pdbx_nonpoly_scheme.auth_mon_id 
_pdbx_nonpoly_scheme.pdb_strand_id 
_pdbx_nonpoly_scheme.pdb_ins_code 
B 2 NO3 1   101 3   NO3 NO3 A . 
C 2 NO3 1   102 4   NO3 NO3 A . 
D 2 NO3 1   103 5   NO3 NO3 A . 
E 2 NO3 1   104 7   NO3 NO3 A . 
F 3 HOH 1   201 57  HOH HOH A . 
F 3 HOH 2   202 52  HOH HOH A . 
F 3 HOH 3   203 138 HOH HOH A . 
F 3 HOH 4   204 146 HOH HOH A . 
F 3 HOH 5   205 104 HOH HOH A . 
F 3 HOH 6   206 61  HOH HOH A . 
F 3 HOH 7   207 139 HOH HOH A . 
F 3 HOH 8   208 67  HOH HOH A . 
F 3 HOH 9   209 133 HOH HOH A . 
F 3 HOH 10  210 130 HOH HOH A . 
F 3 HOH 11  211 131 HOH HOH A . 
F 3 HOH 12  212 117 HOH HOH A . 
F 3 HOH 13  213 103 HOH HOH A . 
F 3 HOH 14  214 135 HOH HOH A . 
F 3 HOH 15  215 83  HOH HOH A . 
F 3 HOH 16  216 20  HOH HOH A . 
F 3 HOH 17  217 4   HOH HOH A . 
F 3 HOH 18  218 45  HOH HOH A . 
F 3 HOH 19  219 65  HOH HOH A . 
F 3 HOH 20  220 105 HOH HOH A . 
F 3 HOH 21  221 18  HOH HOH A . 
F 3 HOH 22  222 73  HOH HOH A . 
F 3 HOH 23  223 66  HOH HOH A . 
F 3 HOH 24  224 91  HOH HOH A . 
F 3 HOH 25  225 30  HOH HOH A . 
F 3 HOH 26  226 47  HOH HOH A . 
F 3 HOH 27  227 153 HOH HOH A . 
F 3 HOH 28  228 28  HOH HOH A . 
F 3 HOH 29  229 50  HOH HOH A . 
F 3 HOH 30  230 27  HOH HOH A . 
F 3 HOH 31  231 156 HOH HOH A . 
F 3 HOH 32  232 15  HOH HOH A . 
F 3 HOH 33  233 118 HOH HOH A . 
F 3 HOH 34  234 35  HOH HOH A . 
F 3 HOH 35  235 16  HOH HOH A . 
F 3 HOH 36  236 26  HOH HOH A . 
F 3 HOH 37  237 31  HOH HOH A . 
F 3 HOH 38  238 110 HOH HOH A . 
F 3 HOH 39  239 90  HOH HOH A . 
F 3 HOH 40  240 76  HOH HOH A . 
F 3 HOH 41  241 6   HOH HOH A . 
F 3 HOH 42  242 87  HOH HOH A . 
F 3 HOH 43  243 59  HOH HOH A . 
F 3 HOH 44  244 84  HOH HOH A . 
F 3 HOH 45  245 25  HOH HOH A . 
F 3 HOH 46  246 120 HOH HOH A . 
F 3 HOH 47  247 51  HOH HOH A . 
F 3 HOH 48  248 40  HOH HOH A . 
F 3 HOH 49  249 21  HOH HOH A . 
F 3 HOH 50  250 93  HOH HOH A . 
F 3 HOH 51  251 101 HOH HOH A . 
F 3 HOH 52  252 55  HOH HOH A . 
F 3 HOH 53  253 5   HOH HOH A . 
F 3 HOH 54  254 58  HOH HOH A . 
F 3 HOH 55  255 74  HOH HOH A . 
F 3 HOH 56  256 54  HOH HOH A . 
F 3 HOH 57  257 69  HOH HOH A . 
F 3 HOH 58  258 95  HOH HOH A . 
F 3 HOH 59  259 33  HOH HOH A . 
F 3 HOH 60  260 38  HOH HOH A . 
F 3 HOH 61  261 85  HOH HOH A . 
F 3 HOH 62  262 53  HOH HOH A . 
F 3 HOH 63  263 112 HOH HOH A . 
F 3 HOH 64  264 2   HOH HOH A . 
F 3 HOH 65  265 41  HOH HOH A . 
F 3 HOH 66  266 37  HOH HOH A . 
F 3 HOH 67  267 13  HOH HOH A . 
F 3 HOH 68  268 127 HOH HOH A . 
F 3 HOH 69  269 17  HOH HOH A . 
F 3 HOH 70  270 9   HOH HOH A . 
F 3 HOH 71  271 56  HOH HOH A . 
F 3 HOH 72  272 71  HOH HOH A . 
F 3 HOH 73  273 42  HOH HOH A . 
F 3 HOH 74  274 32  HOH HOH A . 
F 3 HOH 75  275 152 HOH HOH A . 
F 3 HOH 76  276 23  HOH HOH A . 
F 3 HOH 77  277 22  HOH HOH A . 
F 3 HOH 78  278 46  HOH HOH A . 
F 3 HOH 79  279 44  HOH HOH A . 
F 3 HOH 80  280 125 HOH HOH A . 
F 3 HOH 81  281 151 HOH HOH A . 
F 3 HOH 82  282 97  HOH HOH A . 
F 3 HOH 83  283 10  HOH HOH A . 
F 3 HOH 84  284 11  HOH HOH A . 
F 3 HOH 85  285 3   HOH HOH A . 
F 3 HOH 86  286 80  HOH HOH A . 
F 3 HOH 87  287 94  HOH HOH A . 
F 3 HOH 88  288 68  HOH HOH A . 
F 3 HOH 89  289 77  HOH HOH A . 
F 3 HOH 90  290 1   HOH HOH A . 
F 3 HOH 91  291 62  HOH HOH A . 
F 3 HOH 92  292 39  HOH HOH A . 
F 3 HOH 93  293 34  HOH HOH A . 
F 3 HOH 94  294 12  HOH HOH A . 
F 3 HOH 95  295 29  HOH HOH A . 
F 3 HOH 96  296 8   HOH HOH A . 
F 3 HOH 97  297 81  HOH HOH A . 
F 3 HOH 98  298 79  HOH HOH A . 
F 3 HOH 99  299 137 HOH HOH A . 
F 3 HOH 100 300 7   HOH HOH A . 
F 3 HOH 101 301 36  HOH HOH A . 
F 3 HOH 102 302 148 HOH HOH A . 
F 3 HOH 103 303 49  HOH HOH A . 
F 3 HOH 104 304 119 HOH HOH A . 
F 3 HOH 105 305 111 HOH HOH A . 
F 3 HOH 106 306 116 HOH HOH A . 
F 3 HOH 107 307 134 HOH HOH A . 
F 3 HOH 108 308 114 HOH HOH A . 
F 3 HOH 109 309 60  HOH HOH A . 
F 3 HOH 110 310 141 HOH HOH A . 
F 3 HOH 111 311 108 HOH HOH A . 
F 3 HOH 112 312 128 HOH HOH A . 
F 3 HOH 113 313 82  HOH HOH A . 
F 3 HOH 114 314 140 HOH HOH A . 
F 3 HOH 115 315 102 HOH HOH A . 
F 3 HOH 116 316 147 HOH HOH A . 
F 3 HOH 117 317 24  HOH HOH A . 
F 3 HOH 118 318 115 HOH HOH A . 
F 3 HOH 119 319 143 HOH HOH A . 
F 3 HOH 120 320 154 HOH HOH A . 
F 3 HOH 121 321 88  HOH HOH A . 
F 3 HOH 122 322 75  HOH HOH A . 
F 3 HOH 123 323 96  HOH HOH A . 
F 3 HOH 124 324 48  HOH HOH A . 
F 3 HOH 125 325 100 HOH HOH A . 
F 3 HOH 126 326 99  HOH HOH A . 
F 3 HOH 127 327 126 HOH HOH A . 
F 3 HOH 128 328 136 HOH HOH A . 
F 3 HOH 129 329 70  HOH HOH A . 
F 3 HOH 130 330 150 HOH HOH A . 
F 3 HOH 131 331 64  HOH HOH A . 
F 3 HOH 132 332 106 HOH HOH A . 
F 3 HOH 133 333 72  HOH HOH A . 
F 3 HOH 134 334 98  HOH HOH A . 
F 3 HOH 135 335 132 HOH HOH A . 
F 3 HOH 136 336 145 HOH HOH A . 
F 3 HOH 137 337 63  HOH HOH A . 
F 3 HOH 138 338 129 HOH HOH A . 
F 3 HOH 139 339 123 HOH HOH A . 
F 3 HOH 140 340 78  HOH HOH A . 
F 3 HOH 141 341 121 HOH HOH A . 
F 3 HOH 142 342 122 HOH HOH A . 
F 3 HOH 143 343 14  HOH HOH A . 
F 3 HOH 144 344 19  HOH HOH A . 
F 3 HOH 145 345 86  HOH HOH A . 
F 3 HOH 146 346 109 HOH HOH A . 
F 3 HOH 147 347 89  HOH HOH A . 
F 3 HOH 148 348 107 HOH HOH A . 
F 3 HOH 149 349 142 HOH HOH A . 
F 3 HOH 150 350 43  HOH HOH A . 
F 3 HOH 151 351 124 HOH HOH A . 
F 3 HOH 152 352 149 HOH HOH A . 
F 3 HOH 153 353 92  HOH HOH A . 
F 3 HOH 154 354 155 HOH HOH A . 
F 3 HOH 155 355 144 HOH HOH A . 
F 3 HOH 156 356 113 HOH HOH A . 
# 
loop_
_software.citation_id 
_software.classification 
_software.compiler_name 
_software.compiler_version 
_software.contact_author 
_software.contact_author_email 
_software.date 
_software.description 
_software.dependencies 
_software.hardware 
_software.language 
_software.location 
_software.mods 
_software.name 
_software.os 
_software.os_version 
_software.type 
_software.version 
_software.pdbx_ordinal 
? refinement        ? ? ? ? ? ? ? ? ? ? ? PHENIX      ? ? ? dev_2450 1 
? 'data extraction' ? ? ? ? ? ? ? ? ? ? ? PDB_EXTRACT ? ? ? 3.24     2 
? 'data reduction'  ? ? ? ? ? ? ? ? ? ? ? MOSFLM      ? ? ? 7.2.1    3 
? 'data scaling'    ? ? ? ? ? ? ? ? ? ? ? Aimless     ? ? ? .        4 
? phasing           ? ? ? ? ? ? ? ? ? ? ? PHASER      ? ? ? .        5 
# 
_cell.angle_alpha                  90.000 
_cell.angle_alpha_esd              ? 
_cell.angle_beta                   90.000 
_cell.angle_beta_esd               ? 
_cell.angle_gamma                  90.000 
_cell.angle_gamma_esd              ? 
_cell.entry_id                     6MAA 
_cell.details                      ? 
_cell.formula_units_Z              ? 
_cell.length_a                     46.460 
_cell.length_a_esd                 ? 
_cell.length_b                     46.460 
_cell.length_b_esd                 ? 
_cell.length_c                     95.740 
_cell.length_c_esd                 ? 
_cell.volume                       ? 
_cell.volume_esd                   ? 
_cell.Z_PDB                        8 
_cell.reciprocal_angle_alpha       ? 
_cell.reciprocal_angle_beta        ? 
_cell.reciprocal_angle_gamma       ? 
_cell.reciprocal_angle_alpha_esd   ? 
_cell.reciprocal_angle_beta_esd    ? 
_cell.reciprocal_angle_gamma_esd   ? 
_cell.reciprocal_length_a          ? 
_cell.reciprocal_length_b          ? 
_cell.reciprocal_length_c          ? 
_cell.reciprocal_length_a_esd      ? 
_cell.reciprocal_length_b_esd      ? 
_cell.reciprocal_length_c_esd      ? 
_cell.pdbx_unique_axis             ? 
# 
_symmetry.entry_id                         6MAA 
_symmetry.cell_setting                     ? 
_symmetry.Int_Tables_number                96 
_symmetry.space_group_name_Hall            ? 
_symmetry.space_group_name_H-M             'P 43 21 2' 
_symmetry.pdbx_full_space_group_name_H-M   ? 
# 
_exptl.absorpt_coefficient_mu     ? 
_exptl.absorpt_correction_T_max   ? 
_exptl.absorpt_correction_T_min   ? 
_exptl.absorpt_correction_type    ? 
_exptl.absorpt_process_details    ? 
_exptl.entry_id                   6MAA 
_exptl.crystals_number            1 
_exptl.details                    ? 
_exptl.method                     'X-RAY DIFFRACTION' 
_exptl.method_details             ? 
# 
_exptl_crystal.colour                      ? 
_exptl_crystal.density_diffrn              ? 
_exptl_crystal.density_Matthews            2.56 
_exptl_crystal.density_method              ? 
_exptl_crystal.density_percent_sol         52.03 
_exptl_crystal.description                 ? 
_exptl_crystal.F_000                       ? 
_exptl_crystal.id                          1 
_exptl_crystal.preparation                 ? 
_exptl_crystal.size_max                    ? 
_exptl_crystal.size_mid                    ? 
_exptl_crystal.size_min                    ? 
_exptl_crystal.size_rad                    ? 
_exptl_crystal.colour_lustre               ? 
_exptl_crystal.colour_modifier             ? 
_exptl_crystal.colour_primary              ? 
_exptl_crystal.density_meas                ? 
_exptl_crystal.density_meas_esd            ? 
_exptl_crystal.density_meas_gt             ? 
_exptl_crystal.density_meas_lt             ? 
_exptl_crystal.density_meas_temp           ? 
_exptl_crystal.density_meas_temp_esd       ? 
_exptl_crystal.density_meas_temp_gt        ? 
_exptl_crystal.density_meas_temp_lt        ? 
_exptl_crystal.pdbx_crystal_image_url      ? 
_exptl_crystal.pdbx_crystal_image_format   ? 
_exptl_crystal.pdbx_mosaicity              ? 
_exptl_crystal.pdbx_mosaicity_esd          ? 
# 
_exptl_crystal_grow.apparatus       ? 
_exptl_crystal_grow.atmosphere      ? 
_exptl_crystal_grow.crystal_id      1 
_exptl_crystal_grow.details         ? 
_exptl_crystal_grow.method          'VAPOR DIFFUSION, SITTING DROP' 
_exptl_crystal_grow.method_ref      ? 
_exptl_crystal_grow.pH              4.6 
_exptl_crystal_grow.pressure        ? 
_exptl_crystal_grow.pressure_esd    ? 
_exptl_crystal_grow.seeding         ? 
_exptl_crystal_grow.seeding_ref     ? 
_exptl_crystal_grow.temp            293.15 
_exptl_crystal_grow.temp_details    ? 
_exptl_crystal_grow.temp_esd        ? 
_exptl_crystal_grow.time            ? 
_exptl_crystal_grow.pdbx_details    'ammonium Nitrate, sodium citrate' 
_exptl_crystal_grow.pdbx_pH_range   ? 
# 
_diffrn.ambient_environment              ? 
_diffrn.ambient_temp                     77 
_diffrn.ambient_temp_details             ? 
_diffrn.ambient_temp_esd                 ? 
_diffrn.crystal_id                       1 
_diffrn.crystal_support                  ? 
_diffrn.crystal_treatment                ? 
_diffrn.details                          ? 
_diffrn.id                               1 
_diffrn.ambient_pressure                 ? 
_diffrn.ambient_pressure_esd             ? 
_diffrn.ambient_pressure_gt              ? 
_diffrn.ambient_pressure_lt              ? 
_diffrn.ambient_temp_gt                  ? 
_diffrn.ambient_temp_lt                  ? 
_diffrn.pdbx_serial_crystal_experiment   ? 
# 
_diffrn_detector.details                      ? 
_diffrn_detector.detector                     PIXEL 
_diffrn_detector.diffrn_id                    1 
_diffrn_detector.type                         'DECTRIS EIGER X 16M' 
_diffrn_detector.area_resol_mean              ? 
_diffrn_detector.dtime                        ? 
_diffrn_detector.pdbx_frames_total            ? 
_diffrn_detector.pdbx_collection_time_total   ? 
_diffrn_detector.pdbx_collection_date         2016-12-15 
_diffrn_detector.pdbx_frequency               ? 
# 
_diffrn_radiation.collimation                      ? 
_diffrn_radiation.diffrn_id                        1 
_diffrn_radiation.filter_edge                      ? 
_diffrn_radiation.inhomogeneity                    ? 
_diffrn_radiation.monochromator                    ? 
_diffrn_radiation.polarisn_norm                    ? 
_diffrn_radiation.polarisn_ratio                   ? 
_diffrn_radiation.probe                            ? 
_diffrn_radiation.type                             ? 
_diffrn_radiation.xray_symbol                      ? 
_diffrn_radiation.wavelength_id                    1 
_diffrn_radiation.pdbx_monochromatic_or_laue_m_l   M 
_diffrn_radiation.pdbx_wavelength_list             ? 
_diffrn_radiation.pdbx_wavelength                  ? 
_diffrn_radiation.pdbx_diffrn_protocol             'SINGLE WAVELENGTH' 
_diffrn_radiation.pdbx_analyzer                    ? 
_diffrn_radiation.pdbx_scattering_type             x-ray 
# 
_diffrn_radiation_wavelength.id           1 
_diffrn_radiation_wavelength.wavelength   0.979 
_diffrn_radiation_wavelength.wt           1.0 
# 
_diffrn_source.current                     ? 
_diffrn_source.details                     ? 
_diffrn_source.diffrn_id                   1 
_diffrn_source.power                       ? 
_diffrn_source.size                        ? 
_diffrn_source.source                      SYNCHROTRON 
_diffrn_source.target                      ? 
_diffrn_source.type                        'APS BEAMLINE 23-ID-D' 
_diffrn_source.voltage                     ? 
_diffrn_source.take-off_angle              ? 
_diffrn_source.pdbx_wavelength_list        0.979 
_diffrn_source.pdbx_wavelength             ? 
_diffrn_source.pdbx_synchrotron_beamline   23-ID-D 
_diffrn_source.pdbx_synchrotron_site       APS 
# 
_reflns.B_iso_Wilson_estimate            ? 
_reflns.entry_id                         6MAA 
_reflns.data_reduction_details           ? 
_reflns.data_reduction_method            ? 
_reflns.d_resolution_high                1.39 
_reflns.d_resolution_low                 41.8 
_reflns.details                          ? 
_reflns.limit_h_max                      ? 
_reflns.limit_h_min                      ? 
_reflns.limit_k_max                      ? 
_reflns.limit_k_min                      ? 
_reflns.limit_l_max                      ? 
_reflns.limit_l_min                      ? 
_reflns.number_all                       277020 
_reflns.number_obs                       21677 
_reflns.observed_criterion               ? 
_reflns.observed_criterion_F_max         ? 
_reflns.observed_criterion_F_min         ? 
_reflns.observed_criterion_I_max         ? 
_reflns.observed_criterion_I_min         ? 
_reflns.observed_criterion_sigma_F       ? 
_reflns.observed_criterion_sigma_I       ? 
_reflns.percent_possible_obs             99.7 
_reflns.R_free_details                   ? 
_reflns.Rmerge_F_all                     ? 
_reflns.Rmerge_F_obs                     ? 
_reflns.Friedel_coverage                 ? 
_reflns.number_gt                        ? 
_reflns.threshold_expression             ? 
_reflns.pdbx_redundancy                  12.8 
_reflns.pdbx_Rmerge_I_obs                0.058 
_reflns.pdbx_Rmerge_I_all                ? 
_reflns.pdbx_Rsym_value                  ? 
_reflns.pdbx_netI_over_av_sigmaI         ? 
_reflns.pdbx_netI_over_sigmaI            25.5 
_reflns.pdbx_res_netI_over_av_sigmaI_2   ? 
_reflns.pdbx_res_netI_over_sigmaI_2      ? 
_reflns.pdbx_chi_squared                 ? 
_reflns.pdbx_scaling_rejects             ? 
_reflns.pdbx_d_res_high_opt              ? 
_reflns.pdbx_d_res_low_opt               ? 
_reflns.pdbx_d_res_opt_method            ? 
_reflns.phase_calculation_details        ? 
_reflns.pdbx_Rrim_I_all                  ? 
_reflns.pdbx_Rpim_I_all                  0.024 
_reflns.pdbx_d_opt                       ? 
_reflns.pdbx_number_measured_all         ? 
_reflns.pdbx_diffrn_id                   1 
_reflns.pdbx_ordinal                     1 
_reflns.pdbx_CC_half                     ? 
_reflns.pdbx_R_split                     ? 
# 
_reflns_shell.d_res_high                  1.39 
_reflns_shell.d_res_low                   1.42 
_reflns_shell.meanI_over_sigI_all         ? 
_reflns_shell.meanI_over_sigI_obs         ? 
_reflns_shell.number_measured_all         ? 
_reflns_shell.number_measured_obs         10502 
_reflns_shell.number_possible             ? 
_reflns_shell.number_unique_all           ? 
_reflns_shell.number_unique_obs           ? 
_reflns_shell.percent_possible_all        ? 
_reflns_shell.percent_possible_obs        ? 
_reflns_shell.Rmerge_F_all                ? 
_reflns_shell.Rmerge_F_obs                ? 
_reflns_shell.Rmerge_I_all                ? 
_reflns_shell.Rmerge_I_obs                0.166 
_reflns_shell.meanI_over_sigI_gt          ? 
_reflns_shell.meanI_over_uI_all           ? 
_reflns_shell.meanI_over_uI_gt            ? 
_reflns_shell.number_measured_gt          ? 
_reflns_shell.number_unique_gt            ? 
_reflns_shell.percent_possible_gt         ? 
_reflns_shell.Rmerge_F_gt                 ? 
_reflns_shell.Rmerge_I_gt                 ? 
_reflns_shell.pdbx_redundancy             ? 
_reflns_shell.pdbx_Rsym_value             ? 
_reflns_shell.pdbx_chi_squared            ? 
_reflns_shell.pdbx_netI_over_sigmaI_all   ? 
_reflns_shell.pdbx_netI_over_sigmaI_obs   ? 
_reflns_shell.pdbx_Rrim_I_all             ? 
_reflns_shell.pdbx_Rpim_I_all             0.08 
_reflns_shell.pdbx_rejects                ? 
_reflns_shell.pdbx_ordinal                1 
_reflns_shell.pdbx_diffrn_id              1 
_reflns_shell.pdbx_CC_half                ? 
_reflns_shell.pdbx_R_split                ? 
# 
_refine.aniso_B[1][1]                            ? 
_refine.aniso_B[1][2]                            ? 
_refine.aniso_B[1][3]                            ? 
_refine.aniso_B[2][2]                            ? 
_refine.aniso_B[2][3]                            ? 
_refine.aniso_B[3][3]                            ? 
_refine.B_iso_max                                52.580 
_refine.B_iso_mean                               17.9174 
_refine.B_iso_min                                6.470 
_refine.correlation_coeff_Fo_to_Fc               ? 
_refine.correlation_coeff_Fo_to_Fc_free          ? 
_refine.details                                  ? 
_refine.diff_density_max                         ? 
_refine.diff_density_max_esd                     ? 
_refine.diff_density_min                         ? 
_refine.diff_density_min_esd                     ? 
_refine.diff_density_rms                         ? 
_refine.diff_density_rms_esd                     ? 
_refine.entry_id                                 6MAA 
_refine.pdbx_refine_id                           'X-RAY DIFFRACTION' 
_refine.ls_abs_structure_details                 ? 
_refine.ls_abs_structure_Flack                   ? 
_refine.ls_abs_structure_Flack_esd               ? 
_refine.ls_abs_structure_Rogers                  ? 
_refine.ls_abs_structure_Rogers_esd              ? 
_refine.ls_d_res_high                            1.3940 
_refine.ls_d_res_low                             23.2300 
_refine.ls_extinction_coef                       ? 
_refine.ls_extinction_coef_esd                   ? 
_refine.ls_extinction_expression                 ? 
_refine.ls_extinction_method                     ? 
_refine.ls_goodness_of_fit_all                   ? 
_refine.ls_goodness_of_fit_all_esd               ? 
_refine.ls_goodness_of_fit_obs                   ? 
_refine.ls_goodness_of_fit_obs_esd               ? 
_refine.ls_hydrogen_treatment                    ? 
_refine.ls_matrix_type                           ? 
_refine.ls_number_constraints                    ? 
_refine.ls_number_parameters                     ? 
_refine.ls_number_reflns_all                     ? 
_refine.ls_number_reflns_obs                     21597 
_refine.ls_number_reflns_R_free                  1035 
_refine.ls_number_reflns_R_work                  ? 
_refine.ls_number_restraints                     ? 
_refine.ls_percent_reflns_obs                    99.5200 
_refine.ls_percent_reflns_R_free                 4.7900 
_refine.ls_R_factor_all                          ? 
_refine.ls_R_factor_obs                          0.1653 
_refine.ls_R_factor_R_free                       0.1801 
_refine.ls_R_factor_R_free_error                 ? 
_refine.ls_R_factor_R_free_error_details         ? 
_refine.ls_R_factor_R_work                       0.1645 
_refine.ls_R_Fsqd_factor_obs                     ? 
_refine.ls_R_I_factor_obs                        ? 
_refine.ls_redundancy_reflns_all                 ? 
_refine.ls_redundancy_reflns_obs                 ? 
_refine.ls_restrained_S_all                      ? 
_refine.ls_restrained_S_obs                      ? 
_refine.ls_shift_over_esd_max                    ? 
_refine.ls_shift_over_esd_mean                   ? 
_refine.ls_structure_factor_coef                 ? 
_refine.ls_weighting_details                     ? 
_refine.ls_weighting_scheme                      ? 
_refine.ls_wR_factor_all                         ? 
_refine.ls_wR_factor_obs                         ? 
_refine.ls_wR_factor_R_free                      ? 
_refine.ls_wR_factor_R_work                      ? 
_refine.occupancy_max                            ? 
_refine.occupancy_min                            ? 
_refine.solvent_model_details                    ? 
_refine.solvent_model_param_bsol                 ? 
_refine.solvent_model_param_ksol                 ? 
_refine.ls_R_factor_gt                           ? 
_refine.ls_goodness_of_fit_gt                    ? 
_refine.ls_goodness_of_fit_ref                   ? 
_refine.ls_shift_over_su_max                     ? 
_refine.ls_shift_over_su_max_lt                  ? 
_refine.ls_shift_over_su_mean                    ? 
_refine.ls_shift_over_su_mean_lt                 ? 
_refine.pdbx_ls_sigma_I                          ? 
_refine.pdbx_ls_sigma_F                          1.340 
_refine.pdbx_ls_sigma_Fsqd                       ? 
_refine.pdbx_data_cutoff_high_absF               ? 
_refine.pdbx_data_cutoff_high_rms_absF           ? 
_refine.pdbx_data_cutoff_low_absF                ? 
_refine.pdbx_isotropic_thermal_model             ? 
_refine.pdbx_ls_cross_valid_method               THROUGHOUT 
_refine.pdbx_method_to_determine_struct          'MOLECULAR REPLACEMENT' 
_refine.pdbx_starting_model                      ? 
_refine.pdbx_stereochemistry_target_values       ? 
_refine.pdbx_R_Free_selection_details            ? 
_refine.pdbx_stereochem_target_val_spec_case     ? 
_refine.pdbx_overall_ESU_R                       ? 
_refine.pdbx_overall_ESU_R_Free                  ? 
_refine.pdbx_solvent_vdw_probe_radii             1.1100 
_refine.pdbx_solvent_ion_probe_radii             ? 
_refine.pdbx_solvent_shrinkage_radii             0.9000 
_refine.pdbx_real_space_R                        ? 
_refine.pdbx_density_correlation                 ? 
_refine.pdbx_pd_number_of_powder_patterns        ? 
_refine.pdbx_pd_number_of_points                 ? 
_refine.pdbx_pd_meas_number_of_points            ? 
_refine.pdbx_pd_proc_ls_prof_R_factor            ? 
_refine.pdbx_pd_proc_ls_prof_wR_factor           ? 
_refine.pdbx_pd_Marquardt_correlation_coeff      ? 
_refine.pdbx_pd_Fsqrd_R_factor                   ? 
_refine.pdbx_pd_ls_matrix_band_width             ? 
_refine.pdbx_overall_phase_error                 15.4200 
_refine.pdbx_overall_SU_R_free_Cruickshank_DPI   ? 
_refine.pdbx_overall_SU_R_free_Blow_DPI          ? 
_refine.pdbx_overall_SU_R_Blow_DPI               ? 
_refine.pdbx_TLS_residual_ADP_flag               ? 
_refine.pdbx_diffrn_id                           1 
_refine.overall_SU_B                             ? 
_refine.overall_SU_ML                            0.1000 
_refine.overall_SU_R_Cruickshank_DPI             ? 
_refine.overall_SU_R_free                        ? 
_refine.overall_FOM_free_R_set                   ? 
_refine.overall_FOM_work_R_set                   ? 
_refine.pdbx_average_fsc_overall                 ? 
_refine.pdbx_average_fsc_work                    ? 
_refine.pdbx_average_fsc_free                    ? 
# 
_refine_hist.cycle_id                         final 
_refine_hist.pdbx_refine_id                   'X-RAY DIFFRACTION' 
_refine_hist.d_res_high                       1.3940 
_refine_hist.d_res_low                        23.2300 
_refine_hist.pdbx_number_atoms_ligand         16 
_refine_hist.number_atoms_solvent             156 
_refine_hist.number_atoms_total               770 
_refine_hist.pdbx_number_residues_total       78 
_refine_hist.pdbx_B_iso_mean_ligand           25.60 
_refine_hist.pdbx_B_iso_mean_solvent          32.26 
_refine_hist.pdbx_number_atoms_protein        598 
_refine_hist.pdbx_number_atoms_nucleic_acid   0 
# 
loop_
_refine_ls_restr.pdbx_refine_id 
_refine_ls_restr.criterion 
_refine_ls_restr.dev_ideal 
_refine_ls_restr.dev_ideal_target 
_refine_ls_restr.number 
_refine_ls_restr.rejects 
_refine_ls_restr.type 
_refine_ls_restr.weight 
_refine_ls_restr.pdbx_restraint_function 
'X-RAY DIFFRACTION' ? 0.004  ? 627 ? f_bond_d           ? ? 
'X-RAY DIFFRACTION' ? 0.745  ? 843 ? f_angle_d          ? ? 
'X-RAY DIFFRACTION' ? 0.070  ? 87  ? f_chiral_restr     ? ? 
'X-RAY DIFFRACTION' ? 0.004  ? 111 ? f_plane_restr      ? ? 
'X-RAY DIFFRACTION' ? 20.802 ? 239 ? f_dihedral_angle_d ? ? 
# 
loop_
_refine_ls_shell.pdbx_refine_id 
_refine_ls_shell.d_res_high 
_refine_ls_shell.d_res_low 
_refine_ls_shell.number_reflns_all 
_refine_ls_shell.number_reflns_obs 
_refine_ls_shell.number_reflns_R_free 
_refine_ls_shell.number_reflns_R_work 
_refine_ls_shell.percent_reflns_obs 
_refine_ls_shell.percent_reflns_R_free 
_refine_ls_shell.R_factor_all 
_refine_ls_shell.R_factor_obs 
_refine_ls_shell.R_factor_R_free 
_refine_ls_shell.R_factor_R_free_error 
_refine_ls_shell.R_factor_R_work 
_refine_ls_shell.redundancy_reflns_all 
_refine_ls_shell.redundancy_reflns_obs 
_refine_ls_shell.wR_factor_all 
_refine_ls_shell.wR_factor_obs 
_refine_ls_shell.wR_factor_R_free 
_refine_ls_shell.wR_factor_R_work 
_refine_ls_shell.pdbx_total_number_of_bins_used 
_refine_ls_shell.pdbx_phase_error 
_refine_ls_shell.pdbx_fsc_work 
_refine_ls_shell.pdbx_fsc_free 
'X-RAY DIFFRACTION' 1.3940 1.4675  3013 . 134 2879 100.0000 . . . 0.1891 0.0000 0.1197 . . . . . . 7 . . . 
'X-RAY DIFFRACTION' 1.4675 1.5594  3041 . 158 2883 100.0000 . . . 0.1521 0.0000 0.1124 . . . . . . 7 . . . 
'X-RAY DIFFRACTION' 1.5594 1.6798  3048 . 138 2910 100.0000 . . . 0.1266 0.0000 0.1175 . . . . . . 7 . . . 
'X-RAY DIFFRACTION' 1.6798 1.8488  3059 . 147 2912 100.0000 . . . 0.1844 0.0000 0.1329 . . . . . . 7 . . . 
'X-RAY DIFFRACTION' 1.8488 2.1161  3100 . 155 2945 100.0000 . . . 0.1690 0.0000 0.1434 . . . . . . 7 . . . 
'X-RAY DIFFRACTION' 2.1161 2.6655  3127 . 155 2972 100.0000 . . . 0.1994 0.0000 0.1697 . . . . . . 7 . . . 
'X-RAY DIFFRACTION' 2.6655 23.2332 3209 . 148 3061 97.0000  . . . 0.1886 0.0000 0.2040 . . . . . . 7 . . . 
# 
_struct.entry_id                     6MAA 
_struct.title                        'WFIKKN2 Follistatin Domain' 
_struct.pdbx_model_details           ? 
_struct.pdbx_formula_weight          ? 
_struct.pdbx_formula_weight_method   ? 
_struct.pdbx_model_type_details      ? 
_struct.pdbx_CASP_flag               N 
# 
_struct_keywords.entry_id        6MAA 
_struct_keywords.text            'WFIKKN2, GASP, Kazal, Follsitatin, PEPTIDE BINDING PROTEIN' 
_struct_keywords.pdbx_keywords   'PEPTIDE BINDING PROTEIN' 
# 
loop_
_struct_asym.id 
_struct_asym.pdbx_blank_PDB_chainid_flag 
_struct_asym.pdbx_modified 
_struct_asym.entity_id 
_struct_asym.details 
A N N 1 ? 
B N N 2 ? 
C N N 2 ? 
D N N 2 ? 
E N N 2 ? 
F N N 3 ? 
# 
_struct_ref.id                         1 
_struct_ref.db_name                    UNP 
_struct_ref.db_code                    WFKN2_MOUSE 
_struct_ref.pdbx_db_accession          Q7TQN3 
_struct_ref.pdbx_db_isoform            ? 
_struct_ref.entity_id                  1 
_struct_ref.pdbx_seq_one_letter_code   ATCDHFMCLQQGSECDIWDGQPVCKCKDRCEKEPSFTCASDGLTYYNRCFMDAEACSKGITLSVVTCRY 
_struct_ref.pdbx_align_begin           104 
# 
_struct_ref_seq.align_id                      1 
_struct_ref_seq.ref_id                        1 
_struct_ref_seq.pdbx_PDB_id_code              6MAA 
_struct_ref_seq.pdbx_strand_id                A 
_struct_ref_seq.seq_align_beg                 22 
_struct_ref_seq.pdbx_seq_align_beg_ins_code   ? 
_struct_ref_seq.seq_align_end                 90 
_struct_ref_seq.pdbx_seq_align_end_ins_code   ? 
_struct_ref_seq.pdbx_db_accession             Q7TQN3 
_struct_ref_seq.db_align_beg                  104 
_struct_ref_seq.pdbx_db_align_beg_ins_code    ? 
_struct_ref_seq.db_align_end                  172 
_struct_ref_seq.pdbx_db_align_end_ins_code    ? 
_struct_ref_seq.pdbx_auth_seq_align_beg       10 
_struct_ref_seq.pdbx_auth_seq_align_end       78 
# 
loop_
_struct_ref_seq_dif.align_id 
_struct_ref_seq_dif.pdbx_pdb_id_code 
_struct_ref_seq_dif.mon_id 
_struct_ref_seq_dif.pdbx_pdb_strand_id 
_struct_ref_seq_dif.seq_num 
_struct_ref_seq_dif.pdbx_pdb_ins_code 
_struct_ref_seq_dif.pdbx_seq_db_name 
_struct_ref_seq_dif.pdbx_seq_db_accession_code 
_struct_ref_seq_dif.db_mon_id 
_struct_ref_seq_dif.pdbx_seq_db_seq_num 
_struct_ref_seq_dif.details 
_struct_ref_seq_dif.pdbx_auth_seq_num 
_struct_ref_seq_dif.pdbx_ordinal 
1 6MAA MET A 1  ? UNP Q7TQN3 ? ? 'initiating methionine' -11 1  
1 6MAA GLY A 2  ? UNP Q7TQN3 ? ? 'expression tag'        -10 2  
1 6MAA SER A 3  ? UNP Q7TQN3 ? ? 'expression tag'        -9  3  
1 6MAA SER A 4  ? UNP Q7TQN3 ? ? 'expression tag'        -8  4  
1 6MAA HIS A 5  ? UNP Q7TQN3 ? ? 'expression tag'        -7  5  
1 6MAA HIS A 6  ? UNP Q7TQN3 ? ? 'expression tag'        -6  6  
1 6MAA HIS A 7  ? UNP Q7TQN3 ? ? 'expression tag'        -5  7  
1 6MAA HIS A 8  ? UNP Q7TQN3 ? ? 'expression tag'        -4  8  
1 6MAA HIS A 9  ? UNP Q7TQN3 ? ? 'expression tag'        -3  9  
1 6MAA HIS A 10 ? UNP Q7TQN3 ? ? 'expression tag'        -2  10 
1 6MAA SER A 11 ? UNP Q7TQN3 ? ? 'expression tag'        -1  11 
1 6MAA SER A 12 ? UNP Q7TQN3 ? ? 'expression tag'        0   12 
1 6MAA GLY A 13 ? UNP Q7TQN3 ? ? 'expression tag'        1   13 
1 6MAA LEU A 14 ? UNP Q7TQN3 ? ? 'SEE REMARK 999'        2   14 
1 6MAA VAL A 15 ? UNP Q7TQN3 ? ? 'SEE REMARK 999'        3   15 
1 6MAA PRO A 16 ? UNP Q7TQN3 ? ? 'SEE REMARK 999'        4   16 
1 6MAA ARG A 17 ? UNP Q7TQN3 ? ? 'SEE REMARK 999'        5   17 
1 6MAA GLY A 18 ? UNP Q7TQN3 ? ? 'SEE REMARK 999'        6   18 
1 6MAA SER A 19 ? UNP Q7TQN3 ? ? 'SEE REMARK 999'        7   19 
1 6MAA HIS A 20 ? UNP Q7TQN3 ? ? 'SEE REMARK 999'        8   20 
1 6MAA MET A 21 ? UNP Q7TQN3 ? ? 'SEE REMARK 999'        9   21 
# 
_pdbx_struct_assembly.id                   1 
_pdbx_struct_assembly.details              author_and_software_defined_assembly 
_pdbx_struct_assembly.method_details       PISA 
_pdbx_struct_assembly.oligomeric_details   monomeric 
_pdbx_struct_assembly.oligomeric_count     1 
# 
_pdbx_struct_assembly_gen.assembly_id       1 
_pdbx_struct_assembly_gen.oper_expression   1 
_pdbx_struct_assembly_gen.asym_id_list      A,B,C,D,E,F 
# 
_pdbx_struct_assembly_auth_evidence.id                     1 
_pdbx_struct_assembly_auth_evidence.assembly_id            1 
_pdbx_struct_assembly_auth_evidence.experimental_support   none 
_pdbx_struct_assembly_auth_evidence.details                ? 
# 
_pdbx_struct_oper_list.id                   1 
_pdbx_struct_oper_list.type                 'identity operation' 
_pdbx_struct_oper_list.name                 1_555 
_pdbx_struct_oper_list.symmetry_operation   x,y,z 
_pdbx_struct_oper_list.matrix[1][1]         1.0000000000 
_pdbx_struct_oper_list.matrix[1][2]         0.0000000000 
_pdbx_struct_oper_list.matrix[1][3]         0.0000000000 
_pdbx_struct_oper_list.vector[1]            0.0000000000 
_pdbx_struct_oper_list.matrix[2][1]         0.0000000000 
_pdbx_struct_oper_list.matrix[2][2]         1.0000000000 
_pdbx_struct_oper_list.matrix[2][3]         0.0000000000 
_pdbx_struct_oper_list.vector[2]            0.0000000000 
_pdbx_struct_oper_list.matrix[3][1]         0.0000000000 
_pdbx_struct_oper_list.matrix[3][2]         0.0000000000 
_pdbx_struct_oper_list.matrix[3][3]         1.0000000000 
_pdbx_struct_oper_list.vector[3]            0.0000000000 
# 
_struct_conf.conf_type_id            HELX_P 
_struct_conf.id                      HELX_P1 
_struct_conf.pdbx_PDB_helix_id       AA1 
_struct_conf.beg_label_comp_id       ASN 
_struct_conf.beg_label_asym_id       A 
_struct_conf.beg_label_seq_id        68 
_struct_conf.pdbx_beg_PDB_ins_code   ? 
_struct_conf.end_label_comp_id       GLY 
_struct_conf.end_label_asym_id       A 
_struct_conf.end_label_seq_id        80 
_struct_conf.pdbx_end_PDB_ins_code   ? 
_struct_conf.beg_auth_comp_id        ASN 
_struct_conf.beg_auth_asym_id        A 
_struct_conf.beg_auth_seq_id         56 
_struct_conf.end_auth_comp_id        GLY 
_struct_conf.end_auth_asym_id        A 
_struct_conf.end_auth_seq_id         68 
_struct_conf.pdbx_PDB_helix_class    1 
_struct_conf.details                 ? 
_struct_conf.pdbx_PDB_helix_length   13 
# 
_struct_conf_type.id          HELX_P 
_struct_conf_type.criteria    ? 
_struct_conf_type.reference   ? 
# 
loop_
_struct_conn.id 
_struct_conn.conn_type_id 
_struct_conn.pdbx_leaving_atom_flag 
_struct_conn.pdbx_PDB_id 
_struct_conn.ptnr1_label_asym_id 
_struct_conn.ptnr1_label_comp_id 
_struct_conn.ptnr1_label_seq_id 
_struct_conn.ptnr1_label_atom_id 
_struct_conn.pdbx_ptnr1_label_alt_id 
_struct_conn.pdbx_ptnr1_PDB_ins_code 
_struct_conn.pdbx_ptnr1_standard_comp_id 
_struct_conn.ptnr1_symmetry 
_struct_conn.ptnr2_label_asym_id 
_struct_conn.ptnr2_label_comp_id 
_struct_conn.ptnr2_label_seq_id 
_struct_conn.ptnr2_label_atom_id 
_struct_conn.pdbx_ptnr2_label_alt_id 
_struct_conn.pdbx_ptnr2_PDB_ins_code 
_struct_conn.ptnr1_auth_asym_id 
_struct_conn.ptnr1_auth_comp_id 
_struct_conn.ptnr1_auth_seq_id 
_struct_conn.ptnr2_auth_asym_id 
_struct_conn.ptnr2_auth_comp_id 
_struct_conn.ptnr2_auth_seq_id 
_struct_conn.ptnr2_symmetry 
_struct_conn.pdbx_ptnr3_label_atom_id 
_struct_conn.pdbx_ptnr3_label_seq_id 
_struct_conn.pdbx_ptnr3_label_comp_id 
_struct_conn.pdbx_ptnr3_label_asym_id 
_struct_conn.pdbx_ptnr3_label_alt_id 
_struct_conn.pdbx_ptnr3_PDB_ins_code 
_struct_conn.details 
_struct_conn.pdbx_dist_value 
_struct_conn.pdbx_value_order 
_struct_conn.pdbx_role 
disulf1 disulf ? ? A CYS 24 SG ? ? ? 1_555 A CYS 36 SG ? ? A CYS 12 A CYS 24 1_555 ? ? ? ? ? ? ? 2.040 ? ? 
disulf2 disulf ? ? A CYS 29 SG ? ? ? 1_555 A CYS 45 SG ? ? A CYS 17 A CYS 33 1_555 ? ? ? ? ? ? ? 2.023 ? ? 
disulf3 disulf ? ? A CYS 47 SG ? ? ? 1_555 A CYS 77 SG ? ? A CYS 35 A CYS 65 1_555 ? ? ? ? ? ? ? 2.037 ? ? 
disulf4 disulf ? ? A CYS 51 SG ? ? ? 1_555 A CYS 70 SG ? ? A CYS 39 A CYS 58 1_555 ? ? ? ? ? ? ? 2.053 ? ? 
disulf5 disulf ? ? A CYS 59 SG ? ? ? 1_555 A CYS 88 SG ? ? A CYS 47 A CYS 76 1_555 ? ? ? ? ? ? ? 2.041 ? ? 
# 
_struct_conn_type.id          disulf 
_struct_conn_type.criteria    ? 
_struct_conn_type.reference   ? 
# 
loop_
_pdbx_modification_feature.ordinal 
_pdbx_modification_feature.label_comp_id 
_pdbx_modification_feature.label_asym_id 
_pdbx_modification_feature.label_seq_id 
_pdbx_modification_feature.label_alt_id 
_pdbx_modification_feature.modified_residue_label_comp_id 
_pdbx_modification_feature.modified_residue_label_asym_id 
_pdbx_modification_feature.modified_residue_label_seq_id 
_pdbx_modification_feature.modified_residue_label_alt_id 
_pdbx_modification_feature.auth_comp_id 
_pdbx_modification_feature.auth_asym_id 
_pdbx_modification_feature.auth_seq_id 
_pdbx_modification_feature.PDB_ins_code 
_pdbx_modification_feature.symmetry 
_pdbx_modification_feature.modified_residue_auth_comp_id 
_pdbx_modification_feature.modified_residue_auth_asym_id 
_pdbx_modification_feature.modified_residue_auth_seq_id 
_pdbx_modification_feature.modified_residue_PDB_ins_code 
_pdbx_modification_feature.modified_residue_symmetry 
_pdbx_modification_feature.comp_id_linking_atom 
_pdbx_modification_feature.modified_residue_id_linking_atom 
_pdbx_modification_feature.modified_residue_id 
_pdbx_modification_feature.ref_pcm_id 
_pdbx_modification_feature.ref_comp_id 
_pdbx_modification_feature.type 
_pdbx_modification_feature.category 
1 CYS A 24 ? CYS A 36 ? CYS A 12 ? 1_555 CYS A 24 ? 1_555 SG SG . . . None 'Disulfide bridge' 
2 CYS A 29 ? CYS A 45 ? CYS A 17 ? 1_555 CYS A 33 ? 1_555 SG SG . . . None 'Disulfide bridge' 
3 CYS A 47 ? CYS A 77 ? CYS A 35 ? 1_555 CYS A 65 ? 1_555 SG SG . . . None 'Disulfide bridge' 
4 CYS A 51 ? CYS A 70 ? CYS A 39 ? 1_555 CYS A 58 ? 1_555 SG SG . . . None 'Disulfide bridge' 
5 CYS A 59 ? CYS A 88 ? CYS A 47 ? 1_555 CYS A 76 ? 1_555 SG SG . . . None 'Disulfide bridge' 
# 
loop_
_struct_sheet.id 
_struct_sheet.type 
_struct_sheet.number_strands 
_struct_sheet.details 
AA1 ? 2 ? 
AA2 ? 3 ? 
# 
loop_
_struct_sheet_order.sheet_id 
_struct_sheet_order.range_id_1 
_struct_sheet_order.range_id_2 
_struct_sheet_order.offset 
_struct_sheet_order.sense 
AA1 1 2 ? anti-parallel 
AA2 1 2 ? anti-parallel 
AA2 2 3 ? anti-parallel 
# 
loop_
_struct_sheet_range.sheet_id 
_struct_sheet_range.id 
_struct_sheet_range.beg_label_comp_id 
_struct_sheet_range.beg_label_asym_id 
_struct_sheet_range.beg_label_seq_id 
_struct_sheet_range.pdbx_beg_PDB_ins_code 
_struct_sheet_range.end_label_comp_id 
_struct_sheet_range.end_label_asym_id 
_struct_sheet_range.end_label_seq_id 
_struct_sheet_range.pdbx_end_PDB_ins_code 
_struct_sheet_range.beg_auth_comp_id 
_struct_sheet_range.beg_auth_asym_id 
_struct_sheet_range.beg_auth_seq_id 
_struct_sheet_range.end_auth_comp_id 
_struct_sheet_range.end_auth_asym_id 
_struct_sheet_range.end_auth_seq_id 
AA1 1 SER A 34 ? TRP A 39 ? SER A 22 TRP A 27 
AA1 2 GLN A 42 ? CYS A 47 ? GLN A 30 CYS A 35 
AA2 1 THR A 65 ? TYR A 66 ? THR A 53 TYR A 54 
AA2 2 THR A 58 ? ALA A 60 ? THR A 46 ALA A 48 
AA2 3 VAL A 85 ? VAL A 86 ? VAL A 73 VAL A 74 
# 
loop_
_pdbx_struct_sheet_hbond.sheet_id 
_pdbx_struct_sheet_hbond.range_id_1 
_pdbx_struct_sheet_hbond.range_id_2 
_pdbx_struct_sheet_hbond.range_1_label_atom_id 
_pdbx_struct_sheet_hbond.range_1_label_comp_id 
_pdbx_struct_sheet_hbond.range_1_label_asym_id 
_pdbx_struct_sheet_hbond.range_1_label_seq_id 
_pdbx_struct_sheet_hbond.range_1_PDB_ins_code 
_pdbx_struct_sheet_hbond.range_1_auth_atom_id 
_pdbx_struct_sheet_hbond.range_1_auth_comp_id 
_pdbx_struct_sheet_hbond.range_1_auth_asym_id 
_pdbx_struct_sheet_hbond.range_1_auth_seq_id 
_pdbx_struct_sheet_hbond.range_2_label_atom_id 
_pdbx_struct_sheet_hbond.range_2_label_comp_id 
_pdbx_struct_sheet_hbond.range_2_label_asym_id 
_pdbx_struct_sheet_hbond.range_2_label_seq_id 
_pdbx_struct_sheet_hbond.range_2_PDB_ins_code 
_pdbx_struct_sheet_hbond.range_2_auth_atom_id 
_pdbx_struct_sheet_hbond.range_2_auth_comp_id 
_pdbx_struct_sheet_hbond.range_2_auth_asym_id 
_pdbx_struct_sheet_hbond.range_2_auth_seq_id 
AA1 1 2 N GLU A 35 ? N GLU A 23 O LYS A 46 ? O LYS A 34 
AA2 1 2 O TYR A 66 ? O TYR A 54 N THR A 58 ? N THR A 46 
AA2 2 3 N CYS A 59 ? N CYS A 47 O VAL A 86 ? O VAL A 74 
# 
loop_
_struct_site.id 
_struct_site.pdbx_evidence_code 
_struct_site.pdbx_auth_asym_id 
_struct_site.pdbx_auth_comp_id 
_struct_site.pdbx_auth_seq_id 
_struct_site.pdbx_auth_ins_code 
_struct_site.pdbx_num_residues 
_struct_site.details 
AC1 Software A NO3 101 ? 6 'binding site for residue NO3 A 101' 
AC2 Software A NO3 102 ? 4 'binding site for residue NO3 A 102' 
AC3 Software A NO3 103 ? 8 'binding site for residue NO3 A 103' 
AC4 Software A NO3 104 ? 7 'binding site for residue NO3 A 104' 
# 
loop_
_struct_site_gen.id 
_struct_site_gen.site_id 
_struct_site_gen.pdbx_num_res 
_struct_site_gen.label_comp_id 
_struct_site_gen.label_asym_id 
_struct_site_gen.label_seq_id 
_struct_site_gen.pdbx_auth_ins_code 
_struct_site_gen.auth_comp_id 
_struct_site_gen.auth_asym_id 
_struct_site_gen.auth_seq_id 
_struct_site_gen.label_atom_id 
_struct_site_gen.label_alt_id 
_struct_site_gen.symmetry 
_struct_site_gen.details 
1  AC1 6 MET A 21 ? MET A 9   . ? 1_555 ? 
2  AC1 6 LYS A 53 ? LYS A 41  . ? 5_444 ? 
3  AC1 6 ARG A 89 ? ARG A 77  . ? 7_455 ? 
4  AC1 6 TYR A 90 ? TYR A 78  . ? 7_455 ? 
5  AC1 6 HOH F .  ? HOH A 252 . ? 1_555 ? 
6  AC1 6 HOH F .  ? HOH A 301 . ? 1_555 ? 
7  AC2 4 TRP A 39 ? TRP A 27  . ? 4_455 ? 
8  AC2 4 GLU A 52 ? GLU A 40  . ? 1_555 ? 
9  AC2 4 ASN A 68 ? ASN A 56  . ? 1_555 ? 
10 AC2 4 CYS A 70 ? CYS A 58  . ? 1_555 ? 
11 AC3 8 GLN A 42 ? GLN A 30  . ? 7_565 ? 
12 AC3 8 PRO A 55 ? PRO A 43  . ? 1_555 ? 
13 AC3 8 SER A 56 ? SER A 44  . ? 1_555 ? 
14 AC3 8 PHE A 57 ? PHE A 45  . ? 1_555 ? 
15 AC3 8 HOH F .  ? HOH A 219 . ? 1_555 ? 
16 AC3 8 HOH F .  ? HOH A 239 . ? 1_555 ? 
17 AC3 8 HOH F .  ? HOH A 260 . ? 1_555 ? 
18 AC3 8 HOH F .  ? HOH A 282 . ? 1_555 ? 
19 AC4 7 SER A 19 ? SER A 7   . ? 7_565 ? 
20 AC4 7 HIS A 20 ? HIS A 8   . ? 7_565 ? 
21 AC4 7 MET A 28 ? MET A 16  . ? 6_555 ? 
22 AC4 7 LEU A 30 ? LEU A 18  . ? 6_555 ? 
23 AC4 7 ARG A 89 ? ARG A 77  . ? 1_555 ? 
24 AC4 7 HOH F .  ? HOH A 242 . ? 7_565 ? 
25 AC4 7 HOH F .  ? HOH A 293 . ? 7_565 ? 
# 
_pdbx_entry_details.compound_details           ? 
_pdbx_entry_details.entry_id                   6MAA 
_pdbx_entry_details.nonpolymer_details         ? 
_pdbx_entry_details.sequence_details           
;The "LVPRGS" is a thrombin cleavage site
;
_pdbx_entry_details.source_details             ? 
_pdbx_entry_details.has_ligand_of_interest     ? 
_pdbx_entry_details.has_protein_modification   Y 
# 
loop_
_pdbx_validate_close_contact.id 
_pdbx_validate_close_contact.PDB_model_num 
_pdbx_validate_close_contact.auth_atom_id_1 
_pdbx_validate_close_contact.auth_asym_id_1 
_pdbx_validate_close_contact.auth_comp_id_1 
_pdbx_validate_close_contact.auth_seq_id_1 
_pdbx_validate_close_contact.PDB_ins_code_1 
_pdbx_validate_close_contact.label_alt_id_1 
_pdbx_validate_close_contact.auth_atom_id_2 
_pdbx_validate_close_contact.auth_asym_id_2 
_pdbx_validate_close_contact.auth_comp_id_2 
_pdbx_validate_close_contact.auth_seq_id_2 
_pdbx_validate_close_contact.PDB_ins_code_2 
_pdbx_validate_close_contact.label_alt_id_2 
_pdbx_validate_close_contact.dist 
1 1 O   A HOH 299 ? ? O A HOH 316 ? ? 1.99 
2 1 OD2 A ASP 37  ? ? O A HOH 201 ? ? 2.03 
3 1 O   A HOH 345 ? ? O A HOH 356 ? ? 2.07 
4 1 O   A HOH 204 ? ? O A HOH 336 ? ? 2.08 
5 1 O   A HOH 341 ? ? O A HOH 342 ? ? 2.08 
6 1 O   A HOH 239 ? ? O A HOH 341 ? ? 2.10 
# 
loop_
_pdbx_validate_symm_contact.id 
_pdbx_validate_symm_contact.PDB_model_num 
_pdbx_validate_symm_contact.auth_atom_id_1 
_pdbx_validate_symm_contact.auth_asym_id_1 
_pdbx_validate_symm_contact.auth_comp_id_1 
_pdbx_validate_symm_contact.auth_seq_id_1 
_pdbx_validate_symm_contact.PDB_ins_code_1 
_pdbx_validate_symm_contact.label_alt_id_1 
_pdbx_validate_symm_contact.site_symmetry_1 
_pdbx_validate_symm_contact.auth_atom_id_2 
_pdbx_validate_symm_contact.auth_asym_id_2 
_pdbx_validate_symm_contact.auth_comp_id_2 
_pdbx_validate_symm_contact.auth_seq_id_2 
_pdbx_validate_symm_contact.PDB_ins_code_2 
_pdbx_validate_symm_contact.label_alt_id_2 
_pdbx_validate_symm_contact.site_symmetry_2 
_pdbx_validate_symm_contact.dist 
1 1 O A HOH 285 ? ? 1_555 O A HOH 307 ? ? 4_455 2.03 
2 1 O A HOH 310 ? ? 1_555 O A HOH 310 ? ? 8_554 2.05 
# 
_pdbx_validate_torsion.id              1 
_pdbx_validate_torsion.PDB_model_num   1 
_pdbx_validate_torsion.auth_comp_id    SER 
_pdbx_validate_torsion.auth_asym_id    A 
_pdbx_validate_torsion.auth_seq_id     44 
_pdbx_validate_torsion.PDB_ins_code    ? 
_pdbx_validate_torsion.label_alt_id    ? 
_pdbx_validate_torsion.phi             -154.69 
_pdbx_validate_torsion.psi             80.45 
# 
_pdbx_struct_special_symmetry.id              1 
_pdbx_struct_special_symmetry.PDB_model_num   1 
_pdbx_struct_special_symmetry.auth_asym_id    A 
_pdbx_struct_special_symmetry.auth_comp_id    HOH 
_pdbx_struct_special_symmetry.auth_seq_id     315 
_pdbx_struct_special_symmetry.PDB_ins_code    ? 
_pdbx_struct_special_symmetry.label_asym_id   F 
_pdbx_struct_special_symmetry.label_comp_id   HOH 
_pdbx_struct_special_symmetry.label_seq_id    . 
# 
loop_
_pdbx_unobs_or_zero_occ_residues.id 
_pdbx_unobs_or_zero_occ_residues.PDB_model_num 
_pdbx_unobs_or_zero_occ_residues.polymer_flag 
_pdbx_unobs_or_zero_occ_residues.occupancy_flag 
_pdbx_unobs_or_zero_occ_residues.auth_asym_id 
_pdbx_unobs_or_zero_occ_residues.auth_comp_id 
_pdbx_unobs_or_zero_occ_residues.auth_seq_id 
_pdbx_unobs_or_zero_occ_residues.PDB_ins_code 
_pdbx_unobs_or_zero_occ_residues.label_asym_id 
_pdbx_unobs_or_zero_occ_residues.label_comp_id 
_pdbx_unobs_or_zero_occ_residues.label_seq_id 
1  1 Y 1 A MET -11 ? A MET 1  
2  1 Y 1 A GLY -10 ? A GLY 2  
3  1 Y 1 A SER -9  ? A SER 3  
4  1 Y 1 A SER -8  ? A SER 4  
5  1 Y 1 A HIS -7  ? A HIS 5  
6  1 Y 1 A HIS -6  ? A HIS 6  
7  1 Y 1 A HIS -5  ? A HIS 7  
8  1 Y 1 A HIS -4  ? A HIS 8  
9  1 Y 1 A HIS -3  ? A HIS 9  
10 1 Y 1 A HIS -2  ? A HIS 10 
11 1 Y 1 A SER -1  ? A SER 11 
12 1 Y 1 A SER 0   ? A SER 12 
# 
loop_
_chem_comp_atom.comp_id 
_chem_comp_atom.atom_id 
_chem_comp_atom.type_symbol 
_chem_comp_atom.pdbx_aromatic_flag 
_chem_comp_atom.pdbx_stereo_config 
_chem_comp_atom.pdbx_ordinal 
ALA N    N N N 1   
ALA CA   C N S 2   
ALA C    C N N 3   
ALA O    O N N 4   
ALA CB   C N N 5   
ALA OXT  O N N 6   
ALA H    H N N 7   
ALA H2   H N N 8   
ALA HA   H N N 9   
ALA HB1  H N N 10  
ALA HB2  H N N 11  
ALA HB3  H N N 12  
ALA HXT  H N N 13  
ARG N    N N N 14  
ARG CA   C N S 15  
ARG C    C N N 16  
ARG O    O N N 17  
ARG CB   C N N 18  
ARG CG   C N N 19  
ARG CD   C N N 20  
ARG NE   N N N 21  
ARG CZ   C N N 22  
ARG NH1  N N N 23  
ARG NH2  N N N 24  
ARG OXT  O N N 25  
ARG H    H N N 26  
ARG H2   H N N 27  
ARG HA   H N N 28  
ARG HB2  H N N 29  
ARG HB3  H N N 30  
ARG HG2  H N N 31  
ARG HG3  H N N 32  
ARG HD2  H N N 33  
ARG HD3  H N N 34  
ARG HE   H N N 35  
ARG HH11 H N N 36  
ARG HH12 H N N 37  
ARG HH21 H N N 38  
ARG HH22 H N N 39  
ARG HXT  H N N 40  
ASN N    N N N 41  
ASN CA   C N S 42  
ASN C    C N N 43  
ASN O    O N N 44  
ASN CB   C N N 45  
ASN CG   C N N 46  
ASN OD1  O N N 47  
ASN ND2  N N N 48  
ASN OXT  O N N 49  
ASN H    H N N 50  
ASN H2   H N N 51  
ASN HA   H N N 52  
ASN HB2  H N N 53  
ASN HB3  H N N 54  
ASN HD21 H N N 55  
ASN HD22 H N N 56  
ASN HXT  H N N 57  
ASP N    N N N 58  
ASP CA   C N S 59  
ASP C    C N N 60  
ASP O    O N N 61  
ASP CB   C N N 62  
ASP CG   C N N 63  
ASP OD1  O N N 64  
ASP OD2  O N N 65  
ASP OXT  O N N 66  
ASP H    H N N 67  
ASP H2   H N N 68  
ASP HA   H N N 69  
ASP HB2  H N N 70  
ASP HB3  H N N 71  
ASP HD2  H N N 72  
ASP HXT  H N N 73  
CYS N    N N N 74  
CYS CA   C N R 75  
CYS C    C N N 76  
CYS O    O N N 77  
CYS CB   C N N 78  
CYS SG   S N N 79  
CYS OXT  O N N 80  
CYS H    H N N 81  
CYS H2   H N N 82  
CYS HA   H N N 83  
CYS HB2  H N N 84  
CYS HB3  H N N 85  
CYS HG   H N N 86  
CYS HXT  H N N 87  
GLN N    N N N 88  
GLN CA   C N S 89  
GLN C    C N N 90  
GLN O    O N N 91  
GLN CB   C N N 92  
GLN CG   C N N 93  
GLN CD   C N N 94  
GLN OE1  O N N 95  
GLN NE2  N N N 96  
GLN OXT  O N N 97  
GLN H    H N N 98  
GLN H2   H N N 99  
GLN HA   H N N 100 
GLN HB2  H N N 101 
GLN HB3  H N N 102 
GLN HG2  H N N 103 
GLN HG3  H N N 104 
GLN HE21 H N N 105 
GLN HE22 H N N 106 
GLN HXT  H N N 107 
GLU N    N N N 108 
GLU CA   C N S 109 
GLU C    C N N 110 
GLU O    O N N 111 
GLU CB   C N N 112 
GLU CG   C N N 113 
GLU CD   C N N 114 
GLU OE1  O N N 115 
GLU OE2  O N N 116 
GLU OXT  O N N 117 
GLU H    H N N 118 
GLU H2   H N N 119 
GLU HA   H N N 120 
GLU HB2  H N N 121 
GLU HB3  H N N 122 
GLU HG2  H N N 123 
GLU HG3  H N N 124 
GLU HE2  H N N 125 
GLU HXT  H N N 126 
GLY N    N N N 127 
GLY CA   C N N 128 
GLY C    C N N 129 
GLY O    O N N 130 
GLY OXT  O N N 131 
GLY H    H N N 132 
GLY H2   H N N 133 
GLY HA2  H N N 134 
GLY HA3  H N N 135 
GLY HXT  H N N 136 
HIS N    N N N 137 
HIS CA   C N S 138 
HIS C    C N N 139 
HIS O    O N N 140 
HIS CB   C N N 141 
HIS CG   C Y N 142 
HIS ND1  N Y N 143 
HIS CD2  C Y N 144 
HIS CE1  C Y N 145 
HIS NE2  N Y N 146 
HIS OXT  O N N 147 
HIS H    H N N 148 
HIS H2   H N N 149 
HIS HA   H N N 150 
HIS HB2  H N N 151 
HIS HB3  H N N 152 
HIS HD1  H N N 153 
HIS HD2  H N N 154 
HIS HE1  H N N 155 
HIS HE2  H N N 156 
HIS HXT  H N N 157 
HOH O    O N N 158 
HOH H1   H N N 159 
HOH H2   H N N 160 
ILE N    N N N 161 
ILE CA   C N S 162 
ILE C    C N N 163 
ILE O    O N N 164 
ILE CB   C N S 165 
ILE CG1  C N N 166 
ILE CG2  C N N 167 
ILE CD1  C N N 168 
ILE OXT  O N N 169 
ILE H    H N N 170 
ILE H2   H N N 171 
ILE HA   H N N 172 
ILE HB   H N N 173 
ILE HG12 H N N 174 
ILE HG13 H N N 175 
ILE HG21 H N N 176 
ILE HG22 H N N 177 
ILE HG23 H N N 178 
ILE HD11 H N N 179 
ILE HD12 H N N 180 
ILE HD13 H N N 181 
ILE HXT  H N N 182 
LEU N    N N N 183 
LEU CA   C N S 184 
LEU C    C N N 185 
LEU O    O N N 186 
LEU CB   C N N 187 
LEU CG   C N N 188 
LEU CD1  C N N 189 
LEU CD2  C N N 190 
LEU OXT  O N N 191 
LEU H    H N N 192 
LEU H2   H N N 193 
LEU HA   H N N 194 
LEU HB2  H N N 195 
LEU HB3  H N N 196 
LEU HG   H N N 197 
LEU HD11 H N N 198 
LEU HD12 H N N 199 
LEU HD13 H N N 200 
LEU HD21 H N N 201 
LEU HD22 H N N 202 
LEU HD23 H N N 203 
LEU HXT  H N N 204 
LYS N    N N N 205 
LYS CA   C N S 206 
LYS C    C N N 207 
LYS O    O N N 208 
LYS CB   C N N 209 
LYS CG   C N N 210 
LYS CD   C N N 211 
LYS CE   C N N 212 
LYS NZ   N N N 213 
LYS OXT  O N N 214 
LYS H    H N N 215 
LYS H2   H N N 216 
LYS HA   H N N 217 
LYS HB2  H N N 218 
LYS HB3  H N N 219 
LYS HG2  H N N 220 
LYS HG3  H N N 221 
LYS HD2  H N N 222 
LYS HD3  H N N 223 
LYS HE2  H N N 224 
LYS HE3  H N N 225 
LYS HZ1  H N N 226 
LYS HZ2  H N N 227 
LYS HZ3  H N N 228 
LYS HXT  H N N 229 
MET N    N N N 230 
MET CA   C N S 231 
MET C    C N N 232 
MET O    O N N 233 
MET CB   C N N 234 
MET CG   C N N 235 
MET SD   S N N 236 
MET CE   C N N 237 
MET OXT  O N N 238 
MET H    H N N 239 
MET H2   H N N 240 
MET HA   H N N 241 
MET HB2  H N N 242 
MET HB3  H N N 243 
MET HG2  H N N 244 
MET HG3  H N N 245 
MET HE1  H N N 246 
MET HE2  H N N 247 
MET HE3  H N N 248 
MET HXT  H N N 249 
NO3 N    N N N 250 
NO3 O1   O N N 251 
NO3 O2   O N N 252 
NO3 O3   O N N 253 
PHE N    N N N 254 
PHE CA   C N S 255 
PHE C    C N N 256 
PHE O    O N N 257 
PHE CB   C N N 258 
PHE CG   C Y N 259 
PHE CD1  C Y N 260 
PHE CD2  C Y N 261 
PHE CE1  C Y N 262 
PHE CE2  C Y N 263 
PHE CZ   C Y N 264 
PHE OXT  O N N 265 
PHE H    H N N 266 
PHE H2   H N N 267 
PHE HA   H N N 268 
PHE HB2  H N N 269 
PHE HB3  H N N 270 
PHE HD1  H N N 271 
PHE HD2  H N N 272 
PHE HE1  H N N 273 
PHE HE2  H N N 274 
PHE HZ   H N N 275 
PHE HXT  H N N 276 
PRO N    N N N 277 
PRO CA   C N S 278 
PRO C    C N N 279 
PRO O    O N N 280 
PRO CB   C N N 281 
PRO CG   C N N 282 
PRO CD   C N N 283 
PRO OXT  O N N 284 
PRO H    H N N 285 
PRO HA   H N N 286 
PRO HB2  H N N 287 
PRO HB3  H N N 288 
PRO HG2  H N N 289 
PRO HG3  H N N 290 
PRO HD2  H N N 291 
PRO HD3  H N N 292 
PRO HXT  H N N 293 
SER N    N N N 294 
SER CA   C N S 295 
SER C    C N N 296 
SER O    O N N 297 
SER CB   C N N 298 
SER OG   O N N 299 
SER OXT  O N N 300 
SER H    H N N 301 
SER H2   H N N 302 
SER HA   H N N 303 
SER HB2  H N N 304 
SER HB3  H N N 305 
SER HG   H N N 306 
SER HXT  H N N 307 
THR N    N N N 308 
THR CA   C N S 309 
THR C    C N N 310 
THR O    O N N 311 
THR CB   C N R 312 
THR OG1  O N N 313 
THR CG2  C N N 314 
THR OXT  O N N 315 
THR H    H N N 316 
THR H2   H N N 317 
THR HA   H N N 318 
THR HB   H N N 319 
THR HG1  H N N 320 
THR HG21 H N N 321 
THR HG22 H N N 322 
THR HG23 H N N 323 
THR HXT  H N N 324 
TRP N    N N N 325 
TRP CA   C N S 326 
TRP C    C N N 327 
TRP O    O N N 328 
TRP CB   C N N 329 
TRP CG   C Y N 330 
TRP CD1  C Y N 331 
TRP CD2  C Y N 332 
TRP NE1  N Y N 333 
TRP CE2  C Y N 334 
TRP CE3  C Y N 335 
TRP CZ2  C Y N 336 
TRP CZ3  C Y N 337 
TRP CH2  C Y N 338 
TRP OXT  O N N 339 
TRP H    H N N 340 
TRP H2   H N N 341 
TRP HA   H N N 342 
TRP HB2  H N N 343 
TRP HB3  H N N 344 
TRP HD1  H N N 345 
TRP HE1  H N N 346 
TRP HE3  H N N 347 
TRP HZ2  H N N 348 
TRP HZ3  H N N 349 
TRP HH2  H N N 350 
TRP HXT  H N N 351 
TYR N    N N N 352 
TYR CA   C N S 353 
TYR C    C N N 354 
TYR O    O N N 355 
TYR CB   C N N 356 
TYR CG   C Y N 357 
TYR CD1  C Y N 358 
TYR CD2  C Y N 359 
TYR CE1  C Y N 360 
TYR CE2  C Y N 361 
TYR CZ   C Y N 362 
TYR OH   O N N 363 
TYR OXT  O N N 364 
TYR H    H N N 365 
TYR H2   H N N 366 
TYR HA   H N N 367 
TYR HB2  H N N 368 
TYR HB3  H N N 369 
TYR HD1  H N N 370 
TYR HD2  H N N 371 
TYR HE1  H N N 372 
TYR HE2  H N N 373 
TYR HH   H N N 374 
TYR HXT  H N N 375 
VAL N    N N N 376 
VAL CA   C N S 377 
VAL C    C N N 378 
VAL O    O N N 379 
VAL CB   C N N 380 
VAL CG1  C N N 381 
VAL CG2  C N N 382 
VAL OXT  O N N 383 
VAL H    H N N 384 
VAL H2   H N N 385 
VAL HA   H N N 386 
VAL HB   H N N 387 
VAL HG11 H N N 388 
VAL HG12 H N N 389 
VAL HG13 H N N 390 
VAL HG21 H N N 391 
VAL HG22 H N N 392 
VAL HG23 H N N 393 
VAL HXT  H N N 394 
# 
loop_
_chem_comp_bond.comp_id 
_chem_comp_bond.atom_id_1 
_chem_comp_bond.atom_id_2 
_chem_comp_bond.value_order 
_chem_comp_bond.pdbx_aromatic_flag 
_chem_comp_bond.pdbx_stereo_config 
_chem_comp_bond.pdbx_ordinal 
ALA N   CA   sing N N 1   
ALA N   H    sing N N 2   
ALA N   H2   sing N N 3   
ALA CA  C    sing N N 4   
ALA CA  CB   sing N N 5   
ALA CA  HA   sing N N 6   
ALA C   O    doub N N 7   
ALA C   OXT  sing N N 8   
ALA CB  HB1  sing N N 9   
ALA CB  HB2  sing N N 10  
ALA CB  HB3  sing N N 11  
ALA OXT HXT  sing N N 12  
ARG N   CA   sing N N 13  
ARG N   H    sing N N 14  
ARG N   H2   sing N N 15  
ARG CA  C    sing N N 16  
ARG CA  CB   sing N N 17  
ARG CA  HA   sing N N 18  
ARG C   O    doub N N 19  
ARG C   OXT  sing N N 20  
ARG CB  CG   sing N N 21  
ARG CB  HB2  sing N N 22  
ARG CB  HB3  sing N N 23  
ARG CG  CD   sing N N 24  
ARG CG  HG2  sing N N 25  
ARG CG  HG3  sing N N 26  
ARG CD  NE   sing N N 27  
ARG CD  HD2  sing N N 28  
ARG CD  HD3  sing N N 29  
ARG NE  CZ   sing N N 30  
ARG NE  HE   sing N N 31  
ARG CZ  NH1  sing N N 32  
ARG CZ  NH2  doub N N 33  
ARG NH1 HH11 sing N N 34  
ARG NH1 HH12 sing N N 35  
ARG NH2 HH21 sing N N 36  
ARG NH2 HH22 sing N N 37  
ARG OXT HXT  sing N N 38  
ASN N   CA   sing N N 39  
ASN N   H    sing N N 40  
ASN N   H2   sing N N 41  
ASN CA  C    sing N N 42  
ASN CA  CB   sing N N 43  
ASN CA  HA   sing N N 44  
ASN C   O    doub N N 45  
ASN C   OXT  sing N N 46  
ASN CB  CG   sing N N 47  
ASN CB  HB2  sing N N 48  
ASN CB  HB3  sing N N 49  
ASN CG  OD1  doub N N 50  
ASN CG  ND2  sing N N 51  
ASN ND2 HD21 sing N N 52  
ASN ND2 HD22 sing N N 53  
ASN OXT HXT  sing N N 54  
ASP N   CA   sing N N 55  
ASP N   H    sing N N 56  
ASP N   H2   sing N N 57  
ASP CA  C    sing N N 58  
ASP CA  CB   sing N N 59  
ASP CA  HA   sing N N 60  
ASP C   O    doub N N 61  
ASP C   OXT  sing N N 62  
ASP CB  CG   sing N N 63  
ASP CB  HB2  sing N N 64  
ASP CB  HB3  sing N N 65  
ASP CG  OD1  doub N N 66  
ASP CG  OD2  sing N N 67  
ASP OD2 HD2  sing N N 68  
ASP OXT HXT  sing N N 69  
CYS N   CA   sing N N 70  
CYS N   H    sing N N 71  
CYS N   H2   sing N N 72  
CYS CA  C    sing N N 73  
CYS CA  CB   sing N N 74  
CYS CA  HA   sing N N 75  
CYS C   O    doub N N 76  
CYS C   OXT  sing N N 77  
CYS CB  SG   sing N N 78  
CYS CB  HB2  sing N N 79  
CYS CB  HB3  sing N N 80  
CYS SG  HG   sing N N 81  
CYS OXT HXT  sing N N 82  
GLN N   CA   sing N N 83  
GLN N   H    sing N N 84  
GLN N   H2   sing N N 85  
GLN CA  C    sing N N 86  
GLN CA  CB   sing N N 87  
GLN CA  HA   sing N N 88  
GLN C   O    doub N N 89  
GLN C   OXT  sing N N 90  
GLN CB  CG   sing N N 91  
GLN CB  HB2  sing N N 92  
GLN CB  HB3  sing N N 93  
GLN CG  CD   sing N N 94  
GLN CG  HG2  sing N N 95  
GLN CG  HG3  sing N N 96  
GLN CD  OE1  doub N N 97  
GLN CD  NE2  sing N N 98  
GLN NE2 HE21 sing N N 99  
GLN NE2 HE22 sing N N 100 
GLN OXT HXT  sing N N 101 
GLU N   CA   sing N N 102 
GLU N   H    sing N N 103 
GLU N   H2   sing N N 104 
GLU CA  C    sing N N 105 
GLU CA  CB   sing N N 106 
GLU CA  HA   sing N N 107 
GLU C   O    doub N N 108 
GLU C   OXT  sing N N 109 
GLU CB  CG   sing N N 110 
GLU CB  HB2  sing N N 111 
GLU CB  HB3  sing N N 112 
GLU CG  CD   sing N N 113 
GLU CG  HG2  sing N N 114 
GLU CG  HG3  sing N N 115 
GLU CD  OE1  doub N N 116 
GLU CD  OE2  sing N N 117 
GLU OE2 HE2  sing N N 118 
GLU OXT HXT  sing N N 119 
GLY N   CA   sing N N 120 
GLY N   H    sing N N 121 
GLY N   H2   sing N N 122 
GLY CA  C    sing N N 123 
GLY CA  HA2  sing N N 124 
GLY CA  HA3  sing N N 125 
GLY C   O    doub N N 126 
GLY C   OXT  sing N N 127 
GLY OXT HXT  sing N N 128 
HIS N   CA   sing N N 129 
HIS N   H    sing N N 130 
HIS N   H2   sing N N 131 
HIS CA  C    sing N N 132 
HIS CA  CB   sing N N 133 
HIS CA  HA   sing N N 134 
HIS C   O    doub N N 135 
HIS C   OXT  sing N N 136 
HIS CB  CG   sing N N 137 
HIS CB  HB2  sing N N 138 
HIS CB  HB3  sing N N 139 
HIS CG  ND1  sing Y N 140 
HIS CG  CD2  doub Y N 141 
HIS ND1 CE1  doub Y N 142 
HIS ND1 HD1  sing N N 143 
HIS CD2 NE2  sing Y N 144 
HIS CD2 HD2  sing N N 145 
HIS CE1 NE2  sing Y N 146 
HIS CE1 HE1  sing N N 147 
HIS NE2 HE2  sing N N 148 
HIS OXT HXT  sing N N 149 
HOH O   H1   sing N N 150 
HOH O   H2   sing N N 151 
ILE N   CA   sing N N 152 
ILE N   H    sing N N 153 
ILE N   H2   sing N N 154 
ILE CA  C    sing N N 155 
ILE CA  CB   sing N N 156 
ILE CA  HA   sing N N 157 
ILE C   O    doub N N 158 
ILE C   OXT  sing N N 159 
ILE CB  CG1  sing N N 160 
ILE CB  CG2  sing N N 161 
ILE CB  HB   sing N N 162 
ILE CG1 CD1  sing N N 163 
ILE CG1 HG12 sing N N 164 
ILE CG1 HG13 sing N N 165 
ILE CG2 HG21 sing N N 166 
ILE CG2 HG22 sing N N 167 
ILE CG2 HG23 sing N N 168 
ILE CD1 HD11 sing N N 169 
ILE CD1 HD12 sing N N 170 
ILE CD1 HD13 sing N N 171 
ILE OXT HXT  sing N N 172 
LEU N   CA   sing N N 173 
LEU N   H    sing N N 174 
LEU N   H2   sing N N 175 
LEU CA  C    sing N N 176 
LEU CA  CB   sing N N 177 
LEU CA  HA   sing N N 178 
LEU C   O    doub N N 179 
LEU C   OXT  sing N N 180 
LEU CB  CG   sing N N 181 
LEU CB  HB2  sing N N 182 
LEU CB  HB3  sing N N 183 
LEU CG  CD1  sing N N 184 
LEU CG  CD2  sing N N 185 
LEU CG  HG   sing N N 186 
LEU CD1 HD11 sing N N 187 
LEU CD1 HD12 sing N N 188 
LEU CD1 HD13 sing N N 189 
LEU CD2 HD21 sing N N 190 
LEU CD2 HD22 sing N N 191 
LEU CD2 HD23 sing N N 192 
LEU OXT HXT  sing N N 193 
LYS N   CA   sing N N 194 
LYS N   H    sing N N 195 
LYS N   H2   sing N N 196 
LYS CA  C    sing N N 197 
LYS CA  CB   sing N N 198 
LYS CA  HA   sing N N 199 
LYS C   O    doub N N 200 
LYS C   OXT  sing N N 201 
LYS CB  CG   sing N N 202 
LYS CB  HB2  sing N N 203 
LYS CB  HB3  sing N N 204 
LYS CG  CD   sing N N 205 
LYS CG  HG2  sing N N 206 
LYS CG  HG3  sing N N 207 
LYS CD  CE   sing N N 208 
LYS CD  HD2  sing N N 209 
LYS CD  HD3  sing N N 210 
LYS CE  NZ   sing N N 211 
LYS CE  HE2  sing N N 212 
LYS CE  HE3  sing N N 213 
LYS NZ  HZ1  sing N N 214 
LYS NZ  HZ2  sing N N 215 
LYS NZ  HZ3  sing N N 216 
LYS OXT HXT  sing N N 217 
MET N   CA   sing N N 218 
MET N   H    sing N N 219 
MET N   H2   sing N N 220 
MET CA  C    sing N N 221 
MET CA  CB   sing N N 222 
MET CA  HA   sing N N 223 
MET C   O    doub N N 224 
MET C   OXT  sing N N 225 
MET CB  CG   sing N N 226 
MET CB  HB2  sing N N 227 
MET CB  HB3  sing N N 228 
MET CG  SD   sing N N 229 
MET CG  HG2  sing N N 230 
MET CG  HG3  sing N N 231 
MET SD  CE   sing N N 232 
MET CE  HE1  sing N N 233 
MET CE  HE2  sing N N 234 
MET CE  HE3  sing N N 235 
MET OXT HXT  sing N N 236 
NO3 N   O1   doub N N 237 
NO3 N   O2   sing N N 238 
NO3 N   O3   sing N N 239 
PHE N   CA   sing N N 240 
PHE N   H    sing N N 241 
PHE N   H2   sing N N 242 
PHE CA  C    sing N N 243 
PHE CA  CB   sing N N 244 
PHE CA  HA   sing N N 245 
PHE C   O    doub N N 246 
PHE C   OXT  sing N N 247 
PHE CB  CG   sing N N 248 
PHE CB  HB2  sing N N 249 
PHE CB  HB3  sing N N 250 
PHE CG  CD1  doub Y N 251 
PHE CG  CD2  sing Y N 252 
PHE CD1 CE1  sing Y N 253 
PHE CD1 HD1  sing N N 254 
PHE CD2 CE2  doub Y N 255 
PHE CD2 HD2  sing N N 256 
PHE CE1 CZ   doub Y N 257 
PHE CE1 HE1  sing N N 258 
PHE CE2 CZ   sing Y N 259 
PHE CE2 HE2  sing N N 260 
PHE CZ  HZ   sing N N 261 
PHE OXT HXT  sing N N 262 
PRO N   CA   sing N N 263 
PRO N   CD   sing N N 264 
PRO N   H    sing N N 265 
PRO CA  C    sing N N 266 
PRO CA  CB   sing N N 267 
PRO CA  HA   sing N N 268 
PRO C   O    doub N N 269 
PRO C   OXT  sing N N 270 
PRO CB  CG   sing N N 271 
PRO CB  HB2  sing N N 272 
PRO CB  HB3  sing N N 273 
PRO CG  CD   sing N N 274 
PRO CG  HG2  sing N N 275 
PRO CG  HG3  sing N N 276 
PRO CD  HD2  sing N N 277 
PRO CD  HD3  sing N N 278 
PRO OXT HXT  sing N N 279 
SER N   CA   sing N N 280 
SER N   H    sing N N 281 
SER N   H2   sing N N 282 
SER CA  C    sing N N 283 
SER CA  CB   sing N N 284 
SER CA  HA   sing N N 285 
SER C   O    doub N N 286 
SER C   OXT  sing N N 287 
SER CB  OG   sing N N 288 
SER CB  HB2  sing N N 289 
SER CB  HB3  sing N N 290 
SER OG  HG   sing N N 291 
SER OXT HXT  sing N N 292 
THR N   CA   sing N N 293 
THR N   H    sing N N 294 
THR N   H2   sing N N 295 
THR CA  C    sing N N 296 
THR CA  CB   sing N N 297 
THR CA  HA   sing N N 298 
THR C   O    doub N N 299 
THR C   OXT  sing N N 300 
THR CB  OG1  sing N N 301 
THR CB  CG2  sing N N 302 
THR CB  HB   sing N N 303 
THR OG1 HG1  sing N N 304 
THR CG2 HG21 sing N N 305 
THR CG2 HG22 sing N N 306 
THR CG2 HG23 sing N N 307 
THR OXT HXT  sing N N 308 
TRP N   CA   sing N N 309 
TRP N   H    sing N N 310 
TRP N   H2   sing N N 311 
TRP CA  C    sing N N 312 
TRP CA  CB   sing N N 313 
TRP CA  HA   sing N N 314 
TRP C   O    doub N N 315 
TRP C   OXT  sing N N 316 
TRP CB  CG   sing N N 317 
TRP CB  HB2  sing N N 318 
TRP CB  HB3  sing N N 319 
TRP CG  CD1  doub Y N 320 
TRP CG  CD2  sing Y N 321 
TRP CD1 NE1  sing Y N 322 
TRP CD1 HD1  sing N N 323 
TRP CD2 CE2  doub Y N 324 
TRP CD2 CE3  sing Y N 325 
TRP NE1 CE2  sing Y N 326 
TRP NE1 HE1  sing N N 327 
TRP CE2 CZ2  sing Y N 328 
TRP CE3 CZ3  doub Y N 329 
TRP CE3 HE3  sing N N 330 
TRP CZ2 CH2  doub Y N 331 
TRP CZ2 HZ2  sing N N 332 
TRP CZ3 CH2  sing Y N 333 
TRP CZ3 HZ3  sing N N 334 
TRP CH2 HH2  sing N N 335 
TRP OXT HXT  sing N N 336 
TYR N   CA   sing N N 337 
TYR N   H    sing N N 338 
TYR N   H2   sing N N 339 
TYR CA  C    sing N N 340 
TYR CA  CB   sing N N 341 
TYR CA  HA   sing N N 342 
TYR C   O    doub N N 343 
TYR C   OXT  sing N N 344 
TYR CB  CG   sing N N 345 
TYR CB  HB2  sing N N 346 
TYR CB  HB3  sing N N 347 
TYR CG  CD1  doub Y N 348 
TYR CG  CD2  sing Y N 349 
TYR CD1 CE1  sing Y N 350 
TYR CD1 HD1  sing N N 351 
TYR CD2 CE2  doub Y N 352 
TYR CD2 HD2  sing N N 353 
TYR CE1 CZ   doub Y N 354 
TYR CE1 HE1  sing N N 355 
TYR CE2 CZ   sing Y N 356 
TYR CE2 HE2  sing N N 357 
TYR CZ  OH   sing N N 358 
TYR OH  HH   sing N N 359 
TYR OXT HXT  sing N N 360 
VAL N   CA   sing N N 361 
VAL N   H    sing N N 362 
VAL N   H2   sing N N 363 
VAL CA  C    sing N N 364 
VAL CA  CB   sing N N 365 
VAL CA  HA   sing N N 366 
VAL C   O    doub N N 367 
VAL C   OXT  sing N N 368 
VAL CB  CG1  sing N N 369 
VAL CB  CG2  sing N N 370 
VAL CB  HB   sing N N 371 
VAL CG1 HG11 sing N N 372 
VAL CG1 HG12 sing N N 373 
VAL CG1 HG13 sing N N 374 
VAL CG2 HG21 sing N N 375 
VAL CG2 HG22 sing N N 376 
VAL CG2 HG23 sing N N 377 
VAL OXT HXT  sing N N 378 
# 
_pdbx_audit_support.funding_organization   'National Institutes of Health/National Center for Research Resources (NIH/NCRR)' 
_pdbx_audit_support.country                'United States' 
_pdbx_audit_support.grant_number           GM114640 
_pdbx_audit_support.ordinal                1 
# 
_atom_sites.entry_id                    6MAA 
_atom_sites.fract_transf_matrix[1][1]   0.01060390 
_atom_sites.fract_transf_matrix[1][2]   0.01428172 
_atom_sites.fract_transf_matrix[1][3]   0.01211909 
_atom_sites.fract_transf_matrix[2][1]   0.01840397 
_atom_sites.fract_transf_matrix[2][2]   -0.00535429 
_atom_sites.fract_transf_matrix[2][3]   -0.00979325 
_atom_sites.fract_transf_matrix[3][1]   -0.00169037 
_atom_sites.fract_transf_matrix[3][2]   0.00736985 
_atom_sites.fract_transf_matrix[3][3]   -0.00720597 
_atom_sites.fract_transf_vector[1]      -0.134115 
_atom_sites.fract_transf_vector[2]      0.377231 
_atom_sites.fract_transf_vector[3]      -0.013034 
# 
loop_
_atom_type.symbol 
C 
N 
O 
S 
# 
loop_
_atom_site.group_PDB 
_atom_site.id 
_atom_site.type_symbol 
_atom_site.label_atom_id 
_atom_site.label_alt_id 
_atom_site.label_comp_id 
_atom_site.label_asym_id 
_atom_site.label_entity_id 
_atom_site.label_seq_id 
_atom_site.pdbx_PDB_ins_code 
_atom_site.Cartn_x 
_atom_site.Cartn_y 
_atom_site.Cartn_z 
_atom_site.occupancy 
_atom_site.B_iso_or_equiv 
_atom_site.pdbx_formal_charge 
_atom_site.auth_seq_id 
_atom_site.auth_comp_id 
_atom_site.auth_asym_id 
_atom_site.auth_atom_id 
_atom_site.pdbx_PDB_model_num 
ATOM   1   N N   . GLY A 1 13 ? -6.689  -33.401 4.872   1.00 23.53 ? 1   GLY A N   1 
ATOM   2   C CA  . GLY A 1 13 ? -7.689  -32.606 4.184   1.00 20.25 ? 1   GLY A CA  1 
ATOM   3   C C   . GLY A 1 13 ? -9.057  -32.641 4.843   1.00 14.64 ? 1   GLY A C   1 
ATOM   4   O O   . GLY A 1 13 ? -10.050 -32.243 4.239   1.00 16.11 ? 1   GLY A O   1 
ATOM   5   N N   . LEU A 1 14 ? -9.111  -33.115 6.087   1.00 13.51 ? 2   LEU A N   1 
ATOM   6   C CA  . LEU A 1 14 ? -10.343 -33.091 6.864   1.00 11.62 ? 2   LEU A CA  1 
ATOM   7   C C   . LEU A 1 14 ? -10.598 -31.668 7.344   1.00 11.25 ? 2   LEU A C   1 
ATOM   8   O O   . LEU A 1 14 ? -9.732  -31.060 7.983   1.00 12.13 ? 2   LEU A O   1 
ATOM   9   C CB  . LEU A 1 14 ? -10.211 -34.030 8.061   1.00 13.47 ? 2   LEU A CB  1 
ATOM   10  C CG  . LEU A 1 14 ? -11.487 -34.178 8.888   1.00 13.02 ? 2   LEU A CG  1 
ATOM   11  C CD1 . LEU A 1 14 ? -12.502 -35.046 8.161   1.00 14.62 ? 2   LEU A CD1 1 
ATOM   12  C CD2 . LEU A 1 14 ? -11.187 -34.722 10.276  1.00 16.28 ? 2   LEU A CD2 1 
ATOM   13  N N   . VAL A 1 15 ? -11.774 -31.130 7.032   1.00 9.42  ? 3   VAL A N   1 
ATOM   14  C CA  . VAL A 1 15 ? -12.123 -29.767 7.430   1.00 9.98  ? 3   VAL A CA  1 
ATOM   15  C C   . VAL A 1 15 ? -13.544 -29.751 7.968   1.00 8.79  ? 3   VAL A C   1 
ATOM   16  O O   . VAL A 1 15 ? -14.330 -30.677 7.720   1.00 9.07  ? 3   VAL A O   1 
ATOM   17  C CB  . VAL A 1 15 ? -11.987 -28.762 6.257   1.00 10.83 ? 3   VAL A CB  1 
ATOM   18  C CG1 . VAL A 1 15 ? -10.551 -28.689 5.766   1.00 12.62 ? 3   VAL A CG1 1 
ATOM   19  C CG2 . VAL A 1 15 ? -12.953 -29.089 5.130   1.00 12.43 ? 3   VAL A CG2 1 
ATOM   20  N N   . PRO A 1 16 ? -13.914 -28.701 8.702   1.00 8.57  ? 4   PRO A N   1 
ATOM   21  C CA  . PRO A 1 16 ? -15.326 -28.541 9.074   1.00 8.73  ? 4   PRO A CA  1 
ATOM   22  C C   . PRO A 1 16 ? -16.157 -28.287 7.823   1.00 8.18  ? 4   PRO A C   1 
ATOM   23  O O   . PRO A 1 16 ? -15.801 -27.454 6.985   1.00 10.52 ? 4   PRO A O   1 
ATOM   24  C CB  . PRO A 1 16 ? -15.324 -27.315 9.998   1.00 8.66  ? 4   PRO A CB  1 
ATOM   25  C CG  . PRO A 1 16 ? -13.888 -26.998 10.273  1.00 10.17 ? 4   PRO A CG  1 
ATOM   26  C CD  . PRO A 1 16 ? -13.089 -27.569 9.159   1.00 9.49  ? 4   PRO A CD  1 
ATOM   27  N N   . ARG A 1 17 ? -17.254 -29.023 7.686   1.00 9.96  ? 5   ARG A N   1 
ATOM   28  C CA  . ARG A 1 17 ? -18.152 -28.798 6.564   1.00 10.96 ? 5   ARG A CA  1 
ATOM   29  C C   . ARG A 1 17 ? -18.783 -27.409 6.678   1.00 14.33 ? 5   ARG A C   1 
ATOM   30  O O   . ARG A 1 17 ? -19.037 -26.904 7.776   1.00 14.62 ? 5   ARG A O   1 
ATOM   31  C CB  . ARG A 1 17 ? -19.238 -29.879 6.542   1.00 12.72 ? 5   ARG A CB  1 
ATOM   32  C CG  . ARG A 1 17 ? -20.168 -29.824 5.328   1.00 14.38 ? 5   ARG A CG  1 
ATOM   33  C CD  . ARG A 1 17 ? -21.066 -31.064 5.241   1.00 15.49 ? 5   ARG A CD  1 
ATOM   34  N NE  . ARG A 1 17 ? -20.337 -32.270 4.856   1.00 18.18 ? 5   ARG A NE  1 
ATOM   35  C CZ  . ARG A 1 17 ? -20.050 -32.607 3.601   1.00 18.45 ? 5   ARG A CZ  1 
ATOM   36  N NH1 . ARG A 1 17 ? -20.416 -31.821 2.595   1.00 20.12 ? 5   ARG A NH1 1 
ATOM   37  N NH2 . ARG A 1 17 ? -19.389 -33.731 3.351   1.00 19.82 ? 5   ARG A NH2 1 
ATOM   38  N N   . GLY A 1 18 ? -19.015 -26.776 5.533   1.00 14.92 ? 6   GLY A N   1 
ATOM   39  C CA  . GLY A 1 18 ? -19.598 -25.441 5.579   1.00 15.62 ? 6   GLY A CA  1 
ATOM   40  C C   . GLY A 1 18 ? -18.700 -24.407 6.229   1.00 14.79 ? 6   GLY A C   1 
ATOM   41  O O   . GLY A 1 18 ? -19.177 -23.557 6.996   1.00 15.74 ? 6   GLY A O   1 
ATOM   42  N N   . SER A 1 19 ? -17.408 -24.458 5.935   1.00 13.47 ? 7   SER A N   1 
ATOM   43  C CA  . SER A 1 19 ? -16.459 -23.453 6.373   1.00 12.02 ? 7   SER A CA  1 
ATOM   44  C C   . SER A 1 19 ? -15.528 -23.157 5.211   1.00 10.66 ? 7   SER A C   1 
ATOM   45  O O   . SER A 1 19 ? -15.424 -23.932 4.260   1.00 12.42 ? 7   SER A O   1 
ATOM   46  C CB  . SER A 1 19 ? -15.638 -23.916 7.589   1.00 10.78 ? 7   SER A CB  1 
ATOM   47  O OG  . SER A 1 19 ? -14.744 -24.970 7.252   1.00 10.86 ? 7   SER A OG  1 
ATOM   48  N N   . HIS A 1 20 ? -14.857 -22.013 5.294   1.00 9.53  ? 8   HIS A N   1 
ATOM   49  C CA  . HIS A 1 20 ? -13.862 -21.651 4.299   1.00 9.94  ? 8   HIS A CA  1 
ATOM   50  C C   . HIS A 1 20 ? -12.937 -20.625 4.926   1.00 7.92  ? 8   HIS A C   1 
ATOM   51  O O   . HIS A 1 20 ? -13.313 -19.919 5.866   1.00 8.66  ? 8   HIS A O   1 
ATOM   52  C CB  . HIS A 1 20 ? -14.522 -21.088 3.033   1.00 12.18 ? 8   HIS A CB  1 
ATOM   53  C CG  . HIS A 1 20 ? -13.639 -21.107 1.826   1.00 14.84 ? 8   HIS A CG  1 
ATOM   54  N ND1 . HIS A 1 20 ? -12.727 -20.109 1.555   1.00 15.54 ? 8   HIS A ND1 1 
ATOM   55  C CD2 . HIS A 1 20 ? -13.539 -21.996 0.808   1.00 15.87 ? 8   HIS A CD2 1 
ATOM   56  C CE1 . HIS A 1 20 ? -12.103 -20.381 0.422   1.00 17.04 ? 8   HIS A CE1 1 
ATOM   57  N NE2 . HIS A 1 20 ? -12.579 -21.519 -0.053  1.00 18.39 ? 8   HIS A NE2 1 
ATOM   58  N N   . MET A 1 21 ? -11.719 -20.550 4.402   1.00 9.35  ? 9   MET A N   1 
ATOM   59  C CA  . MET A 1 21 ? -10.823 -19.481 4.811   1.00 9.77  ? 9   MET A CA  1 
ATOM   60  C C   . MET A 1 21 ? -11.326 -18.140 4.288   1.00 8.47  ? 9   MET A C   1 
ATOM   61  O O   . MET A 1 21 ? -12.021 -18.061 3.268   1.00 9.46  ? 9   MET A O   1 
ATOM   62  C CB  . MET A 1 21 ? -9.421  -19.725 4.266   1.00 13.07 ? 9   MET A CB  1 
ATOM   63  C CG  . MET A 1 21 ? -8.755  -20.951 4.888   1.00 17.45 ? 9   MET A CG  1 
ATOM   64  S SD  . MET A 1 21 ? -7.039  -21.175 4.401   1.00 26.74 ? 9   MET A SD  1 
ATOM   65  C CE  . MET A 1 21 ? -7.225  -21.352 2.634   1.00 29.10 ? 9   MET A CE  1 
ATOM   66  N N   . ALA A 1 22 ? -10.970 -17.076 5.002   1.00 8.72  ? 10  ALA A N   1 
ATOM   67  C CA  . ALA A 1 22 ? -11.307 -15.729 4.564   1.00 8.24  ? 10  ALA A CA  1 
ATOM   68  C C   . ALA A 1 22 ? -10.330 -15.255 3.495   1.00 9.14  ? 10  ALA A C   1 
ATOM   69  O O   . ALA A 1 22 ? -9.171  -15.676 3.460   1.00 10.19 ? 10  ALA A O   1 
ATOM   70  C CB  . ALA A 1 22 ? -11.279 -14.769 5.754   1.00 9.70  ? 10  ALA A CB  1 
ATOM   71  N N   . THR A 1 23 ? -10.806 -14.361 2.619   1.00 9.22  ? 11  THR A N   1 
ATOM   72  C CA  . THR A 1 23 ? -10.001 -13.840 1.519   1.00 8.96  ? 11  THR A CA  1 
ATOM   73  C C   . THR A 1 23 ? -10.234 -12.341 1.343   1.00 9.40  ? 11  THR A C   1 
ATOM   74  O O   . THR A 1 23 ? -11.252 -11.791 1.767   1.00 9.26  ? 11  THR A O   1 
ATOM   75  C CB  . THR A 1 23 ? -10.302 -14.546 0.185   1.00 11.12 ? 11  THR A CB  1 
ATOM   76  O OG1 . THR A 1 23 ? -11.618 -14.190 -0.255  1.00 13.44 ? 11  THR A OG1 1 
ATOM   77  C CG2 . THR A 1 23 ? -10.194 -16.067 0.311   1.00 13.37 ? 11  THR A CG2 1 
ATOM   78  N N   . CYS A 1 24 ? -9.282  -11.691 0.673   1.00 9.35  ? 12  CYS A N   1 
ATOM   79  C CA  . CYS A 1 24 ? -9.270  -10.241 0.483   1.00 10.24 ? 12  CYS A CA  1 
ATOM   80  C C   . CYS A 1 24 ? -9.961  -9.763  -0.796  1.00 9.92  ? 12  CYS A C   1 
ATOM   81  O O   . CYS A 1 24 ? -10.047 -8.547  -1.001  1.00 10.00 ? 12  CYS A O   1 
ATOM   82  C CB  . CYS A 1 24 ? -7.824  -9.726  0.484   1.00 10.85 ? 12  CYS A CB  1 
ATOM   83  S SG  . CYS A 1 24 ? -7.129  -9.446  2.132   1.00 12.54 ? 12  CYS A SG  1 
ATOM   84  N N   . ASP A 1 25 ? -10.471 -10.671 -1.637  1.00 10.06 ? 13  ASP A N   1 
ATOM   85  C CA  . ASP A 1 25 ? -10.945 -10.306 -2.976  1.00 10.34 ? 13  ASP A CA  1 
ATOM   86  C C   . ASP A 1 25 ? -11.895 -9.113  -2.961  1.00 10.51 ? 13  ASP A C   1 
ATOM   87  O O   . ASP A 1 25 ? -11.765 -8.192  -3.775  1.00 12.67 ? 13  ASP A O   1 
ATOM   88  C CB  . ASP A 1 25 ? -11.643 -11.500 -3.634  1.00 13.43 ? 13  ASP A CB  1 
ATOM   89  C CG  . ASP A 1 25 ? -10.734 -12.697 -3.789  1.00 15.08 ? 13  ASP A CG  1 
ATOM   90  O OD1 . ASP A 1 25 ? -10.389 -13.306 -2.762  1.00 15.33 ? 13  ASP A OD1 1 
ATOM   91  O OD2 . ASP A 1 25 ? -10.365 -13.026 -4.935  1.00 19.77 ? 13  ASP A OD2 1 
ATOM   92  N N   . HIS A 1 26 ? -12.889 -9.132  -2.072  1.00 8.89  ? 14  HIS A N   1 
ATOM   93  C CA  . HIS A 1 26 ? -13.926 -8.113  -2.060  1.00 9.41  ? 14  HIS A CA  1 
ATOM   94  C C   . HIS A 1 26 ? -13.687 -7.022  -1.027  1.00 8.37  ? 14  HIS A C   1 
ATOM   95  O O   . HIS A 1 26 ? -14.638 -6.341  -0.620  1.00 8.83  ? 14  HIS A O   1 
ATOM   96  C CB  . HIS A 1 26 ? -15.306 -8.749  -1.912  1.00 9.34  ? 14  HIS A CB  1 
ATOM   97  C CG  . HIS A 1 26 ? -15.743 -9.499  -3.123  1.00 9.89  ? 14  HIS A CG  1 
ATOM   98  N ND1 . HIS A 1 26 ? -15.966 -8.878  -4.334  1.00 13.78 ? 14  HIS A ND1 1 
ATOM   99  C CD2 . HIS A 1 26 ? -16.001 -10.811 -3.322  1.00 12.85 ? 14  HIS A CD2 1 
ATOM   100 C CE1 . HIS A 1 26 ? -16.345 -9.775  -5.224  1.00 14.55 ? 14  HIS A CE1 1 
ATOM   101 N NE2 . HIS A 1 26 ? -16.379 -10.958 -4.635  1.00 14.38 ? 14  HIS A NE2 1 
ATOM   102 N N   . PHE A 1 27 ? -12.434 -6.805  -0.638  1.00 8.99  ? 15  PHE A N   1 
ATOM   103 C CA  . PHE A 1 27 ? -12.057 -5.718  0.247   1.00 8.98  ? 15  PHE A CA  1 
ATOM   104 C C   . PHE A 1 27 ? -11.047 -4.822  -0.451  1.00 9.67  ? 15  PHE A C   1 
ATOM   105 O O   . PHE A 1 27 ? -10.303 -5.268  -1.327  1.00 11.19 ? 15  PHE A O   1 
ATOM   106 C CB  . PHE A 1 27 ? -11.458 -6.254  1.553   1.00 9.49  ? 15  PHE A CB  1 
ATOM   107 C CG  . PHE A 1 27 ? -12.448 -6.998  2.394   1.00 8.84  ? 15  PHE A CG  1 
ATOM   108 C CD1 . PHE A 1 27 ? -13.251 -6.327  3.300   1.00 10.11 ? 15  PHE A CD1 1 
ATOM   109 C CD2 . PHE A 1 27 ? -12.595 -8.366  2.263   1.00 10.32 ? 15  PHE A CD2 1 
ATOM   110 C CE1 . PHE A 1 27 ? -14.182 -7.014  4.072   1.00 9.87  ? 15  PHE A CE1 1 
ATOM   111 C CE2 . PHE A 1 27 ? -13.523 -9.054  3.022   1.00 10.73 ? 15  PHE A CE2 1 
ATOM   112 C CZ  . PHE A 1 27 ? -14.311 -8.382  3.932   1.00 9.78  ? 15  PHE A CZ  1 
ATOM   113 N N   . MET A 1 28 ? -11.040 -3.551  -0.056  1.00 9.93  ? 16  MET A N   1 
ATOM   114 C CA  . MET A 1 28 ? -10.041 -2.599  -0.510  1.00 10.88 ? 16  MET A CA  1 
ATOM   115 C C   . MET A 1 28 ? -9.574  -1.780  0.680   1.00 9.76  ? 16  MET A C   1 
ATOM   116 O O   . MET A 1 28 ? -10.330 -1.530  1.620   1.00 11.44 ? 16  MET A O   1 
ATOM   117 C CB  . MET A 1 28 ? -10.623 -1.665  -1.586  1.00 17.60 ? 16  MET A CB  1 
ATOM   118 C CG  . MET A 1 28 ? -9.590  -0.812  -2.315  1.00 25.37 ? 16  MET A CG  1 
ATOM   119 S SD  . MET A 1 28 ? -10.350 0.204   -3.597  1.00 36.96 ? 16  MET A SD  1 
ATOM   120 C CE  . MET A 1 28 ? -11.245 1.382   -2.592  1.00 25.40 ? 16  MET A CE  1 
ATOM   121 N N   . CYS A 1 29 ? -8.321  -1.357  0.631   1.00 12.13 ? 17  CYS A N   1 
ATOM   122 C CA  . CYS A 1 29 ? -7.736  -0.514  1.661   1.00 12.54 ? 17  CYS A CA  1 
ATOM   123 C C   . CYS A 1 29 ? -7.538  0.878   1.083   1.00 13.36 ? 17  CYS A C   1 
ATOM   124 O O   . CYS A 1 29 ? -6.798  1.048   0.108   1.00 15.94 ? 17  CYS A O   1 
ATOM   125 C CB  . CYS A 1 29 ? -6.413  -1.112  2.128   1.00 12.33 ? 17  CYS A CB  1 
ATOM   126 S SG  . CYS A 1 29 ? -6.635  -2.653  3.045   1.00 13.71 ? 17  CYS A SG  1 
ATOM   127 N N   . LEU A 1 30 ? -8.201  1.871   1.682   1.00 13.52 ? 18  LEU A N   1 
ATOM   128 C CA  . LEU A 1 30 ? -8.171  3.223   1.126   1.00 15.78 ? 18  LEU A CA  1 
ATOM   129 C C   . LEU A 1 30 ? -6.804  3.880   1.260   1.00 15.89 ? 18  LEU A C   1 
ATOM   130 O O   . LEU A 1 30 ? -6.461  4.751   0.452   1.00 17.77 ? 18  LEU A O   1 
ATOM   131 C CB  . LEU A 1 30 ? -9.236  4.102   1.783   1.00 17.50 ? 18  LEU A CB  1 
ATOM   132 C CG  . LEU A 1 30 ? -10.704 3.771   1.500   1.00 19.82 ? 18  LEU A CG  1 
ATOM   133 C CD1 . LEU A 1 30 ? -11.611 4.738   2.233   1.00 21.33 ? 18  LEU A CD1 1 
ATOM   134 C CD2 . LEU A 1 30 ? -10.977 3.821   0.012   1.00 23.10 ? 18  LEU A CD2 1 
ATOM   135 N N   . GLN A 1 31 ? -6.018  3.496   2.265   1.00 14.86 ? 19  GLN A N   1 
ATOM   136 C CA  . GLN A 1 31 ? -4.742  4.155   2.512   1.00 15.08 ? 19  GLN A CA  1 
ATOM   137 C C   . GLN A 1 31 ? -3.780  3.925   1.357   1.00 14.16 ? 19  GLN A C   1 
ATOM   138 O O   . GLN A 1 31 ? -3.517  2.788   0.957   1.00 14.69 ? 19  GLN A O   1 
ATOM   139 C CB  . GLN A 1 31 ? -4.124  3.630   3.806   1.00 14.83 ? 19  GLN A CB  1 
ATOM   140 C CG  . GLN A 1 31 ? -2.672  4.033   4.015   1.00 15.53 ? 19  GLN A CG  1 
ATOM   141 C CD  . GLN A 1 31 ? -2.495  5.532   4.186   1.00 16.01 ? 19  GLN A CD  1 
ATOM   142 O OE1 . GLN A 1 31 ? -3.145  6.149   5.028   1.00 18.92 ? 19  GLN A OE1 1 
ATOM   143 N NE2 . GLN A 1 31 ? -1.605  6.121   3.391   1.00 15.23 ? 19  GLN A NE2 1 
ATOM   144 N N   . GLN A 1 32 ? -3.252  5.023   0.827   1.00 13.95 ? 20  GLN A N   1 
ATOM   145 C CA  . GLN A 1 32 ? -2.214  4.961   -0.190  1.00 13.64 ? 20  GLN A CA  1 
ATOM   146 C C   . GLN A 1 32 ? -1.051  4.099   0.291   1.00 13.32 ? 20  GLN A C   1 
ATOM   147 O O   . GLN A 1 32 ? -0.568  4.260   1.414   1.00 13.28 ? 20  GLN A O   1 
ATOM   148 C CB  . GLN A 1 32 ? -1.740  6.389   -0.437  1.00 14.16 ? 20  GLN A CB  1 
ATOM   149 C CG  . GLN A 1 32 ? -0.617  6.537   -1.409  1.00 12.83 ? 20  GLN A CG  1 
ATOM   150 C CD  . GLN A 1 32 ? -0.292  7.986   -1.624  1.00 12.94 ? 20  GLN A CD  1 
ATOM   151 O OE1 . GLN A 1 32 ? -0.901  8.860   -1.008  1.00 14.86 ? 20  GLN A OE1 1 
ATOM   152 N NE2 . GLN A 1 32 ? 0.674   8.260   -2.490  1.00 13.22 ? 20  GLN A NE2 1 
ATOM   153 N N   . GLY A 1 33 ? -0.621  3.165   -0.561  1.00 13.36 ? 21  GLY A N   1 
ATOM   154 C CA  . GLY A 1 33 ? 0.485   2.277   -0.256  1.00 13.84 ? 21  GLY A CA  1 
ATOM   155 C C   . GLY A 1 33 ? 0.132   1.044   0.546   1.00 13.42 ? 21  GLY A C   1 
ATOM   156 O O   . GLY A 1 33 ? 1.032   0.260   0.875   1.00 13.59 ? 21  GLY A O   1 
ATOM   157 N N   . SER A 1 34 ? -1.138  0.836   0.861   1.00 13.98 ? 22  SER A N   1 
ATOM   158 C CA  . SER A 1 34 ? -1.558  -0.281  1.689   1.00 14.85 ? 22  SER A CA  1 
ATOM   159 C C   . SER A 1 34 ? -2.247  -1.335  0.832   1.00 15.35 ? 22  SER A C   1 
ATOM   160 O O   . SER A 1 34 ? -2.668  -1.077  -0.299  1.00 17.93 ? 22  SER A O   1 
ATOM   161 C CB  . SER A 1 34 ? -2.509  0.208   2.780   1.00 16.99 ? 22  SER A CB  1 
ATOM   162 O OG  . SER A 1 34 ? -3.776  0.512   2.240   1.00 19.98 ? 22  SER A OG  1 
ATOM   163 N N   . GLU A 1 35 ? -2.351  -2.539  1.386   1.00 14.33 ? 23  GLU A N   1 
ATOM   164 C CA  . GLU A 1 35 ? -3.098  -3.599  0.728   1.00 15.02 ? 23  GLU A CA  1 
ATOM   165 C C   . GLU A 1 35 ? -3.737  -4.482  1.788   1.00 12.67 ? 23  GLU A C   1 
ATOM   166 O O   . GLU A 1 35 ? -3.322  -4.500  2.949   1.00 14.00 ? 23  GLU A O   1 
ATOM   167 C CB  . GLU A 1 35 ? -2.217  -4.424  -0.217  1.00 20.09 ? 23  GLU A CB  1 
ATOM   168 C CG  . GLU A 1 35 ? -1.228  -5.336  0.489   1.00 24.54 ? 23  GLU A CG  1 
ATOM   169 C CD  . GLU A 1 35 ? -0.419  -6.188  -0.475  1.00 29.43 ? 23  GLU A CD  1 
ATOM   170 O OE1 . GLU A 1 35 ? 0.364   -7.038  0.000   1.00 33.81 ? 23  GLU A OE1 1 
ATOM   171 O OE2 . GLU A 1 35 ? -0.563  -6.007  -1.704  1.00 29.82 ? 23  GLU A OE2 1 
ATOM   172 N N   . CYS A 1 36 ? -4.771  -5.197  1.370   1.00 12.25 ? 24  CYS A N   1 
ATOM   173 C CA  . CYS A 1 36 ? -5.473  -6.109  2.259   1.00 11.89 ? 24  CYS A CA  1 
ATOM   174 C C   . CYS A 1 36 ? -4.643  -7.366  2.481   1.00 11.76 ? 24  CYS A C   1 
ATOM   175 O O   . CYS A 1 36 ? -3.983  -7.867  1.564   1.00 13.71 ? 24  CYS A O   1 
ATOM   176 C CB  . CYS A 1 36 ? -6.832  -6.464  1.652   1.00 11.34 ? 24  CYS A CB  1 
ATOM   177 S SG  . CYS A 1 36 ? -7.859  -7.602  2.612   1.00 12.42 ? 24  CYS A SG  1 
ATOM   178 N N   . ASP A 1 37 ? -4.675  -7.862  3.715   1.00 10.58 ? 25  ASP A N   1 
ATOM   179 C CA  . ASP A 1 37 ? -4.095  -9.140  4.104   1.00 11.08 ? 25  ASP A CA  1 
ATOM   180 C C   . ASP A 1 37 ? -5.097  -9.817  5.031   1.00 11.26 ? 25  ASP A C   1 
ATOM   181 O O   . ASP A 1 37 ? -5.988  -9.165  5.580   1.00 14.05 ? 25  ASP A O   1 
ATOM   182 C CB  . ASP A 1 37 ? -2.749  -8.920  4.831   1.00 13.57 ? 25  ASP A CB  1 
ATOM   183 C CG  . ASP A 1 37 ? -1.840  -10.155 4.829   1.00 15.79 ? 25  ASP A CG  1 
ATOM   184 O OD1 . ASP A 1 37 ? -2.226  -11.233 4.328   1.00 17.77 ? 25  ASP A OD1 1 
ATOM   185 O OD2 . ASP A 1 37 ? -0.713  -10.034 5.344   1.00 18.52 ? 25  ASP A OD2 1 
ATOM   186 N N   . ILE A 1 38 ? -4.971  -11.133 5.187   1.00 11.00 ? 26  ILE A N   1 
ATOM   187 C CA  . ILE A 1 38 ? -5.827  -11.898 6.090   1.00 10.46 ? 26  ILE A CA  1 
ATOM   188 C C   . ILE A 1 38 ? -4.998  -12.276 7.310   1.00 11.79 ? 26  ILE A C   1 
ATOM   189 O O   . ILE A 1 38 ? -4.018  -13.023 7.198   1.00 14.19 ? 26  ILE A O   1 
ATOM   190 C CB  . ILE A 1 38 ? -6.427  -13.139 5.408   1.00 10.76 ? 26  ILE A CB  1 
ATOM   191 C CG1 . ILE A 1 38 ? -7.332  -12.737 4.236   1.00 11.94 ? 26  ILE A CG1 1 
ATOM   192 C CG2 . ILE A 1 38 ? -7.194  -13.996 6.420   1.00 12.20 ? 26  ILE A CG2 1 
ATOM   193 C CD1 . ILE A 1 38 ? -8.552  -11.951 4.644   1.00 12.06 ? 26  ILE A CD1 1 
ATOM   194 N N   . TRP A 1 39 ? -5.396  -11.768 8.477   1.00 10.84 ? 27  TRP A N   1 
ATOM   195 C CA  . TRP A 1 39 ? -4.746  -12.098 9.739   1.00 11.34 ? 27  TRP A CA  1 
ATOM   196 C C   . TRP A 1 39 ? -5.786  -12.620 10.717  1.00 11.80 ? 27  TRP A C   1 
ATOM   197 O O   . TRP A 1 39 ? -6.812  -11.971 10.940  1.00 11.91 ? 27  TRP A O   1 
ATOM   198 C CB  . TRP A 1 39 ? -4.040  -10.870 10.320  1.00 14.99 ? 27  TRP A CB  1 
ATOM   199 C CG  . TRP A 1 39 ? -2.642  -10.736 9.824   1.00 19.69 ? 27  TRP A CG  1 
ATOM   200 C CD1 . TRP A 1 39 ? -2.245  -10.252 8.610   1.00 22.54 ? 27  TRP A CD1 1 
ATOM   201 C CD2 . TRP A 1 39 ? -1.443  -11.102 10.522  1.00 19.08 ? 27  TRP A CD2 1 
ATOM   202 N NE1 . TRP A 1 39 ? -0.876  -10.292 8.511   1.00 23.38 ? 27  TRP A NE1 1 
ATOM   203 C CE2 . TRP A 1 39 ? -0.360  -10.806 9.673   1.00 23.47 ? 27  TRP A CE2 1 
ATOM   204 C CE3 . TRP A 1 39 ? -1.183  -11.642 11.785  1.00 20.38 ? 27  TRP A CE3 1 
ATOM   205 C CZ2 . TRP A 1 39 ? 0.967   -11.041 10.044  1.00 24.20 ? 27  TRP A CZ2 1 
ATOM   206 C CZ3 . TRP A 1 39 ? 0.133   -11.873 12.151  1.00 23.85 ? 27  TRP A CZ3 1 
ATOM   207 C CH2 . TRP A 1 39 ? 1.189   -11.572 11.284  1.00 24.90 ? 27  TRP A CH2 1 
ATOM   208 N N   . ASP A 1 40 ? -5.513  -13.789 11.299  1.00 11.38 ? 28  ASP A N   1 
ATOM   209 C CA  . ASP A 1 40 ? -6.450  -14.443 12.214  1.00 11.24 ? 28  ASP A CA  1 
ATOM   210 C C   . ASP A 1 40 ? -7.853  -14.518 11.615  1.00 10.85 ? 28  ASP A C   1 
ATOM   211 O O   . ASP A 1 40 ? -8.858  -14.288 12.289  1.00 12.28 ? 28  ASP A O   1 
ATOM   212 C CB  . ASP A 1 40 ? -6.451  -13.785 13.594  1.00 14.15 ? 28  ASP A CB  1 
ATOM   213 C CG  . ASP A 1 40 ? -5.116  -13.904 14.284  1.00 20.05 ? 28  ASP A CG  1 
ATOM   214 O OD1 . ASP A 1 40 ? -4.377  -14.848 13.953  1.00 20.86 ? 28  ASP A OD1 1 
ATOM   215 O OD2 . ASP A 1 40 ? -4.810  -13.065 15.157  1.00 25.27 ? 28  ASP A OD2 1 
ATOM   216 N N   . GLY A 1 41 ? -7.917  -14.827 10.323  1.00 10.90 ? 29  GLY A N   1 
ATOM   217 C CA  . GLY A 1 41 ? -9.188  -15.021 9.670   1.00 10.84 ? 29  GLY A CA  1 
ATOM   218 C C   . GLY A 1 41 ? -9.977  -13.770 9.367   1.00 9.75  ? 29  GLY A C   1 
ATOM   219 O O   . GLY A 1 41 ? -11.168 -13.884 9.053   1.00 11.71 ? 29  GLY A O   1 
ATOM   220 N N   . GLN A 1 42 ? -9.370  -12.586 9.444   1.00 10.50 ? 30  GLN A N   1 
ATOM   221 C CA  . GLN A 1 42 ? -10.067 -11.341 9.157   1.00 11.53 ? 30  GLN A CA  1 
ATOM   222 C C   . GLN A 1 42 ? -9.239  -10.467 8.235   1.00 10.96 ? 30  GLN A C   1 
ATOM   223 O O   . GLN A 1 42 ? -8.005  -10.438 8.331   1.00 11.91 ? 30  GLN A O   1 
ATOM   224 C CB  . GLN A 1 42 ? -10.354 -10.550 10.443  1.00 14.17 ? 30  GLN A CB  1 
ATOM   225 C CG  . GLN A 1 42 ? -11.152 -11.320 11.485  1.00 16.89 ? 30  GLN A CG  1 
ATOM   226 C CD  . GLN A 1 42 ? -11.537 -10.461 12.672  1.00 23.80 ? 30  GLN A CD  1 
ATOM   227 O OE1 . GLN A 1 42 ? -12.632 -9.898  12.714  1.00 30.12 ? 30  GLN A OE1 1 
ATOM   228 N NE2 . GLN A 1 42 ? -10.638 -10.350 13.641  1.00 24.77 ? 30  GLN A NE2 1 
ATOM   229 N N   . PRO A 1 43 ? -9.890  -9.713  7.344   1.00 10.23 ? 31  PRO A N   1 
ATOM   230 C CA  . PRO A 1 43 ? -9.161  -8.753  6.506   1.00 11.10 ? 31  PRO A CA  1 
ATOM   231 C C   . PRO A 1 43 ? -8.639  -7.588  7.333   1.00 11.23 ? 31  PRO A C   1 
ATOM   232 O O   . PRO A 1 43 ? -9.333  -7.056  8.203   1.00 13.31 ? 31  PRO A O   1 
ATOM   233 C CB  . PRO A 1 43 ? -10.222 -8.281  5.505   1.00 11.93 ? 31  PRO A CB  1 
ATOM   234 C CG  . PRO A 1 43 ? -11.504 -8.429  6.233   1.00 13.87 ? 31  PRO A CG  1 
ATOM   235 C CD  . PRO A 1 43 ? -11.340 -9.686  7.071   1.00 12.36 ? 31  PRO A CD  1 
ATOM   236 N N   . VAL A 1 44 ? -7.392  -7.202  7.048   1.00 10.78 ? 32  VAL A N   1 
ATOM   237 C CA  . VAL A 1 44 ? -6.740  -6.050  7.656   1.00 12.09 ? 32  VAL A CA  1 
ATOM   238 C C   . VAL A 1 44 ? -5.966  -5.332  6.557   1.00 12.19 ? 32  VAL A C   1 
ATOM   239 O O   . VAL A 1 44 ? -5.720  -5.883  5.483   1.00 13.74 ? 32  VAL A O   1 
ATOM   240 C CB  . VAL A 1 44 ? -5.784  -6.463  8.805   1.00 14.16 ? 32  VAL A CB  1 
ATOM   241 C CG1 . VAL A 1 44 ? -6.544  -7.165  9.935   1.00 16.26 ? 32  VAL A CG1 1 
ATOM   242 C CG2 . VAL A 1 44 ? -4.668  -7.352  8.273   1.00 16.77 ? 32  VAL A CG2 1 
ATOM   243 N N   . CYS A 1 45 ? -5.578  -4.087  6.827   1.00 13.24 ? 33  CYS A N   1 
ATOM   244 C CA  . CYS A 1 45 ? -4.787  -3.295  5.891   1.00 13.42 ? 33  CYS A CA  1 
ATOM   245 C C   . CYS A 1 45 ? -3.359  -3.154  6.399   1.00 14.28 ? 33  CYS A C   1 
ATOM   246 O O   . CYS A 1 45 ? -3.141  -2.832  7.572   1.00 19.01 ? 33  CYS A O   1 
ATOM   247 C CB  . CYS A 1 45 ? -5.411  -1.915  5.682   1.00 15.54 ? 33  CYS A CB  1 
ATOM   248 S SG  . CYS A 1 45 ? -7.032  -1.998  4.918   1.00 16.34 ? 33  CYS A SG  1 
ATOM   249 N N   . LYS A 1 46 ? -2.395  -3.408  5.514   1.00 14.50 ? 34  LYS A N   1 
ATOM   250 C CA  . LYS A 1 46 ? -0.977  -3.343  5.846   1.00 16.19 ? 34  LYS A CA  1 
ATOM   251 C C   . LYS A 1 46 ? -0.227  -2.643  4.723   1.00 15.04 ? 34  LYS A C   1 
ATOM   252 O O   . LYS A 1 46 ? -0.636  -2.686  3.564   1.00 15.95 ? 34  LYS A O   1 
ATOM   253 C CB  . LYS A 1 46 ? -0.390  -4.752  6.034   1.00 19.94 ? 34  LYS A CB  1 
ATOM   254 C CG  . LYS A 1 46 ? -1.107  -5.590  7.070   1.00 24.65 ? 34  LYS A CG  1 
ATOM   255 C CD  . LYS A 1 46 ? -0.912  -5.012  8.459   1.00 28.76 ? 34  LYS A CD  1 
ATOM   256 C CE  . LYS A 1 46 ? -1.272  -6.024  9.533   1.00 32.10 ? 34  LYS A CE  1 
ATOM   257 N NZ  . LYS A 1 46 ? -0.443  -7.252  9.417   1.00 33.15 ? 34  LYS A NZ  1 
ATOM   258 N N   . CYS A 1 47 ? 0.894   -2.020  5.075   1.00 14.59 ? 35  CYS A N   1 
ATOM   259 C CA  . CYS A 1 47 ? 1.726   -1.351  4.084   1.00 14.65 ? 35  CYS A CA  1 
ATOM   260 C C   . CYS A 1 47 ? 2.544   -2.365  3.287   1.00 16.22 ? 35  CYS A C   1 
ATOM   261 O O   . CYS A 1 47 ? 3.131   -3.291  3.852   1.00 18.08 ? 35  CYS A O   1 
ATOM   262 C CB  . CYS A 1 47 ? 2.664   -0.354  4.766   1.00 14.88 ? 35  CYS A CB  1 
ATOM   263 S SG  . CYS A 1 47 ? 1.835   1.007   5.640   1.00 16.39 ? 35  CYS A SG  1 
ATOM   264 N N   . LYS A 1 48 ? 2.606   -2.163  1.965   1.00 15.49 ? 36  LYS A N   1 
ATOM   265 C CA  . LYS A 1 48 ? 3.292   -3.117  1.089   1.00 17.42 ? 36  LYS A CA  1 
ATOM   266 C C   . LYS A 1 48 ? 4.810   -3.100  1.290   1.00 17.72 ? 36  LYS A C   1 
ATOM   267 O O   . LYS A 1 48 ? 5.438   -4.155  1.434   1.00 17.41 ? 36  LYS A O   1 
ATOM   268 C CB  . LYS A 1 48 ? 2.927   -2.843  -0.372  1.00 19.51 ? 36  LYS A CB  1 
ATOM   269 C CG  . LYS A 1 48 ? 1.508   -3.240  -0.721  1.00 21.77 ? 36  LYS A CG  1 
ATOM   270 C CD  . LYS A 1 48 ? 1.154   -2.875  -2.151  1.00 23.63 ? 36  LYS A CD  1 
ATOM   271 C CE  . LYS A 1 48 ? 0.885   -1.383  -2.293  1.00 26.07 ? 36  LYS A CE  1 
ATOM   272 N NZ  . LYS A 1 48 ? 0.343   -1.033  -3.639  1.00 28.03 ? 36  LYS A NZ  1 
ATOM   273 N N   . ASP A 1 49 ? 5.420   -1.918  1.260   1.00 15.15 ? 37  ASP A N   1 
ATOM   274 C CA  . ASP A 1 49 ? 6.844   -1.748  1.581   1.00 14.06 ? 37  ASP A CA  1 
ATOM   275 C C   . ASP A 1 49 ? 7.779   -2.571  0.690   1.00 12.47 ? 37  ASP A C   1 
ATOM   276 O O   . ASP A 1 49 ? 8.785   -3.108  1.155   1.00 14.21 ? 37  ASP A O   1 
ATOM   277 C CB  . ASP A 1 49 ? 7.136   -2.029  3.054   1.00 16.37 ? 37  ASP A CB  1 
ATOM   278 C CG  . ASP A 1 49 ? 6.839   -0.855  3.940   1.00 22.55 ? 37  ASP A CG  1 
ATOM   279 O OD1 . ASP A 1 49 ? 6.802   0.281   3.427   1.00 27.09 ? 37  ASP A OD1 1 
ATOM   280 O OD2 . ASP A 1 49 ? 6.654   -1.076  5.154   1.00 22.58 ? 37  ASP A OD2 1 
ATOM   281 N N   . ARG A 1 50 ? 7.480   -2.646  -0.603  1.00 12.13 ? 38  ARG A N   1 
ATOM   282 C CA  . ARG A 1 50 ? 8.348   -3.373  -1.526  1.00 12.35 ? 38  ARG A CA  1 
ATOM   283 C C   . ARG A 1 50 ? 8.278   -2.674  -2.869  1.00 11.61 ? 38  ARG A C   1 
ATOM   284 O O   . ARG A 1 50 ? 7.201   -2.613  -3.467  1.00 14.45 ? 38  ARG A O   1 
ATOM   285 C CB  . ARG A 1 50 ? 7.914   -4.837  -1.661  1.00 15.08 ? 38  ARG A CB  1 
ATOM   286 C CG  . ARG A 1 50 ? 8.799   -5.655  -2.608  1.00 18.33 ? 38  ARG A CG  1 
ATOM   287 C CD  . ARG A 1 50 ? 8.422   -7.138  -2.624  1.00 20.86 ? 38  ARG A CD  1 
ATOM   288 N NE  . ARG A 1 50 ? 7.094   -7.352  -3.189  1.00 25.89 ? 38  ARG A NE  1 
ATOM   289 C CZ  . ARG A 1 50 ? 6.854   -7.711  -4.449  1.00 27.98 ? 38  ARG A CZ  1 
ATOM   290 N NH1 . ARG A 1 50 ? 7.853   -7.917  -5.296  1.00 29.74 ? 38  ARG A NH1 1 
ATOM   291 N NH2 . ARG A 1 50 ? 5.605   -7.872  -4.861  1.00 29.50 ? 38  ARG A NH2 1 
ATOM   292 N N   . CYS A 1 51 ? 9.412   -2.159  -3.346  1.00 9.21  ? 39  CYS A N   1 
ATOM   293 C CA  . CYS A 1 51 ? 9.424   -1.361  -4.565  1.00 9.49  ? 39  CYS A CA  1 
ATOM   294 C C   . CYS A 1 51 ? 10.647  -1.693  -5.406  1.00 8.56  ? 39  CYS A C   1 
ATOM   295 O O   . CYS A 1 51 ? 11.706  -2.032  -4.878  1.00 9.77  ? 39  CYS A O   1 
ATOM   296 C CB  . CYS A 1 51 ? 9.492   0.132   -4.230  1.00 8.80  ? 39  CYS A CB  1 
ATOM   297 S SG  . CYS A 1 51 ? 8.070   0.765   -3.308  1.00 9.84  ? 39  CYS A SG  1 
ATOM   298 N N   . GLU A 1 52 ? 10.506  -1.548  -6.723  1.00 9.50  ? 40  GLU A N   1 
ATOM   299 C CA  . GLU A 1 52 ? 11.654  -1.687  -7.607  1.00 11.15 ? 40  GLU A CA  1 
ATOM   300 C C   . GLU A 1 52 ? 12.594  -0.496  -7.465  1.00 9.58  ? 40  GLU A C   1 
ATOM   301 O O   . GLU A 1 52 ? 12.156  0.658   -7.397  1.00 10.83 ? 40  GLU A O   1 
ATOM   302 C CB  . GLU A 1 52 ? 11.197  -1.740  -9.062  1.00 12.75 ? 40  GLU A CB  1 
ATOM   303 C CG  . GLU A 1 52 ? 10.404  -2.971  -9.411  1.00 15.34 ? 40  GLU A CG  1 
ATOM   304 C CD  . GLU A 1 52 ? 10.367  -3.220  -10.898 1.00 19.50 ? 40  GLU A CD  1 
ATOM   305 O OE1 . GLU A 1 52 ? 11.287  -2.752  -11.599 1.00 23.75 ? 40  GLU A OE1 1 
ATOM   306 O OE2 . GLU A 1 52 ? 9.420   -3.881  -11.362 1.00 19.98 ? 40  GLU A OE2 1 
ATOM   307 N N   . LYS A 1 53 ? 13.899  -0.776  -7.467  1.00 9.19  ? 41  LYS A N   1 
ATOM   308 C CA  . LYS A 1 53 ? 14.901  0.287   -7.550  1.00 11.27 ? 41  LYS A CA  1 
ATOM   309 C C   . LYS A 1 53 ? 15.061  0.730   -9.006  1.00 12.08 ? 41  LYS A C   1 
ATOM   310 O O   . LYS A 1 53 ? 16.098  0.555   -9.646  1.00 15.54 ? 41  LYS A O   1 
ATOM   311 C CB  . LYS A 1 53 ? 16.233  -0.130  -6.941  1.00 13.98 ? 41  LYS A CB  1 
ATOM   312 C CG  . LYS A 1 53 ? 17.129  1.078   -6.660  1.00 16.52 ? 41  LYS A CG  1 
ATOM   313 C CD  . LYS A 1 53 ? 18.561  0.699   -6.353  1.00 20.33 ? 41  LYS A CD  1 
ATOM   314 C CE  . LYS A 1 53 ? 19.283  0.237   -7.598  1.00 23.14 ? 41  LYS A CE  1 
ATOM   315 N NZ  . LYS A 1 53 ? 20.737  0.052   -7.332  1.00 27.38 ? 41  LYS A NZ  1 
ATOM   316 N N   . GLU A 1 54 ? 13.984  1.294   -9.525  1.00 11.05 ? 42  GLU A N   1 
ATOM   317 C CA  . GLU A 1 54 ? 13.936  1.798   -10.894 1.00 11.05 ? 42  GLU A CA  1 
ATOM   318 C C   . GLU A 1 54 ? 13.647  3.281   -10.760 1.00 10.59 ? 42  GLU A C   1 
ATOM   319 O O   . GLU A 1 54 ? 12.546  3.654   -10.312 1.00 11.40 ? 42  GLU A O   1 
ATOM   320 C CB  . GLU A 1 54 ? 12.808  1.097   -11.654 1.00 13.64 ? 42  GLU A CB  1 
ATOM   321 C CG  . GLU A 1 54 ? 12.774  1.382   -13.147 1.00 14.98 ? 42  GLU A CG  1 
ATOM   322 C CD  . GLU A 1 54 ? 14.034  0.932   -13.848 1.00 15.38 ? 42  GLU A CD  1 
ATOM   323 O OE1 . GLU A 1 54 ? 14.847  1.801   -14.228 1.00 15.14 ? 42  GLU A OE1 1 
ATOM   324 O OE2 . GLU A 1 54 ? 14.223  -0.294  -13.995 1.00 17.91 ? 42  GLU A OE2 1 
ATOM   325 N N   . PRO A 1 55 ? 14.588  4.164   -11.093 1.00 10.47 ? 43  PRO A N   1 
ATOM   326 C CA  . PRO A 1 55 ? 14.405  5.582   -10.764 1.00 10.43 ? 43  PRO A CA  1 
ATOM   327 C C   . PRO A 1 55 ? 13.382  6.253   -11.659 1.00 10.82 ? 43  PRO A C   1 
ATOM   328 O O   . PRO A 1 55 ? 13.380  6.080   -12.878 1.00 12.33 ? 43  PRO A O   1 
ATOM   329 C CB  . PRO A 1 55 ? 15.802  6.179   -10.973 1.00 11.30 ? 43  PRO A CB  1 
ATOM   330 C CG  . PRO A 1 55 ? 16.437  5.284   -11.976 1.00 11.73 ? 43  PRO A CG  1 
ATOM   331 C CD  . PRO A 1 55 ? 15.918  3.900   -11.668 1.00 12.04 ? 43  PRO A CD  1 
ATOM   332 N N   . SER A 1 56 ? 12.508  7.026   -11.028 1.00 9.77  ? 44  SER A N   1 
ATOM   333 C CA  . SER A 1 56 ? 11.594  7.926   -11.715 1.00 10.06 ? 44  SER A CA  1 
ATOM   334 C C   . SER A 1 56 ? 11.277  9.014   -10.701 1.00 8.55  ? 44  SER A C   1 
ATOM   335 O O   . SER A 1 56 ? 10.265  8.951   -9.995  1.00 8.85  ? 44  SER A O   1 
ATOM   336 C CB  . SER A 1 56 ? 10.336  7.179   -12.154 1.00 12.07 ? 44  SER A CB  1 
ATOM   337 O OG  . SER A 1 56 ? 9.556   7.973   -13.026 1.00 16.06 ? 44  SER A OG  1 
ATOM   338 N N   . PHE A 1 57 ? 12.187  9.973   -10.572 1.00 9.32  ? 45  PHE A N   1 
ATOM   339 C CA  . PHE A 1 57 ? 12.152  10.886  -9.437  1.00 8.80  ? 45  PHE A CA  1 
ATOM   340 C C   . PHE A 1 57 ? 10.829  11.635  -9.408  1.00 9.22  ? 45  PHE A C   1 
ATOM   341 O O   . PHE A 1 57 ? 10.370  12.148  -10.435 1.00 10.86 ? 45  PHE A O   1 
ATOM   342 C CB  . PHE A 1 57 ? 13.317  11.864  -9.528  1.00 10.41 ? 45  PHE A CB  1 
ATOM   343 C CG  . PHE A 1 57 ? 14.664  11.201  -9.597  1.00 10.23 ? 45  PHE A CG  1 
ATOM   344 C CD1 . PHE A 1 57 ? 14.938  10.050  -8.869  1.00 10.94 ? 45  PHE A CD1 1 
ATOM   345 C CD2 . PHE A 1 57 ? 15.656  11.728  -10.408 1.00 12.11 ? 45  PHE A CD2 1 
ATOM   346 C CE1 . PHE A 1 57 ? 16.183  9.447   -8.938  1.00 11.43 ? 45  PHE A CE1 1 
ATOM   347 C CE2 . PHE A 1 57 ? 16.895  11.129  -10.482 1.00 13.25 ? 45  PHE A CE2 1 
ATOM   348 C CZ  . PHE A 1 57 ? 17.164  9.993   -9.745  1.00 11.65 ? 45  PHE A CZ  1 
ATOM   349 N N   . THR A 1 58 ? 10.218  11.700  -8.226  1.00 7.74  ? 46  THR A N   1 
ATOM   350 C CA  . THR A 1 58 ? 8.841   12.169  -8.083  1.00 8.50  ? 46  THR A CA  1 
ATOM   351 C C   . THR A 1 58 ? 8.789   13.226  -6.992  1.00 7.88  ? 46  THR A C   1 
ATOM   352 O O   . THR A 1 58 ? 9.027   12.919  -5.820  1.00 8.40  ? 46  THR A O   1 
ATOM   353 C CB  . THR A 1 58 ? 7.924   10.997  -7.723  1.00 9.70  ? 46  THR A CB  1 
ATOM   354 O OG1 . THR A 1 58 ? 7.970   10.011  -8.763  1.00 11.51 ? 46  THR A OG1 1 
ATOM   355 C CG2 . THR A 1 58 ? 6.492   11.474  -7.541  1.00 12.09 ? 46  THR A CG2 1 
ATOM   356 N N   . CYS A 1 59 ? 8.490   14.470  -7.365  1.00 8.30  ? 47  CYS A N   1 
ATOM   357 C CA  . CYS A 1 59 ? 8.209   15.484  -6.364  1.00 8.07  ? 47  CYS A CA  1 
ATOM   358 C C   . CYS A 1 59 ? 6.781   15.308  -5.872  1.00 8.95  ? 47  CYS A C   1 
ATOM   359 O O   . CYS A 1 59 ? 5.883   14.978  -6.648  1.00 10.46 ? 47  CYS A O   1 
ATOM   360 C CB  . CYS A 1 59 ? 8.419   16.888  -6.942  1.00 9.81  ? 47  CYS A CB  1 
ATOM   361 S SG  . CYS A 1 59 ? 10.167  17.263  -7.251  1.00 11.12 ? 47  CYS A SG  1 
ATOM   362 N N   . ALA A 1 60 ? 6.574   15.527  -4.577  1.00 9.10  ? 48  ALA A N   1 
ATOM   363 C CA  . ALA A 1 60 ? 5.296   15.227  -3.951  1.00 10.22 ? 48  ALA A CA  1 
ATOM   364 C C   . ALA A 1 60 ? 4.738   16.439  -3.215  1.00 11.17 ? 48  ALA A C   1 
ATOM   365 O O   . ALA A 1 60 ? 5.433   17.427  -2.961  1.00 11.69 ? 48  ALA A O   1 
ATOM   366 C CB  . ALA A 1 60 ? 5.408   14.026  -3.004  1.00 11.58 ? 48  ALA A CB  1 
ATOM   367 N N   . SER A 1 61 ? 3.460   16.324  -2.843  1.00 11.81 ? 49  SER A N   1 
ATOM   368 C CA  . SER A 1 61 ? 2.711   17.406  -2.213  1.00 13.14 ? 49  SER A CA  1 
ATOM   369 C C   . SER A 1 61 ? 3.192   17.740  -0.805  1.00 14.81 ? 49  SER A C   1 
ATOM   370 O O   . SER A 1 61 ? 2.755   18.753  -0.252  1.00 17.24 ? 49  SER A O   1 
ATOM   371 C CB  . SER A 1 61 ? 1.216   17.066  -2.189  1.00 14.28 ? 49  SER A CB  1 
ATOM   372 O OG  . SER A 1 61 ? 0.984   15.812  -1.560  1.00 14.52 ? 49  SER A OG  1 
ATOM   373 N N   . ASP A 1 62 ? 4.059   16.923  -0.211  1.00 13.30 ? 50  ASP A N   1 
ATOM   374 C CA  . ASP A 1 62 ? 4.684   17.266  1.060   1.00 14.08 ? 50  ASP A CA  1 
ATOM   375 C C   . ASP A 1 62 ? 5.926   18.129  0.885   1.00 14.26 ? 50  ASP A C   1 
ATOM   376 O O   . ASP A 1 62 ? 6.592   18.446  1.876   1.00 16.44 ? 50  ASP A O   1 
ATOM   377 C CB  . ASP A 1 62 ? 5.013   16.000  1.870   1.00 13.31 ? 50  ASP A CB  1 
ATOM   378 C CG  . ASP A 1 62 ? 5.979   15.060  1.154   1.00 12.93 ? 50  ASP A CG  1 
ATOM   379 O OD1 . ASP A 1 62 ? 6.348   15.322  -0.009  1.00 12.39 ? 50  ASP A OD1 1 
ATOM   380 O OD2 . ASP A 1 62 ? 6.362   14.040  1.764   1.00 14.05 ? 50  ASP A OD2 1 
ATOM   381 N N   . GLY A 1 63 ? 6.254   18.510  -0.346  1.00 12.30 ? 51  GLY A N   1 
ATOM   382 C CA  . GLY A 1 63 ? 7.467   19.255  -0.607  1.00 12.35 ? 51  GLY A CA  1 
ATOM   383 C C   . GLY A 1 63 ? 8.726   18.418  -0.665  1.00 12.17 ? 51  GLY A C   1 
ATOM   384 O O   . GLY A 1 63 ? 9.823   18.980  -0.735  1.00 14.24 ? 51  GLY A O   1 
ATOM   385 N N   . LEU A 1 64 ? 8.610   17.096  -0.640  1.00 11.47 ? 52  LEU A N   1 
ATOM   386 C CA  . LEU A 1 64 ? 9.762   16.208  -0.669  1.00 10.61 ? 52  LEU A CA  1 
ATOM   387 C C   . LEU A 1 64 ? 9.763   15.418  -1.971  1.00 9.38  ? 52  LEU A C   1 
ATOM   388 O O   . LEU A 1 64 ? 8.774   15.395  -2.704  1.00 10.82 ? 52  LEU A O   1 
ATOM   389 C CB  . LEU A 1 64 ? 9.754   15.265  0.541   1.00 11.70 ? 52  LEU A CB  1 
ATOM   390 C CG  . LEU A 1 64 ? 9.679   15.964  1.901   1.00 12.73 ? 52  LEU A CG  1 
ATOM   391 C CD1 . LEU A 1 64 ? 9.646   14.941  3.033   1.00 14.06 ? 52  LEU A CD1 1 
ATOM   392 C CD2 . LEU A 1 64 ? 10.832  16.948  2.080   1.00 14.52 ? 52  LEU A CD2 1 
ATOM   393 N N   . THR A 1 65 ? 10.896  14.779  -2.254  1.00 8.33  ? 53  THR A N   1 
ATOM   394 C CA  . THR A 1 65 ? 11.114  14.046  -3.496  1.00 7.01  ? 53  THR A CA  1 
ATOM   395 C C   . THR A 1 65 ? 11.356  12.571  -3.187  1.00 7.77  ? 53  THR A C   1 
ATOM   396 O O   . THR A 1 65 ? 12.023  12.228  -2.200  1.00 8.97  ? 53  THR A O   1 
ATOM   397 C CB  . THR A 1 65 ? 12.309  14.627  -4.263  1.00 8.66  ? 53  THR A CB  1 
ATOM   398 O OG1 . THR A 1 65 ? 12.143  16.044  -4.398  1.00 9.70  ? 53  THR A OG1 1 
ATOM   399 C CG2 . THR A 1 65 ? 12.415  14.029  -5.655  1.00 9.09  ? 53  THR A CG2 1 
ATOM   400 N N   . TYR A 1 66 ? 10.822  11.698  -4.041  1.00 7.34  ? 54  TYR A N   1 
ATOM   401 C CA  . TYR A 1 66 ? 10.894  10.256  -3.849  1.00 7.16  ? 54  TYR A CA  1 
ATOM   402 C C   . TYR A 1 66 ? 11.541  9.577   -5.049  1.00 7.60  ? 54  TYR A C   1 
ATOM   403 O O   . TYR A 1 66 ? 11.450  10.058  -6.182  1.00 8.45  ? 54  TYR A O   1 
ATOM   404 C CB  . TYR A 1 66 ? 9.492   9.686   -3.549  1.00 7.86  ? 54  TYR A CB  1 
ATOM   405 C CG  . TYR A 1 66 ? 8.979   10.250  -2.246  1.00 8.14  ? 54  TYR A CG  1 
ATOM   406 C CD1 . TYR A 1 66 ? 9.262   9.618   -1.041  1.00 8.85  ? 54  TYR A CD1 1 
ATOM   407 C CD2 . TYR A 1 66 ? 8.283   11.458  -2.210  1.00 9.63  ? 54  TYR A CD2 1 
ATOM   408 C CE1 . TYR A 1 66 ? 8.851   10.154  0.161   1.00 9.44  ? 54  TYR A CE1 1 
ATOM   409 C CE2 . TYR A 1 66 ? 7.866   12.006  -1.010  1.00 9.75  ? 54  TYR A CE2 1 
ATOM   410 C CZ  . TYR A 1 66 ? 8.153   11.348  0.175   1.00 10.17 ? 54  TYR A CZ  1 
ATOM   411 O OH  . TYR A 1 66 ? 7.762   11.881  1.376   1.00 11.47 ? 54  TYR A OH  1 
ATOM   412 N N   . TYR A 1 67 ? 12.198  8.443   -4.784  1.00 6.62  ? 55  TYR A N   1 
ATOM   413 C CA  . TYR A 1 67 ? 12.954  7.750   -5.824  1.00 6.89  ? 55  TYR A CA  1 
ATOM   414 C C   . TYR A 1 67 ? 12.052  7.310   -6.978  1.00 7.07  ? 55  TYR A C   1 
ATOM   415 O O   . TYR A 1 67 ? 12.464  7.353   -8.147  1.00 8.10  ? 55  TYR A O   1 
ATOM   416 C CB  . TYR A 1 67 ? 13.691  6.566   -5.192  1.00 8.02  ? 55  TYR A CB  1 
ATOM   417 C CG  . TYR A 1 67 ? 14.721  5.902   -6.071  1.00 7.69  ? 55  TYR A CG  1 
ATOM   418 C CD1 . TYR A 1 67 ? 14.363  4.871   -6.936  1.00 10.16 ? 55  TYR A CD1 1 
ATOM   419 C CD2 . TYR A 1 67 ? 16.061  6.290   -6.028  1.00 8.35  ? 55  TYR A CD2 1 
ATOM   420 C CE1 . TYR A 1 67 ? 15.308  4.244   -7.732  1.00 9.81  ? 55  TYR A CE1 1 
ATOM   421 C CE2 . TYR A 1 67 ? 17.012  5.672   -6.828  1.00 9.07  ? 55  TYR A CE2 1 
ATOM   422 C CZ  . TYR A 1 67 ? 16.625  4.650   -7.680  1.00 10.19 ? 55  TYR A CZ  1 
ATOM   423 O OH  . TYR A 1 67 ? 17.554  4.029   -8.483  1.00 12.79 ? 55  TYR A OH  1 
ATOM   424 N N   . ASN A 1 68 ? 10.827  6.882   -6.672  1.00 6.47  ? 56  ASN A N   1 
ATOM   425 C CA  . ASN A 1 68 ? 9.770   6.675   -7.659  1.00 7.09  ? 56  ASN A CA  1 
ATOM   426 C C   . ASN A 1 68 ? 8.431   6.731   -6.928  1.00 7.77  ? 56  ASN A C   1 
ATOM   427 O O   . ASN A 1 68 ? 8.376   6.965   -5.720  1.00 7.79  ? 56  ASN A O   1 
ATOM   428 C CB  . ASN A 1 68 ? 9.970   5.396   -8.488  1.00 8.24  ? 56  ASN A CB  1 
ATOM   429 C CG  . ASN A 1 68 ? 9.940   4.131   -7.650  1.00 7.79  ? 56  ASN A CG  1 
ATOM   430 O OD1 . ASN A 1 68 ? 9.218   4.041   -6.658  1.00 8.13  ? 56  ASN A OD1 1 
ATOM   431 N ND2 . ASN A 1 68 ? 10.732  3.143   -8.054  1.00 9.31  ? 56  ASN A ND2 1 
ATOM   432 N N   . ARG A 1 69 ? 7.344   6.532   -7.674  1.00 8.92  ? 57  ARG A N   1 
ATOM   433 C CA  . ARG A 1 69 ? 6.016   6.641   -7.075  1.00 9.54  ? 57  ARG A CA  1 
ATOM   434 C C   . ARG A 1 69 ? 5.768   5.563   -6.030  1.00 8.85  ? 57  ARG A C   1 
ATOM   435 O O   . ARG A 1 69 ? 5.049   5.803   -5.053  1.00 9.26  ? 57  ARG A O   1 
ATOM   436 C CB  . ARG A 1 69 ? 4.941   6.568   -8.154  1.00 13.03 ? 57  ARG A CB  1 
ATOM   437 C CG  . ARG A 1 69 ? 4.913   7.777   -9.055  1.00 18.47 ? 57  ARG A CG  1 
ATOM   438 C CD  . ARG A 1 69 ? 3.664   7.765   -9.899  1.00 22.68 ? 57  ARG A CD  1 
ATOM   439 N NE  . ARG A 1 69 ? 3.617   8.899   -10.809 1.00 25.10 ? 57  ARG A NE  1 
ATOM   440 C CZ  . ARG A 1 69 ? 2.494   9.372   -11.335 1.00 29.03 ? 57  ARG A CZ  1 
ATOM   441 N NH1 . ARG A 1 69 ? 1.334   8.815   -11.016 1.00 32.16 ? 57  ARG A NH1 1 
ATOM   442 N NH2 . ARG A 1 69 ? 2.526   10.409  -12.159 1.00 30.79 ? 57  ARG A NH2 1 
ATOM   443 N N   . CYS A 1 70 ? 6.325   4.371   -6.226  1.00 8.33  ? 58  CYS A N   1 
ATOM   444 C CA  . CYS A 1 70 ? 6.164   3.322   -5.228  1.00 9.20  ? 58  CYS A CA  1 
ATOM   445 C C   . CYS A 1 70 ? 6.783   3.730   -3.892  1.00 7.81  ? 58  CYS A C   1 
ATOM   446 O O   . CYS A 1 70 ? 6.190   3.508   -2.831  1.00 8.36  ? 58  CYS A O   1 
ATOM   447 C CB  . CYS A 1 70 ? 6.757   2.016   -5.759  1.00 9.37  ? 58  CYS A CB  1 
ATOM   448 S SG  . CYS A 1 70 ? 6.557   0.579   -4.683  1.00 10.64 ? 58  CYS A SG  1 
ATOM   449 N N   . PHE A 1 71 ? 7.967   4.351   -3.920  1.00 8.08  ? 59  PHE A N   1 
ATOM   450 C CA  . PHE A 1 71 ? 8.557   4.827   -2.670  1.00 8.29  ? 59  PHE A CA  1 
ATOM   451 C C   . PHE A 1 71 ? 7.743   5.966   -2.060  1.00 8.73  ? 59  PHE A C   1 
ATOM   452 O O   . PHE A 1 71 ? 7.614   6.052   -0.833  1.00 10.50 ? 59  PHE A O   1 
ATOM   453 C CB  . PHE A 1 71 ? 10.033  5.188   -2.864  1.00 8.06  ? 59  PHE A CB  1 
ATOM   454 C CG  . PHE A 1 71 ? 10.917  3.982   -3.095  1.00 7.88  ? 59  PHE A CG  1 
ATOM   455 C CD1 . PHE A 1 71 ? 11.284  3.163   -2.037  1.00 9.91  ? 59  PHE A CD1 1 
ATOM   456 C CD2 . PHE A 1 71 ? 11.342  3.646   -4.372  1.00 8.87  ? 59  PHE A CD2 1 
ATOM   457 C CE1 . PHE A 1 71 ? 12.071  2.040   -2.246  1.00 11.10 ? 59  PHE A CE1 1 
ATOM   458 C CE2 . PHE A 1 71 ? 12.135  2.535   -4.589  1.00 10.15 ? 59  PHE A CE2 1 
ATOM   459 C CZ  . PHE A 1 71 ? 12.495  1.726   -3.524  1.00 10.99 ? 59  PHE A CZ  1 
ATOM   460 N N   . MET A 1 72 ? 7.161   6.833   -2.894  1.00 8.52  ? 60  MET A N   1 
ATOM   461 C CA  . MET A 1 72 ? 6.247   7.848   -2.375  1.00 8.84  ? 60  MET A CA  1 
ATOM   462 C C   . MET A 1 72 ? 5.063   7.202   -1.661  1.00 9.42  ? 60  MET A C   1 
ATOM   463 O O   . MET A 1 72 ? 4.709   7.594   -0.540  1.00 9.39  ? 60  MET A O   1 
ATOM   464 C CB  . MET A 1 72 ? 5.761   8.748   -3.512  1.00 9.73  ? 60  MET A CB  1 
ATOM   465 C CG  . MET A 1 72 ? 4.844   9.874   -3.063  1.00 11.10 ? 60  MET A CG  1 
ATOM   466 S SD  . MET A 1 72 ? 4.091   10.784  -4.428  1.00 13.50 ? 60  MET A SD  1 
ATOM   467 C CE  . MET A 1 72 ? 2.970   9.541   -5.076  1.00 16.48 ? 60  MET A CE  1 
ATOM   468 N N   . ASP A 1 73 ? 4.451   6.189   -2.290  1.00 8.43  ? 61  ASP A N   1 
ATOM   469 C CA  . ASP A 1 73 ? 3.314   5.505   -1.679  1.00 9.40  ? 61  ASP A CA  1 
ATOM   470 C C   . ASP A 1 73 ? 3.707   4.850   -0.362  1.00 9.45  ? 61  ASP A C   1 
ATOM   471 O O   . ASP A 1 73 ? 2.907   4.805   0.583   1.00 10.35 ? 61  ASP A O   1 
ATOM   472 C CB  . ASP A 1 73 ? 2.786   4.416   -2.614  1.00 10.01 ? 61  ASP A CB  1 
ATOM   473 C CG  . ASP A 1 73 ? 2.064   4.958   -3.829  1.00 11.93 ? 61  ASP A CG  1 
ATOM   474 O OD1 . ASP A 1 73 ? 1.771   6.168   -3.893  1.00 13.44 ? 61  ASP A OD1 1 
ATOM   475 O OD2 . ASP A 1 73 ? 1.778   4.137   -4.726  1.00 15.52 ? 61  ASP A OD2 1 
ATOM   476 N N   . ALA A 1 74 ? 4.918   4.291   -0.299  1.00 9.62  ? 62  ALA A N   1 
ATOM   477 C CA  . ALA A 1 74 ? 5.359   3.617   0.919   1.00 10.66 ? 62  ALA A CA  1 
ATOM   478 C C   . ALA A 1 74 ? 5.521   4.609   2.062   1.00 10.60 ? 62  ALA A C   1 
ATOM   479 O O   . ALA A 1 74 ? 5.160   4.310   3.206   1.00 13.10 ? 62  ALA A O   1 
ATOM   480 C CB  . ALA A 1 74 ? 6.656   2.847   0.668   1.00 12.14 ? 62  ALA A CB  1 
ATOM   481 N N   . GLU A 1 75 ? 6.026   5.807   1.766   1.00 10.70 ? 63  GLU A N   1 
ATOM   482 C CA  . GLU A 1 75 ? 6.129   6.832   2.798   1.00 12.49 ? 63  GLU A CA  1 
ATOM   483 C C   . GLU A 1 75 ? 4.751   7.306   3.240   1.00 12.95 ? 63  GLU A C   1 
ATOM   484 O O   . GLU A 1 75 ? 4.511   7.497   4.440   1.00 13.97 ? 63  GLU A O   1 
ATOM   485 C CB  . GLU A 1 75 ? 6.980   8.000   2.308   1.00 13.59 ? 63  GLU A CB  1 
ATOM   486 C CG  . GLU A 1 75 ? 7.181   9.098   3.345   1.00 15.38 ? 63  GLU A CG  1 
ATOM   487 C CD  . GLU A 1 75 ? 8.079   8.690   4.516   1.00 18.76 ? 63  GLU A CD  1 
ATOM   488 O OE1 . GLU A 1 75 ? 8.333   9.556   5.373   1.00 21.38 ? 63  GLU A OE1 1 
ATOM   489 O OE2 . GLU A 1 75 ? 8.530   7.524   4.593   1.00 22.11 ? 63  GLU A OE2 1 
ATOM   490 N N   . ALA A 1 76 ? 3.833   7.497   2.287   1.00 11.41 ? 64  ALA A N   1 
ATOM   491 C CA  . ALA A 1 76 ? 2.463   7.860   2.637   1.00 11.67 ? 64  ALA A CA  1 
ATOM   492 C C   . ALA A 1 76 ? 1.856   6.833   3.585   1.00 12.34 ? 64  ALA A C   1 
ATOM   493 O O   . ALA A 1 76 ? 1.248   7.191   4.599   1.00 13.22 ? 64  ALA A O   1 
ATOM   494 C CB  . ALA A 1 76 ? 1.616   7.986   1.373   1.00 12.69 ? 64  ALA A CB  1 
ATOM   495 N N   . CYS A 1 77 ? 2.024   5.545   3.276   1.00 11.93 ? 65  CYS A N   1 
ATOM   496 C CA  . CYS A 1 77 ? 1.451   4.507   4.126   1.00 12.52 ? 65  CYS A CA  1 
ATOM   497 C C   . CYS A 1 77 ? 2.092   4.519   5.506   1.00 14.20 ? 65  CYS A C   1 
ATOM   498 O O   . CYS A 1 77 ? 1.401   4.373   6.524   1.00 16.18 ? 65  CYS A O   1 
ATOM   499 C CB  . CYS A 1 77 ? 1.617   3.140   3.463   1.00 12.43 ? 65  CYS A CB  1 
ATOM   500 S SG  . CYS A 1 77 ? 0.625   1.850   4.234   1.00 13.55 ? 65  CYS A SG  1 
ATOM   501 N N   . SER A 1 78 ? 3.414   4.698   5.561   1.00 14.59 ? 66  SER A N   1 
ATOM   502 C CA  . SER A 1 78 ? 4.117   4.699   6.839   1.00 17.43 ? 66  SER A CA  1 
ATOM   503 C C   . SER A 1 78 ? 3.607   5.815   7.744   1.00 18.55 ? 66  SER A C   1 
ATOM   504 O O   . SER A 1 78 ? 3.500   5.640   8.966   1.00 21.07 ? 66  SER A O   1 
ATOM   505 C CB  . SER A 1 78 ? 5.618   4.846   6.584   1.00 19.90 ? 66  SER A CB  1 
ATOM   506 O OG  . SER A 1 78 ? 6.348   4.905   7.789   1.00 25.67 ? 66  SER A OG  1 
ATOM   507 N N   . LYS A 1 79 ? 3.276   6.965   7.159   1.00 19.60 ? 67  LYS A N   1 
ATOM   508 C CA  . LYS A 1 79 ? 2.820   8.133   7.898   1.00 20.99 ? 67  LYS A CA  1 
ATOM   509 C C   . LYS A 1 79 ? 1.311   8.181   8.063   1.00 21.96 ? 67  LYS A C   1 
ATOM   510 O O   . LYS A 1 79 ? 0.816   8.986   8.854   1.00 24.01 ? 67  LYS A O   1 
ATOM   511 C CB  . LYS A 1 79 ? 3.265   9.408   7.181   1.00 24.65 ? 67  LYS A CB  1 
ATOM   512 C CG  . LYS A 1 79 ? 4.734   9.717   7.296   1.00 29.22 ? 67  LYS A CG  1 
ATOM   513 C CD  . LYS A 1 79 ? 4.944   11.216  7.136   1.00 31.99 ? 67  LYS A CD  1 
ATOM   514 C CE  . LYS A 1 79 ? 6.411   11.576  7.185   1.00 34.52 ? 67  LYS A CE  1 
ATOM   515 N NZ  . LYS A 1 79 ? 7.012   11.101  8.453   1.00 35.69 ? 67  LYS A NZ  1 
ATOM   516 N N   . GLY A 1 80 ? 0.567   7.352   7.340   1.00 19.50 ? 68  GLY A N   1 
ATOM   517 C CA  . GLY A 1 80 ? -0.884  7.421   7.370   1.00 18.86 ? 68  GLY A CA  1 
ATOM   518 C C   . GLY A 1 80 ? -1.430  8.682   6.735   1.00 19.93 ? 68  GLY A C   1 
ATOM   519 O O   . GLY A 1 80 ? -2.410  9.250   7.235   1.00 22.65 ? 68  GLY A O   1 
ATOM   520 N N   . ILE A 1 81 ? -0.822  9.134   5.640   1.00 17.90 ? 69  ILE A N   1 
ATOM   521 C CA  . ILE A 1 81 ? -1.178  10.375  4.968   1.00 17.66 ? 69  ILE A CA  1 
ATOM   522 C C   . ILE A 1 81 ? -1.389  10.092  3.483   1.00 16.69 ? 69  ILE A C   1 
ATOM   523 O O   . ILE A 1 81 ? -1.171  8.982   3.003   1.00 16.42 ? 69  ILE A O   1 
ATOM   524 C CB  . ILE A 1 81 ? -0.116  11.478  5.170   1.00 18.60 ? 69  ILE A CB  1 
ATOM   525 C CG1 . ILE A 1 81 ? 1.203   11.064  4.509   1.00 19.82 ? 69  ILE A CG1 1 
ATOM   526 C CG2 . ILE A 1 81 ? 0.075   11.776  6.656   1.00 21.84 ? 69  ILE A CG2 1 
ATOM   527 C CD1 . ILE A 1 81 ? 2.288   12.123  4.571   1.00 21.11 ? 69  ILE A CD1 1 
ATOM   528 N N   . THR A 1 82 ? -1.804  11.122  2.752   1.00 17.57 ? 70  THR A N   1 
ATOM   529 C CA  . THR A 1 82 ? -1.933  11.051  1.303   1.00 17.28 ? 70  THR A CA  1 
ATOM   530 C C   . THR A 1 82 ? -0.908  11.986  0.679   1.00 16.58 ? 70  THR A C   1 
ATOM   531 O O   . THR A 1 82 ? -0.792  13.145  1.089   1.00 19.60 ? 70  THR A O   1 
ATOM   532 C CB  . THR A 1 82 ? -3.343  11.456  0.862   1.00 19.59 ? 70  THR A CB  1 
ATOM   533 O OG1 . THR A 1 82 ? -4.291  10.512  1.372   1.00 22.91 ? 70  THR A OG1 1 
ATOM   534 C CG2 . THR A 1 82 ? -3.445  11.485  -0.652  1.00 22.14 ? 70  THR A CG2 1 
ATOM   535 N N   . LEU A 1 83 ? -0.159  11.476  -0.297  1.00 13.79 ? 71  LEU A N   1 
ATOM   536 C CA  . LEU A 1 83 ? 0.837   12.250  -1.025  1.00 13.50 ? 71  LEU A CA  1 
ATOM   537 C C   . LEU A 1 83 ? 0.503   12.203  -2.507  1.00 14.39 ? 71  LEU A C   1 
ATOM   538 O O   . LEU A 1 83 ? 0.333   11.119  -3.074  1.00 15.62 ? 71  LEU A O   1 
ATOM   539 C CB  . LEU A 1 83 ? 2.241   11.666  -0.800  1.00 13.96 ? 71  LEU A CB  1 
ATOM   540 C CG  . LEU A 1 83 ? 2.821   11.773  0.613   1.00 14.20 ? 71  LEU A CG  1 
ATOM   541 C CD1 . LEU A 1 83 ? 4.170   11.070  0.696   1.00 13.43 ? 71  LEU A CD1 1 
ATOM   542 C CD2 . LEU A 1 83 ? 2.942   13.236  1.013   1.00 15.61 ? 71  LEU A CD2 1 
ATOM   543 N N   . SER A 1 84 ? 0.409   13.370  -3.136  1.00 13.91 ? 72  SER A N   1 
ATOM   544 C CA  . SER A 1 84 ? 0.149   13.450  -4.566  1.00 14.02 ? 72  SER A CA  1 
ATOM   545 C C   . SER A 1 84 ? 1.376   13.978  -5.301  1.00 12.81 ? 72  SER A C   1 
ATOM   546 O O   . SER A 1 84 ? 2.233   14.654  -4.727  1.00 13.48 ? 72  SER A O   1 
ATOM   547 C CB  . SER A 1 84 ? -1.067  14.333  -4.871  1.00 18.99 ? 72  SER A CB  1 
ATOM   548 O OG  . SER A 1 84 ? -0.933  15.598  -4.256  1.00 23.53 ? 72  SER A OG  1 
ATOM   549 N N   . VAL A 1 85 ? 1.446   13.660  -6.589  1.00 13.04 ? 73  VAL A N   1 
ATOM   550 C CA  . VAL A 1 85 ? 2.574   14.055  -7.423  1.00 12.62 ? 73  VAL A CA  1 
ATOM   551 C C   . VAL A 1 85 ? 2.444   15.524  -7.795  1.00 12.31 ? 73  VAL A C   1 
ATOM   552 O O   . VAL A 1 85 ? 1.351   16.009  -8.111  1.00 16.66 ? 73  VAL A O   1 
ATOM   553 C CB  . VAL A 1 85 ? 2.636   13.160  -8.674  1.00 14.02 ? 73  VAL A CB  1 
ATOM   554 C CG1 . VAL A 1 85 ? 3.737   13.626  -9.618  1.00 15.50 ? 73  VAL A CG1 1 
ATOM   555 C CG2 . VAL A 1 85 ? 2.834   11.698  -8.273  1.00 15.45 ? 73  VAL A CG2 1 
ATOM   556 N N   . VAL A 1 86 ? 3.565   16.244  -7.752  1.00 11.87 ? 74  VAL A N   1 
ATOM   557 C CA  . VAL A 1 86 ? 3.652   17.600  -8.280  1.00 11.65 ? 74  VAL A CA  1 
ATOM   558 C C   . VAL A 1 86 ? 4.825   17.659  -9.250  1.00 10.98 ? 74  VAL A C   1 
ATOM   559 O O   . VAL A 1 86 ? 5.691   16.780  -9.270  1.00 12.58 ? 74  VAL A O   1 
ATOM   560 C CB  . VAL A 1 86 ? 3.791   18.676  -7.179  1.00 13.32 ? 74  VAL A CB  1 
ATOM   561 C CG1 . VAL A 1 86 ? 2.646   18.578  -6.173  1.00 15.87 ? 74  VAL A CG1 1 
ATOM   562 C CG2 . VAL A 1 86 ? 5.136   18.570  -6.487  1.00 13.40 ? 74  VAL A CG2 1 
ATOM   563 N N   . THR A 1 87 ? 4.840   18.706  -10.075 1.00 10.90 ? 75  THR A N   1 
ATOM   564 C CA  . THR A 1 87 ? 5.933   18.896  -11.019 1.00 11.01 ? 75  THR A CA  1 
ATOM   565 C C   . THR A 1 87 ? 7.173   19.367  -10.271 1.00 10.39 ? 75  THR A C   1 
ATOM   566 O O   . THR A 1 87 ? 7.101   20.288  -9.459  1.00 11.16 ? 75  THR A O   1 
ATOM   567 C CB  . THR A 1 87 ? 5.536   19.948  -12.059 1.00 13.62 ? 75  THR A CB  1 
ATOM   568 O OG1 . THR A 1 87 ? 4.260   19.611  -12.612 1.00 19.08 ? 75  THR A OG1 1 
ATOM   569 C CG2 . THR A 1 87 ? 6.559   20.011  -13.182 1.00 13.18 ? 75  THR A CG2 1 
ATOM   570 N N   . CYS A 1 88 ? 8.314   18.730  -10.523 1.00 9.58  ? 76  CYS A N   1 
ATOM   571 C CA  . CYS A 1 88 ? 9.564   19.266  -9.996  1.00 9.18  ? 76  CYS A CA  1 
ATOM   572 C C   . CYS A 1 88 ? 9.943   20.514  -10.786 1.00 9.33  ? 76  CYS A C   1 
ATOM   573 O O   . CYS A 1 88 ? 9.913   20.512  -12.021 1.00 11.37 ? 76  CYS A O   1 
ATOM   574 C CB  . CYS A 1 88 ? 10.688  18.232  -10.106 1.00 9.83  ? 76  CYS A CB  1 
ATOM   575 S SG  . CYS A 1 88 ? 10.457  16.683  -9.187  1.00 11.39 ? 76  CYS A SG  1 
ATOM   576 N N   . ARG A 1 89 ? 10.291  21.587  -10.080 1.00 9.05  ? 77  ARG A N   1 
ATOM   577 C CA  . ARG A 1 89 ? 10.783  22.795  -10.725 1.00 9.25  ? 77  ARG A CA  1 
ATOM   578 C C   . ARG A 1 89 ? 12.178  23.123  -10.211 1.00 9.61  ? 77  ARG A C   1 
ATOM   579 O O   . ARG A 1 89 ? 12.541  22.759  -9.088  1.00 10.08 ? 77  ARG A O   1 
ATOM   580 C CB  . ARG A 1 89 ? 9.831   23.994  -10.521 1.00 10.01 ? 77  ARG A CB  1 
ATOM   581 C CG  . ARG A 1 89 ? 9.744   24.522  -9.094  1.00 10.92 ? 77  ARG A CG  1 
ATOM   582 C CD  . ARG A 1 89 ? 8.959   25.836  -9.029  1.00 12.08 ? 77  ARG A CD  1 
ATOM   583 N NE  . ARG A 1 89 ? 9.146   26.490  -7.736  1.00 14.38 ? 77  ARG A NE  1 
ATOM   584 C CZ  . ARG A 1 89 ? 8.310   26.385  -6.710  1.00 15.02 ? 77  ARG A CZ  1 
ATOM   585 N NH1 . ARG A 1 89 ? 7.203   25.669  -6.826  1.00 15.44 ? 77  ARG A NH1 1 
ATOM   586 N NH2 . ARG A 1 89 ? 8.575   27.005  -5.568  1.00 18.99 ? 77  ARG A NH2 1 
ATOM   587 N N   . TYR A 1 90 ? 12.968  23.795  -11.049 1.00 9.50  ? 78  TYR A N   1 
ATOM   588 C CA  . TYR A 1 90 ? 14.355  24.109  -10.685 1.00 10.22 ? 78  TYR A CA  1 
ATOM   589 C C   . TYR A 1 90 ? 14.880  25.348  -11.396 1.00 15.01 ? 78  TYR A C   1 
ATOM   590 O O   . TYR A 1 90 ? 14.326  25.766  -12.412 1.00 12.19 ? 78  TYR A O   1 
ATOM   591 C CB  . TYR A 1 90 ? 15.272  22.913  -10.969 1.00 11.22 ? 78  TYR A CB  1 
ATOM   592 C CG  . TYR A 1 90 ? 15.466  22.588  -12.438 1.00 10.23 ? 78  TYR A CG  1 
ATOM   593 C CD1 . TYR A 1 90 ? 14.544  21.810  -13.135 1.00 10.51 ? 78  TYR A CD1 1 
ATOM   594 C CD2 . TYR A 1 90 ? 16.577  23.049  -13.131 1.00 11.54 ? 78  TYR A CD2 1 
ATOM   595 C CE1 . TYR A 1 90 ? 14.725  21.507  -14.471 1.00 11.85 ? 78  TYR A CE1 1 
ATOM   596 C CE2 . TYR A 1 90 ? 16.767  22.748  -14.461 1.00 13.56 ? 78  TYR A CE2 1 
ATOM   597 C CZ  . TYR A 1 90 ? 15.838  21.978  -15.132 1.00 13.19 ? 78  TYR A CZ  1 
ATOM   598 O OH  . TYR A 1 90 ? 16.029  21.683  -16.466 1.00 17.25 ? 78  TYR A OH  1 
HETATM 599 N N   . NO3 B 2 .  ? -7.424  -23.266 7.261   1.00 27.02 ? 101 NO3 A N   1 
HETATM 600 O O1  . NO3 B 2 .  ? -8.248  -22.675 8.011   1.00 22.19 ? 101 NO3 A O1  1 
HETATM 601 O O2  . NO3 B 2 .  ? -7.833  -24.130 6.433   1.00 25.50 ? 101 NO3 A O2  1 
HETATM 602 O O3  . NO3 B 2 .  ? -6.190  -22.989 7.339   1.00 34.35 ? 101 NO3 A O3  1 
HETATM 603 N N   . NO3 C 2 .  ? 7.650   -0.102  -8.293  1.00 20.88 ? 102 NO3 A N   1 
HETATM 604 O O1  . NO3 C 2 .  ? 8.552   0.758   -8.130  1.00 19.48 ? 102 NO3 A O1  1 
HETATM 605 O O2  . NO3 C 2 .  ? 7.843   -1.286  -7.918  1.00 18.92 ? 102 NO3 A O2  1 
HETATM 606 O O3  . NO3 C 2 .  ? 6.556   0.226   -8.841  1.00 25.67 ? 102 NO3 A O3  1 
HETATM 607 N N   . NO3 D 2 .  ? 14.519  10.067  -13.181 1.00 22.66 ? 103 NO3 A N   1 
HETATM 608 O O1  . NO3 D 2 .  ? 15.364  10.621  -13.948 1.00 28.99 ? 103 NO3 A O1  1 
HETATM 609 O O2  . NO3 D 2 .  ? 14.775  8.942   -12.677 1.00 25.95 ? 103 NO3 A O2  1 
HETATM 610 O O3  . NO3 D 2 .  ? 13.427  10.648  -12.936 1.00 27.35 ? 103 NO3 A O3  1 
HETATM 611 N N   . NO3 E 2 .  ? 6.043   25.878  -3.371  1.00 20.89 ? 104 NO3 A N   1 
HETATM 612 O O1  . NO3 E 2 .  ? 5.379   25.651  -2.315  1.00 38.42 ? 104 NO3 A O1  1 
HETATM 613 O O2  . NO3 E 2 .  ? 5.451   25.897  -4.493  1.00 26.71 ? 104 NO3 A O2  1 
HETATM 614 O O3  . NO3 E 2 .  ? 7.287   26.094  -3.291  1.00 24.57 ? 104 NO3 A O3  1 
HETATM 615 O O   . HOH F 3 .  ? 5.574   -2.225  6.431   1.00 30.61 ? 201 HOH A O   1 
HETATM 616 O O   . HOH F 3 .  ? 5.082   1.649   3.917   1.00 22.35 ? 202 HOH A O   1 
HETATM 617 O O   . HOH F 3 .  ? -3.603  -12.775 3.180   1.00 40.61 ? 203 HOH A O   1 
HETATM 618 O O   . HOH F 3 .  ? -0.537  -7.990  11.663  1.00 49.56 ? 204 HOH A O   1 
HETATM 619 O O   . HOH F 3 .  ? 2.549   -8.028  0.247   1.00 32.54 ? 205 HOH A O   1 
HETATM 620 O O   . HOH F 3 .  ? 5.039   -4.576  4.577   1.00 32.55 ? 206 HOH A O   1 
HETATM 621 O O   . HOH F 3 .  ? -11.538 -13.783 -6.921  1.00 45.53 ? 207 HOH A O   1 
HETATM 622 O O   . HOH F 3 .  ? 5.689   0.645   6.651   1.00 26.28 ? 208 HOH A O   1 
HETATM 623 O O   . HOH F 3 .  ? 0.361   -8.168  7.203   1.00 41.18 ? 209 HOH A O   1 
HETATM 624 O O   . HOH F 3 .  ? -5.164  -35.122 5.938   1.00 48.55 ? 210 HOH A O   1 
HETATM 625 O O   . HOH F 3 .  ? 16.384  -1.636  -13.989 1.00 37.52 ? 211 HOH A O   1 
HETATM 626 O O   . HOH F 3 .  ? -3.890  -7.882  -1.026  1.00 42.38 ? 212 HOH A O   1 
HETATM 627 O O   . HOH F 3 .  ? 3.410   -3.485  6.434   1.00 39.70 ? 213 HOH A O   1 
HETATM 628 O O   . HOH F 3 .  ? -0.691  3.623   -5.429  1.00 45.80 ? 214 HOH A O   1 
HETATM 629 O O   . HOH F 3 .  ? -1.076  15.169  -8.643  1.00 41.75 ? 215 HOH A O   1 
HETATM 630 O O   . HOH F 3 .  ? 19.915  5.182   -8.699  1.00 20.65 ? 216 HOH A O   1 
HETATM 631 O O   . HOH F 3 .  ? 13.480  13.887  -0.759  1.00 10.03 ? 217 HOH A O   1 
HETATM 632 O O   . HOH F 3 .  ? -15.327 -6.581  -5.464  1.00 32.58 ? 218 HOH A O   1 
HETATM 633 O O   . HOH F 3 .  ? 13.745  13.211  -13.499 1.00 24.90 ? 219 HOH A O   1 
HETATM 634 O O   . HOH F 3 .  ? 1.302   -8.372  4.862   1.00 35.67 ? 220 HOH A O   1 
HETATM 635 O O   . HOH F 3 .  ? 6.000   13.556  4.353   1.00 25.36 ? 221 HOH A O   1 
HETATM 636 O O   . HOH F 3 .  ? -0.731  16.895  -6.700  1.00 29.32 ? 222 HOH A O   1 
HETATM 637 O O   . HOH F 3 .  ? -21.425 -29.365 2.199   1.00 31.06 ? 223 HOH A O   1 
HETATM 638 O O   . HOH F 3 .  ? 4.710   -6.428  0.193   1.00 29.74 ? 224 HOH A O   1 
HETATM 639 O O   . HOH F 3 .  ? 2.397   1.593   -4.099  1.00 24.12 ? 225 HOH A O   1 
HETATM 640 O O   . HOH F 3 .  ? 12.145  -2.007  -14.040 1.00 16.72 ? 226 HOH A O   1 
HETATM 641 O O   . HOH F 3 .  ? -2.560  16.470  -2.294  1.00 46.96 ? 227 HOH A O   1 
HETATM 642 O O   . HOH F 3 .  ? -6.766  -16.535 2.592   1.00 22.24 ? 228 HOH A O   1 
HETATM 643 O O   . HOH F 3 .  ? -13.497 -16.416 1.720   1.00 16.68 ? 229 HOH A O   1 
HETATM 644 O O   . HOH F 3 .  ? 8.431   12.194  4.815   1.00 19.66 ? 230 HOH A O   1 
HETATM 645 O O   . HOH F 3 .  ? -4.567  8.489   8.669   1.00 46.14 ? 231 HOH A O   1 
HETATM 646 O O   . HOH F 3 .  ? -13.546 -12.890 8.249   1.00 14.47 ? 232 HOH A O   1 
HETATM 647 O O   . HOH F 3 .  ? -9.850  -5.312  10.203  1.00 36.91 ? 233 HOH A O   1 
HETATM 648 O O   . HOH F 3 .  ? -7.905  6.295   -1.241  1.00 32.48 ? 234 HOH A O   1 
HETATM 649 O O   . HOH F 3 .  ? 5.263   -1.338  -2.066  1.00 15.81 ? 235 HOH A O   1 
HETATM 650 O O   . HOH F 3 .  ? -20.760 -28.057 9.529   1.00 23.21 ? 236 HOH A O   1 
HETATM 651 O O   . HOH F 3 .  ? -1.127  3.767   7.312   1.00 27.02 ? 237 HOH A O   1 
HETATM 652 O O   . HOH F 3 .  ? -6.910  11.080  0.894   1.00 45.80 ? 238 HOH A O   1 
HETATM 653 O O   . HOH F 3 .  ? 17.372  8.524   -13.386 1.00 36.27 ? 239 HOH A O   1 
HETATM 654 O O   . HOH F 3 .  ? 6.396   10.098  -10.990 1.00 29.84 ? 240 HOH A O   1 
HETATM 655 O O   . HOH F 3 .  ? 14.609  21.496  -7.830  1.00 10.77 ? 241 HOH A O   1 
HETATM 656 O O   . HOH F 3 .  ? -16.036 -27.072 4.291   1.00 31.66 ? 242 HOH A O   1 
HETATM 657 O O   . HOH F 3 .  ? -4.470  0.957   -1.336  1.00 24.51 ? 243 HOH A O   1 
HETATM 658 O O   . HOH F 3 .  ? -7.069  -9.812  12.614  1.00 29.71 ? 244 HOH A O   1 
HETATM 659 O O   . HOH F 3 .  ? 14.235  4.371   -14.997 1.00 17.17 ? 245 HOH A O   1 
HETATM 660 O O   . HOH F 3 .  ? -5.014  10.850  4.011   1.00 36.85 ? 246 HOH A O   1 
HETATM 661 O O   . HOH F 3 .  ? -18.521 -24.996 9.702   1.00 20.99 ? 247 HOH A O   1 
HETATM 662 O O   . HOH F 3 .  ? 9.735   5.508   0.862   1.00 25.18 ? 248 HOH A O   1 
HETATM 663 O O   . HOH F 3 .  ? -10.017 -8.250  -5.930  1.00 27.95 ? 249 HOH A O   1 
HETATM 664 O O   . HOH F 3 .  ? 0.549   16.277  1.144   1.00 33.10 ? 250 HOH A O   1 
HETATM 665 O O   . HOH F 3 .  ? 6.057   18.173  4.592   1.00 38.85 ? 251 HOH A O   1 
HETATM 666 O O   . HOH F 3 .  ? -7.795  -25.652 4.102   1.00 31.93 ? 252 HOH A O   1 
HETATM 667 O O   . HOH F 3 .  ? 7.465   14.788  -10.094 1.00 10.94 ? 253 HOH A O   1 
HETATM 668 O O   . HOH F 3 .  ? 8.919   4.933   3.601   1.00 26.23 ? 254 HOH A O   1 
HETATM 669 O O   . HOH F 3 .  ? -6.740  -34.277 7.536   1.00 36.56 ? 255 HOH A O   1 
HETATM 670 O O   . HOH F 3 .  ? -9.553  -15.913 -3.390  1.00 25.89 ? 256 HOH A O   1 
HETATM 671 O O   . HOH F 3 .  ? -3.322  -14.929 5.254   1.00 20.54 ? 257 HOH A O   1 
HETATM 672 O O   . HOH F 3 .  ? -4.588  8.557   4.823   1.00 35.48 ? 258 HOH A O   1 
HETATM 673 O O   . HOH F 3 .  ? 0.321   7.159   -6.096  1.00 26.86 ? 259 HOH A O   1 
HETATM 674 O O   . HOH F 3 .  ? 10.469  11.390  -13.151 1.00 22.88 ? 260 HOH A O   1 
HETATM 675 O O   . HOH F 3 .  ? 18.238  1.066   -11.441 1.00 35.82 ? 261 HOH A O   1 
HETATM 676 O O   . HOH F 3 .  ? 15.819  27.503  -14.094 1.00 23.06 ? 262 HOH A O   1 
HETATM 677 O O   . HOH F 3 .  ? -1.380  10.078  10.290  1.00 44.11 ? 263 HOH A O   1 
HETATM 678 O O   . HOH F 3 .  ? 12.966  7.904   -2.098  1.00 8.86  ? 264 HOH A O   1 
HETATM 679 O O   . HOH F 3 .  ? -4.457  7.671   1.438   1.00 23.41 ? 265 HOH A O   1 
HETATM 680 O O   . HOH F 3 .  ? -1.354  -8.965  1.541   1.00 25.50 ? 266 HOH A O   1 
HETATM 681 O O   . HOH F 3 .  ? 3.864   0.606   0.669   1.00 16.19 ? 267 HOH A O   1 
HETATM 682 O O   . HOH F 3 .  ? 9.780   14.474  -11.997 1.00 16.92 ? 268 HOH A O   1 
HETATM 683 O O   . HOH F 3 .  ? -7.937  -6.744  -1.990  1.00 15.60 ? 269 HOH A O   1 
HETATM 684 O O   . HOH F 3 .  ? 12.819  7.634   -15.224 1.00 20.85 ? 270 HOH A O   1 
HETATM 685 O O   . HOH F 3 .  ? -21.770 -23.369 8.216   1.00 25.24 ? 271 HOH A O   1 
HETATM 686 O O   . HOH F 3 .  ? 18.597  22.303  -17.620 1.00 32.10 ? 272 HOH A O   1 
HETATM 687 O O   . HOH F 3 .  ? -6.225  -10.556 15.336  1.00 43.94 ? 273 HOH A O   1 
HETATM 688 O O   . HOH F 3 .  ? 8.018   18.373  -3.841  1.00 15.49 ? 274 HOH A O   1 
HETATM 689 O O   . HOH F 3 .  ? 8.989   5.821   7.025   1.00 43.73 ? 275 HOH A O   1 
HETATM 690 O O   . HOH F 3 .  ? -5.149  3.820   -1.971  1.00 30.73 ? 276 HOH A O   1 
HETATM 691 O O   . HOH F 3 .  ? 1.660   -2.030  7.895   1.00 28.25 ? 277 HOH A O   1 
HETATM 692 O O   . HOH F 3 .  ? 2.332   4.150   -7.598  1.00 31.07 ? 278 HOH A O   1 
HETATM 693 O O   . HOH F 3 .  ? -5.776  -5.035  -1.377  1.00 19.37 ? 279 HOH A O   1 
HETATM 694 O O   . HOH F 3 .  ? 4.365   1.363   -2.020  1.00 13.69 ? 280 HOH A O   1 
HETATM 695 O O   . HOH F 3 .  ? 1.367   6.112   10.921  1.00 41.74 ? 281 HOH A O   1 
HETATM 696 O O   . HOH F 3 .  ? 11.622  10.168  -15.197 1.00 33.04 ? 282 HOH A O   1 
HETATM 697 O O   . HOH F 3 .  ? -6.615  -2.750  9.228   1.00 30.38 ? 283 HOH A O   1 
HETATM 698 O O   . HOH F 3 .  ? -6.803  -13.139 0.041   1.00 19.93 ? 284 HOH A O   1 
HETATM 699 O O   . HOH F 3 .  ? 7.369   6.236   -10.600 1.00 18.21 ? 285 HOH A O   1 
HETATM 700 O O   . HOH F 3 .  ? -3.781  4.463   7.359   1.00 39.44 ? 286 HOH A O   1 
HETATM 701 O O   . HOH F 3 .  ? 17.733  1.361   -13.825 1.00 32.64 ? 287 HOH A O   1 
HETATM 702 O O   . HOH F 3 .  ? 10.885  20.634  1.473   1.00 24.99 ? 288 HOH A O   1 
HETATM 703 O O   . HOH F 3 .  ? -7.293  -29.953 6.727   1.00 29.07 ? 289 HOH A O   1 
HETATM 704 O O   . HOH F 3 .  ? -6.339  -2.594  -1.190  1.00 24.61 ? 290 HOH A O   1 
HETATM 705 O O   . HOH F 3 .  ? 4.915   20.335  -2.721  1.00 33.81 ? 291 HOH A O   1 
HETATM 706 O O   . HOH F 3 .  ? -2.955  13.615  3.902   1.00 30.99 ? 292 HOH A O   1 
HETATM 707 O O   . HOH F 3 .  ? -10.565 -22.430 2.388   1.00 18.50 ? 293 HOH A O   1 
HETATM 708 O O   . HOH F 3 .  ? -5.544  -16.001 8.929   1.00 15.60 ? 294 HOH A O   1 
HETATM 709 O O   . HOH F 3 .  ? -0.692  11.829  -7.619  1.00 23.43 ? 295 HOH A O   1 
HETATM 710 O O   . HOH F 3 .  ? 6.965   3.332   -8.977  1.00 15.60 ? 296 HOH A O   1 
HETATM 711 O O   . HOH F 3 .  ? 1.205   10.998  -14.799 1.00 30.06 ? 297 HOH A O   1 
HETATM 712 O O   . HOH F 3 .  ? -1.804  2.689   -3.301  1.00 36.27 ? 298 HOH A O   1 
HETATM 713 O O   . HOH F 3 .  ? -12.696 -7.095  13.848  1.00 43.11 ? 299 HOH A O   1 
HETATM 714 O O   . HOH F 3 .  ? 7.273   -3.969  5.861   1.00 17.81 ? 300 HOH A O   1 
HETATM 715 O O   . HOH F 3 .  ? -5.375  -20.119 7.958   1.00 19.80 ? 301 HOH A O   1 
HETATM 716 O O   . HOH F 3 .  ? 1.772   2.580   8.971   1.00 41.92 ? 302 HOH A O   1 
HETATM 717 O O   . HOH F 3 .  ? -6.492  1.549   4.593   1.00 18.86 ? 303 HOH A O   1 
HETATM 718 O O   . HOH F 3 .  ? 15.496  -2.296  -11.981 1.00 37.74 ? 304 HOH A O   1 
HETATM 719 O O   . HOH F 3 .  ? 11.608  6.791   4.307   1.00 49.74 ? 305 HOH A O   1 
HETATM 720 O O   . HOH F 3 .  ? 7.018   1.918   8.640   1.00 38.94 ? 306 HOH A O   1 
HETATM 721 O O   . HOH F 3 .  ? 2.736   -7.258  9.389   1.00 43.35 ? 307 HOH A O   1 
HETATM 722 O O   . HOH F 3 .  ? -2.200  -12.296 1.322   1.00 37.69 ? 308 HOH A O   1 
HETATM 723 O O   . HOH F 3 .  ? 4.102   -5.931  -2.731  1.00 30.50 ? 309 HOH A O   1 
HETATM 724 O O   . HOH F 3 .  ? -3.582  -18.008 13.916  1.00 43.15 ? 310 HOH A O   1 
HETATM 725 O O   . HOH F 3 .  ? -17.534 -23.616 1.786   1.00 42.28 ? 311 HOH A O   1 
HETATM 726 O O   . HOH F 3 .  ? -1.249  -9.215  -1.826  1.00 40.94 ? 312 HOH A O   1 
HETATM 727 O O   . HOH F 3 .  ? -0.559  11.486  -10.680 1.00 44.52 ? 313 HOH A O   1 
HETATM 728 O O   . HOH F 3 .  ? 6.984   -8.644  -8.454  1.00 43.08 ? 314 HOH A O   1 
HETATM 729 O O   . HOH F 3 .  ? -4.488  -16.969 16.582  0.50 33.66 ? 315 HOH A O   1 
HETATM 730 O O   . HOH F 3 .  ? -11.125 -6.814  12.652  1.00 47.23 ? 316 HOH A O   1 
HETATM 731 O O   . HOH F 3 .  ? 4.204   2.746   -8.691  1.00 29.38 ? 317 HOH A O   1 
HETATM 732 O O   . HOH F 3 .  ? 1.129   6.274   -8.577  1.00 38.99 ? 318 HOH A O   1 
HETATM 733 O O   . HOH F 3 .  ? 15.497  12.582  -16.969 1.00 46.24 ? 319 HOH A O   1 
HETATM 734 O O   . HOH F 3 .  ? 1.588   -6.530  3.477   1.00 45.09 ? 320 HOH A O   1 
HETATM 735 O O   . HOH F 3 .  ? -7.082  -9.399  -2.905  1.00 37.41 ? 321 HOH A O   1 
HETATM 736 O O   . HOH F 3 .  ? -8.431  -7.498  13.138  1.00 34.21 ? 322 HOH A O   1 
HETATM 737 O O   . HOH F 3 .  ? 0.301   -11.174 1.699   1.00 38.09 ? 323 HOH A O   1 
HETATM 738 O O   . HOH F 3 .  ? -18.954 -27.262 11.411  1.00 15.85 ? 324 HOH A O   1 
HETATM 739 O O   . HOH F 3 .  ? -22.544 -27.192 6.643   1.00 41.61 ? 325 HOH A O   1 
HETATM 740 O O   . HOH F 3 .  ? -6.786  7.085   3.304   1.00 35.00 ? 326 HOH A O   1 
HETATM 741 O O   . HOH F 3 .  ? 12.424  14.909  -11.825 1.00 18.94 ? 327 HOH A O   1 
HETATM 742 O O   . HOH F 3 .  ? -5.648  8.158   -1.241  1.00 41.14 ? 328 HOH A O   1 
HETATM 743 O O   . HOH F 3 .  ? 14.644  -4.031  -14.417 1.00 24.77 ? 329 HOH A O   1 
HETATM 744 O O   . HOH F 3 .  ? 3.594   0.146   -6.476  1.00 38.75 ? 330 HOH A O   1 
HETATM 745 O O   . HOH F 3 .  ? -7.518  5.410   5.205   1.00 37.71 ? 331 HOH A O   1 
HETATM 746 O O   . HOH F 3 .  ? 19.578  3.212   -11.666 1.00 52.58 ? 332 HOH A O   1 
HETATM 747 O O   . HOH F 3 .  ? 4.683   7.483   -14.243 1.00 42.58 ? 333 HOH A O   1 
HETATM 748 O O   . HOH F 3 .  ? -4.420  -11.459 -0.215  1.00 38.36 ? 334 HOH A O   1 
HETATM 749 O O   . HOH F 3 .  ? 9.784   13.359  6.587   1.00 41.30 ? 335 HOH A O   1 
HETATM 750 O O   . HOH F 3 .  ? -2.047  -8.047  13.091  1.00 48.12 ? 336 HOH A O   1 
HETATM 751 O O   . HOH F 3 .  ? 1.838   16.511  3.278   1.00 31.33 ? 337 HOH A O   1 
HETATM 752 O O   . HOH F 3 .  ? 0.242   0.006   8.717   1.00 43.94 ? 338 HOH A O   1 
HETATM 753 O O   . HOH F 3 .  ? -1.329  17.934  1.312   1.00 49.25 ? 339 HOH A O   1 
HETATM 754 O O   . HOH F 3 .  ? -5.473  -14.709 1.360   1.00 38.81 ? 340 HOH A O   1 
HETATM 755 O O   . HOH F 3 .  ? 19.092  7.955   -12.326 1.00 43.80 ? 341 HOH A O   1 
HETATM 756 O O   . HOH F 3 .  ? 19.784  7.362   -10.453 1.00 39.85 ? 342 HOH A O   1 
HETATM 757 O O   . HOH F 3 .  ? 16.617  23.251  -7.256  1.00 15.10 ? 343 HOH A O   1 
HETATM 758 O O   . HOH F 3 .  ? -4.954  -16.991 4.637   1.00 18.91 ? 344 HOH A O   1 
HETATM 759 O O   . HOH F 3 .  ? 4.145   14.733  5.783   1.00 39.87 ? 345 HOH A O   1 
HETATM 760 O O   . HOH F 3 .  ? -20.430 -24.693 1.605   1.00 42.38 ? 346 HOH A O   1 
HETATM 761 O O   . HOH F 3 .  ? -22.465 -24.626 3.231   1.00 39.38 ? 347 HOH A O   1 
HETATM 762 O O   . HOH F 3 .  ? 7.239   16.038  5.928   1.00 38.12 ? 348 HOH A O   1 
HETATM 763 O O   . HOH F 3 .  ? -3.312  12.976  -7.444  1.00 46.73 ? 349 HOH A O   1 
HETATM 764 O O   . HOH F 3 .  ? 19.020  -0.084  -15.763 1.00 38.10 ? 350 HOH A O   1 
HETATM 765 O O   . HOH F 3 .  ? -3.146  10.741  -11.537 1.00 46.12 ? 351 HOH A O   1 
HETATM 766 O O   . HOH F 3 .  ? 3.037   3.948   -11.128 1.00 44.59 ? 352 HOH A O   1 
HETATM 767 O O   . HOH F 3 .  ? 20.785  4.854   -12.643 1.00 38.10 ? 353 HOH A O   1 
HETATM 768 O O   . HOH F 3 .  ? -3.365  -33.432 9.179   1.00 47.01 ? 354 HOH A O   1 
HETATM 769 O O   . HOH F 3 .  ? 1.440   1.321   -11.190 1.00 45.46 ? 355 HOH A O   1 
HETATM 770 O O   . HOH F 3 .  ? 2.810   14.883  7.352   1.00 47.87 ? 356 HOH A O   1 
# 
loop_
_atom_site_anisotrop.id 
_atom_site_anisotrop.type_symbol 
_atom_site_anisotrop.pdbx_label_atom_id 
_atom_site_anisotrop.pdbx_label_alt_id 
_atom_site_anisotrop.pdbx_label_comp_id 
_atom_site_anisotrop.pdbx_label_asym_id 
_atom_site_anisotrop.pdbx_label_seq_id 
_atom_site_anisotrop.pdbx_PDB_ins_code 
_atom_site_anisotrop.U[1][1] 
_atom_site_anisotrop.U[2][2] 
_atom_site_anisotrop.U[3][3] 
_atom_site_anisotrop.U[1][2] 
_atom_site_anisotrop.U[1][3] 
_atom_site_anisotrop.U[2][3] 
_atom_site_anisotrop.pdbx_auth_seq_id 
_atom_site_anisotrop.pdbx_auth_comp_id 
_atom_site_anisotrop.pdbx_auth_asym_id 
_atom_site_anisotrop.pdbx_auth_atom_id 
1   N N   . GLY A 13 ? 0.3090 0.2976 0.2876 0.0200  0.0790  0.0172  1  GLY A N   
2   C CA  . GLY A 13 ? 0.2872 0.2823 0.2001 0.0026  0.0931  0.0175  1  GLY A CA  
3   C C   . GLY A 13 ? 0.2130 0.1996 0.1438 -0.0063 0.0930  -0.0115 1  GLY A C   
4   O O   . GLY A 13 ? 0.2598 0.2026 0.1496 -0.0071 0.0521  -0.0155 1  GLY A O   
5   N N   . LEU A 14 ? 0.1898 0.1528 0.1708 0.0056  0.0733  -0.0047 2  LEU A N   
6   C CA  . LEU A 14 ? 0.1990 0.1035 0.1391 0.0227  0.0583  -0.0133 2  LEU A CA  
7   C C   . LEU A 14 ? 0.1854 0.1165 0.1256 0.0276  0.0512  -0.0163 2  LEU A C   
8   O O   . LEU A 14 ? 0.1664 0.1293 0.1653 0.0319  0.0112  -0.0215 2  LEU A O   
9   C CB  . LEU A 14 ? 0.2288 0.1307 0.1522 0.0133  0.0435  0.0161  2  LEU A CB  
10  C CG  . LEU A 14 ? 0.2336 0.1360 0.1254 0.0042  0.0337  0.0115  2  LEU A CG  
11  C CD1 . LEU A 14 ? 0.2309 0.1635 0.1611 0.0282  0.0321  0.0226  2  LEU A CD1 
12  C CD2 . LEU A 14 ? 0.2885 0.1701 0.1600 -0.0090 0.0125  0.0372  2  LEU A CD2 
13  N N   . VAL A 15 ? 0.1548 0.0888 0.1145 0.0349  0.0455  -0.0227 3  VAL A N   
14  C CA  . VAL A 15 ? 0.1609 0.0900 0.1285 0.0218  0.0328  -0.0024 3  VAL A CA  
15  C C   . VAL A 15 ? 0.1432 0.0732 0.1177 0.0116  0.0010  -0.0100 3  VAL A C   
16  O O   . VAL A 15 ? 0.1654 0.0745 0.1048 0.0064  0.0266  -0.0179 3  VAL A O   
17  C CB  . VAL A 15 ? 0.1627 0.1226 0.1264 -0.0020 0.0210  0.0019  3  VAL A CB  
18  C CG1 . VAL A 15 ? 0.1819 0.1670 0.1307 -0.0149 0.0342  0.0056  3  VAL A CG1 
19  C CG2 . VAL A 15 ? 0.2171 0.1200 0.1352 -0.0095 0.0233  0.0017  3  VAL A CG2 
20  N N   . PRO A 16 ? 0.1421 0.0714 0.1119 0.0173  0.0026  -0.0026 4  PRO A N   
21  C CA  . PRO A 16 ? 0.1331 0.0747 0.1239 0.0100  -0.0032 -0.0061 4  PRO A CA  
22  C C   . PRO A 16 ? 0.1168 0.0646 0.1295 -0.0077 -0.0122 -0.0077 4  PRO A C   
23  O O   . PRO A 16 ? 0.1415 0.0971 0.1612 -0.0042 0.0040  0.0344  4  PRO A O   
24  C CB  . PRO A 16 ? 0.1445 0.0616 0.1229 0.0045  0.0038  -0.0036 4  PRO A CB  
25  C CG  . PRO A 16 ? 0.1983 0.0832 0.1048 0.0269  0.0157  -0.0164 4  PRO A CG  
26  C CD  . PRO A 16 ? 0.1755 0.0893 0.0957 0.0095  -0.0008 -0.0173 4  PRO A CD  
27  N N   . ARG A 17 ? 0.1423 0.0812 0.1550 0.0046  -0.0158 -0.0133 5  ARG A N   
28  C CA  . ARG A 17 ? 0.1428 0.0892 0.1843 -0.0336 -0.0615 0.0116  5  ARG A CA  
29  C C   . ARG A 17 ? 0.1725 0.1248 0.2470 -0.0364 -0.0355 0.0558  5  ARG A C   
30  O O   . ARG A 17 ? 0.1419 0.1162 0.2972 0.0098  0.0080  0.0395  5  ARG A O   
31  C CB  . ARG A 17 ? 0.1839 0.1346 0.1647 -0.0304 -0.0649 0.0287  5  ARG A CB  
32  C CG  . ARG A 17 ? 0.1959 0.1656 0.1848 -0.0728 -0.0819 0.0602  5  ARG A CG  
33  C CD  . ARG A 17 ? 0.2064 0.1590 0.2233 -0.0439 -0.0793 0.0522  5  ARG A CD  
34  N NE  . ARG A 17 ? 0.2766 0.2042 0.2098 -0.0285 -0.0790 0.0360  5  ARG A NE  
35  C CZ  . ARG A 17 ? 0.3011 0.1977 0.2020 -0.0275 -0.0588 0.0315  5  ARG A CZ  
36  N NH1 . ARG A 17 ? 0.3261 0.2442 0.1942 -0.0314 -0.0620 0.0461  5  ARG A NH1 
37  N NH2 . ARG A 17 ? 0.3254 0.2076 0.2199 -0.0228 -0.0532 0.0311  5  ARG A NH2 
38  N N   . GLY A 18 ? 0.1908 0.1036 0.2725 -0.0420 -0.0743 0.0508  6  GLY A N   
39  C CA  . GLY A 18 ? 0.1755 0.1010 0.3171 -0.0135 -0.0599 0.0545  6  GLY A CA  
40  C C   . GLY A 18 ? 0.1494 0.0913 0.3213 -0.0089 -0.0255 0.0306  6  GLY A C   
41  O O   . GLY A 18 ? 0.1347 0.1115 0.3520 -0.0232 -0.0022 0.0493  6  GLY A O   
42  N N   . SER A 19 ? 0.1227 0.1106 0.2786 -0.0113 -0.0184 0.0171  7  SER A N   
43  C CA  . SER A 19 ? 0.1050 0.1047 0.2469 -0.0265 -0.0296 0.0251  7  SER A CA  
44  C C   . SER A 19 ? 0.1178 0.0935 0.1937 -0.0021 -0.0228 0.0096  7  SER A C   
45  O O   . SER A 19 ? 0.1839 0.1007 0.1871 -0.0146 -0.0235 0.0077  7  SER A O   
46  C CB  . SER A 19 ? 0.1090 0.0863 0.2141 0.0144  0.0090  0.0171  7  SER A CB  
47  O OG  . SER A 19 ? 0.1136 0.1002 0.1989 0.0058  0.0145  0.0273  7  SER A OG  
48  N N   . HIS A 20 ? 0.1160 0.0884 0.1576 -0.0128 -0.0094 0.0168  8  HIS A N   
49  C CA  . HIS A 20 ? 0.1331 0.1164 0.1285 -0.0042 0.0011  0.0264  8  HIS A CA  
50  C C   . HIS A 20 ? 0.1015 0.0872 0.1123 -0.0091 0.0085  0.0146  8  HIS A C   
51  O O   . HIS A 20 ? 0.1068 0.1045 0.1178 0.0135  -0.0104 0.0063  8  HIS A O   
52  C CB  . HIS A 20 ? 0.1698 0.1287 0.1643 0.0374  0.0093  0.0288  8  HIS A CB  
53  C CG  . HIS A 20 ? 0.2237 0.1348 0.2055 0.0625  -0.0102 -0.0029 8  HIS A CG  
54  N ND1 . HIS A 20 ? 0.1937 0.1703 0.2266 0.0522  0.0058  0.0363  8  HIS A ND1 
55  C CD2 . HIS A 20 ? 0.2243 0.1653 0.2133 0.0691  -0.0169 -0.0174 8  HIS A CD2 
56  C CE1 . HIS A 20 ? 0.1998 0.2070 0.2408 0.0769  0.0144  0.0360  8  HIS A CE1 
57  N NE2 . HIS A 20 ? 0.2475 0.2152 0.2361 0.0503  0.0090  0.0193  8  HIS A NE2 
58  N N   . MET A 21 ? 0.1259 0.0781 0.1515 0.0076  0.0109  0.0281  9  MET A N   
59  C CA  . MET A 21 ? 0.0990 0.0796 0.1927 0.0248  0.0262  0.0291  9  MET A CA  
60  C C   . MET A 21 ? 0.0750 0.0805 0.1662 0.0192  0.0052  0.0250  9  MET A C   
61  O O   . MET A 21 ? 0.1098 0.1048 0.1449 0.0003  -0.0134 0.0243  9  MET A O   
62  C CB  . MET A 21 ? 0.1338 0.1204 0.2423 0.0588  0.0085  0.0384  9  MET A CB  
63  C CG  . MET A 21 ? 0.1592 0.1964 0.3076 0.0873  0.0271  0.0545  9  MET A CG  
64  S SD  . MET A 21 ? 0.2320 0.3417 0.4421 0.1337  0.0728  0.1104  9  MET A SD  
65  C CE  . MET A 21 ? 0.2937 0.3353 0.4769 0.1260  0.0280  0.0859  9  MET A CE  
66  N N   . ALA A 22 ? 0.0937 0.0692 0.1681 0.0057  0.0166  0.0260  10 ALA A N   
67  C CA  . ALA A 22 ? 0.0833 0.0802 0.1496 -0.0053 -0.0025 0.0100  10 ALA A CA  
68  C C   . ALA A 22 ? 0.0810 0.1029 0.1635 -0.0038 -0.0310 0.0248  10 ALA A C   
69  O O   . ALA A 22 ? 0.0912 0.1090 0.1871 0.0011  -0.0187 0.0447  10 ALA A O   
70  C CB  . ALA A 22 ? 0.1011 0.0949 0.1726 -0.0207 -0.0222 -0.0017 10 ALA A CB  
71  N N   . THR A 23 ? 0.1009 0.1122 0.1370 -0.0108 -0.0225 0.0273  11 THR A N   
72  C CA  . THR A 23 ? 0.0951 0.1008 0.1445 -0.0120 -0.0007 0.0297  11 THR A CA  
73  C C   . THR A 23 ? 0.0843 0.1201 0.1529 0.0170  -0.0011 0.0428  11 THR A C   
74  O O   . THR A 23 ? 0.0840 0.1159 0.1518 0.0113  -0.0173 0.0297  11 THR A O   
75  C CB  . THR A 23 ? 0.1464 0.1292 0.1472 0.0175  -0.0171 0.0078  11 THR A CB  
76  O OG1 . THR A 23 ? 0.1465 0.1701 0.1942 0.0124  -0.0380 0.0095  11 THR A OG1 
77  C CG2 . THR A 23 ? 0.1870 0.1177 0.2031 0.0309  0.0090  -0.0010 11 THR A CG2 
78  N N   . CYS A 24 ? 0.1011 0.0929 0.1613 0.0058  0.0040  0.0388  12 CYS A N   
79  C CA  . CYS A 24 ? 0.0883 0.1118 0.1889 0.0078  -0.0330 0.0469  12 CYS A CA  
80  C C   . CYS A 24 ? 0.0922 0.1289 0.1560 0.0161  -0.0030 0.0420  12 CYS A C   
81  O O   . CYS A 24 ? 0.0922 0.1188 0.1690 0.0106  -0.0011 0.0474  12 CYS A O   
82  C CB  . CYS A 24 ? 0.0787 0.1541 0.1796 -0.0090 -0.0283 0.0566  12 CYS A CB  
83  S SG  . CYS A 24 ? 0.1041 0.1480 0.2245 -0.0205 -0.0315 0.0619  12 CYS A SG  
84  N N   . ASP A 25 ? 0.1113 0.1361 0.1347 0.0058  -0.0051 0.0182  13 ASP A N   
85  C CA  . ASP A 25 ? 0.1138 0.1304 0.1486 0.0182  0.0193  0.0229  13 ASP A CA  
86  C C   . ASP A 25 ? 0.1127 0.1710 0.1158 0.0172  0.0103  0.0445  13 ASP A C   
87  O O   . ASP A 25 ? 0.1444 0.1865 0.1507 0.0316  0.0117  0.0620  13 ASP A O   
88  C CB  . ASP A 25 ? 0.1916 0.1587 0.1602 0.0512  -0.0005 -0.0099 13 ASP A CB  
89  C CG  . ASP A 25 ? 0.2115 0.1806 0.1807 0.0515  0.0113  -0.0067 13 ASP A CG  
90  O OD1 . ASP A 25 ? 0.2030 0.1823 0.1972 0.0518  0.0027  0.0123  13 ASP A OD1 
91  O OD2 . ASP A 25 ? 0.3240 0.2412 0.1861 0.0890  0.0395  -0.0058 13 ASP A OD2 
92  N N   . HIS A 26 ? 0.0799 0.1222 0.1354 0.0114  -0.0110 0.0222  14 HIS A N   
93  C CA  . HIS A 26 ? 0.0898 0.1012 0.1666 0.0220  -0.0150 0.0252  14 HIS A CA  
94  C C   . HIS A 26 ? 0.0727 0.1054 0.1397 0.0265  -0.0015 0.0169  14 HIS A C   
95  O O   . HIS A 26 ? 0.0756 0.1241 0.1357 0.0076  -0.0129 0.0356  14 HIS A O   
96  C CB  . HIS A 26 ? 0.0905 0.1254 0.1389 0.0120  -0.0246 0.0201  14 HIS A CB  
97  C CG  . HIS A 26 ? 0.1139 0.1367 0.1253 0.0178  -0.0262 -0.0023 14 HIS A CG  
98  N ND1 . HIS A 26 ? 0.1963 0.1810 0.1462 -0.0064 -0.0466 0.0046  14 HIS A ND1 
99  C CD2 . HIS A 26 ? 0.1525 0.1633 0.1724 0.0150  -0.0246 0.0103  14 HIS A CD2 
100 C CE1 . HIS A 26 ? 0.2062 0.1726 0.1740 0.0022  -0.0413 -0.0204 14 HIS A CE1 
101 N NE2 . HIS A 26 ? 0.1682 0.1814 0.1968 0.0070  -0.0174 -0.0058 14 HIS A NE2 
102 N N   . PHE A 27 ? 0.0997 0.1095 0.1323 0.0122  -0.0179 0.0103  15 PHE A N   
103 C CA  . PHE A 27 ? 0.0757 0.1259 0.1396 0.0068  -0.0138 0.0123  15 PHE A CA  
104 C C   . PHE A 27 ? 0.0752 0.1344 0.1577 0.0211  0.0024  0.0098  15 PHE A C   
105 O O   . PHE A 27 ? 0.1185 0.1416 0.1651 0.0202  0.0264  0.0403  15 PHE A O   
106 C CB  . PHE A 27 ? 0.0761 0.1264 0.1580 0.0151  -0.0035 0.0229  15 PHE A CB  
107 C CG  . PHE A 27 ? 0.0589 0.1217 0.1554 -0.0169 0.0022  0.0429  15 PHE A CG  
108 C CD1 . PHE A 27 ? 0.0988 0.1266 0.1587 -0.0054 0.0138  0.0465  15 PHE A CD1 
109 C CD2 . PHE A 27 ? 0.1242 0.1052 0.1626 -0.0140 0.0016  0.0269  15 PHE A CD2 
110 C CE1 . PHE A 27 ? 0.1026 0.1075 0.1649 -0.0066 -0.0019 0.0448  15 PHE A CE1 
111 C CE2 . PHE A 27 ? 0.1389 0.0937 0.1753 -0.0246 0.0133  0.0261  15 PHE A CE2 
112 C CZ  . PHE A 27 ? 0.0930 0.0987 0.1801 0.0031  -0.0053 0.0357  15 PHE A CZ  
121 N N   . CYS A 29 ? 0.0951 0.1540 0.2119 -0.0258 -0.0403 0.0635  17 CYS A N   
122 C CA  . CYS A 29 ? 0.0796 0.1588 0.2381 -0.0273 -0.0344 0.0558  17 CYS A CA  
123 C C   . CYS A 29 ? 0.1097 0.1489 0.2492 -0.0503 -0.0151 0.0598  17 CYS A C   
124 O O   . CYS A 29 ? 0.1452 0.1912 0.2694 -0.0482 -0.0053 0.0704  17 CYS A O   
127 N N   . LEU A 30 ? 0.1164 0.1293 0.2682 -0.0417 -0.0171 0.0654  18 LEU A N   
128 C CA  . LEU A 30 ? 0.1274 0.1451 0.3272 -0.0381 -0.0317 0.0841  18 LEU A CA  
129 C C   . LEU A 30 ? 0.1409 0.1661 0.2965 -0.0453 -0.0491 0.0787  18 LEU A C   
130 O O   . LEU A 30 ? 0.1543 0.1941 0.3266 -0.0555 -0.0376 0.1193  18 LEU A O   
131 C CB  . LEU A 30 ? 0.1283 0.1495 0.3872 -0.0320 -0.0305 0.0740  18 LEU A CB  
132 C CG  . LEU A 30 ? 0.1543 0.1742 0.4246 -0.0377 -0.0272 0.0669  18 LEU A CG  
133 C CD1 . LEU A 30 ? 0.1809 0.1897 0.4399 0.0025  0.0092  0.0586  18 LEU A CD1 
134 C CD2 . LEU A 30 ? 0.2148 0.2206 0.4422 -0.0472 -0.0731 0.0769  18 LEU A CD2 
135 N N   . GLN A 31 ? 0.1179 0.1704 0.2763 -0.0540 -0.0454 0.0642  19 GLN A N   
136 C CA  . GLN A 31 ? 0.1344 0.1862 0.2524 -0.0736 -0.0202 0.0637  19 GLN A CA  
137 C C   . GLN A 31 ? 0.1290 0.1672 0.2417 -0.0683 -0.0198 0.0631  19 GLN A C   
138 O O   . GLN A 31 ? 0.1374 0.1634 0.2573 -0.0692 -0.0372 0.0648  19 GLN A O   
139 C CB  . GLN A 31 ? 0.1184 0.2122 0.2330 -0.0748 -0.0264 0.0576  19 GLN A CB  
140 C CG  . GLN A 31 ? 0.1125 0.2161 0.2614 -0.0682 -0.0331 0.0472  19 GLN A CG  
141 C CD  . GLN A 31 ? 0.1330 0.2096 0.2656 -0.0569 0.0061  0.0123  19 GLN A CD  
142 O OE1 . GLN A 31 ? 0.1589 0.2473 0.3125 -0.0597 0.0274  0.0160  19 GLN A OE1 
143 N NE2 . GLN A 31 ? 0.1405 0.1762 0.2619 -0.0621 0.0117  0.0130  19 GLN A NE2 
144 N N   . GLN A 32 ? 0.1205 0.1707 0.2387 -0.0613 0.0010  0.0630  20 GLN A N   
145 C CA  . GLN A 32 ? 0.1144 0.1673 0.2366 -0.0465 -0.0016 0.0795  20 GLN A CA  
146 C C   . GLN A 32 ? 0.1227 0.1586 0.2246 -0.0417 -0.0050 0.0692  20 GLN A C   
147 O O   . GLN A 32 ? 0.1137 0.1604 0.2305 -0.0512 0.0001  0.0705  20 GLN A O   
148 C CB  . GLN A 32 ? 0.1178 0.1551 0.2652 -0.0327 0.0202  0.0756  20 GLN A CB  
149 C CG  . GLN A 32 ? 0.1149 0.1254 0.2474 -0.0315 0.0257  0.0593  20 GLN A CG  
150 C CD  . GLN A 32 ? 0.1243 0.0981 0.2694 -0.0106 0.0150  0.0333  20 GLN A CD  
151 O OE1 . GLN A 32 ? 0.1886 0.1053 0.2705 -0.0242 0.0424  0.0283  20 GLN A OE1 
152 N NE2 . GLN A 32 ? 0.1179 0.1328 0.2517 -0.0293 0.0322  0.0614  20 GLN A NE2 
153 N N   . GLY A 33 ? 0.1504 0.1286 0.2286 -0.0582 0.0006  0.0605  21 GLY A N   
154 C CA  . GLY A 33 ? 0.1824 0.1256 0.2178 -0.0590 0.0081  0.0638  21 GLY A CA  
155 C C   . GLY A 33 ? 0.1537 0.1400 0.2162 -0.0429 -0.0069 0.0670  21 GLY A C   
156 O O   . GLY A 33 ? 0.1433 0.1560 0.2171 -0.0243 0.0098  0.0595  21 GLY A O   
157 N N   . SER A 34 ? 0.1648 0.1522 0.2142 -0.0696 -0.0011 0.0696  22 SER A N   
158 C CA  . SER A 34 ? 0.1736 0.1717 0.2188 -0.0792 -0.0001 0.0719  22 SER A CA  
159 C C   . SER A 34 ? 0.1573 0.1866 0.2395 -0.0768 -0.0026 0.0773  22 SER A C   
160 O O   . SER A 34 ? 0.2049 0.2173 0.2592 -0.0802 -0.0240 0.0907  22 SER A O   
161 C CB  . SER A 34 ? 0.1658 0.2251 0.2545 -0.0726 -0.0078 0.1089  22 SER A CB  
162 O OG  . SER A 34 ? 0.1854 0.2246 0.3491 -0.0607 0.0005  0.1119  22 SER A OG  
163 N N   . GLU A 35 ? 0.1477 0.1515 0.2455 -0.0625 0.0084  0.0654  23 GLU A N   
164 C CA  . GLU A 35 ? 0.1663 0.1588 0.2454 -0.0677 0.0253  0.0643  23 GLU A CA  
165 C C   . GLU A 35 ? 0.1134 0.1281 0.2399 -0.0386 0.0013  0.0614  23 GLU A C   
166 O O   . GLU A 35 ? 0.1302 0.1572 0.2445 -0.0493 -0.0228 0.0669  23 GLU A O   
167 C CB  . GLU A 35 ? 0.2490 0.1985 0.3157 -0.0623 0.0539  0.0794  23 GLU A CB  
168 C CG  . GLU A 35 ? 0.2934 0.2510 0.3882 -0.0487 0.0491  0.0825  23 GLU A CG  
169 C CD  . GLU A 35 ? 0.3563 0.3220 0.4397 -0.0230 0.0399  0.0899  23 GLU A CD  
170 O OE1 . GLU A 35 ? 0.4078 0.3973 0.4795 0.0155  0.0374  0.1185  23 GLU A OE1 
171 O OE2 . GLU A 35 ? 0.3832 0.2990 0.4506 -0.0333 0.0451  0.0477  23 GLU A OE2 
172 N N   . CYS A 36 ? 0.1068 0.1333 0.2254 -0.0391 -0.0072 0.0727  24 CYS A N   
173 C CA  . CYS A 36 ? 0.0979 0.1168 0.2371 -0.0266 0.0013  0.0671  24 CYS A CA  
174 C C   . CYS A 36 ? 0.0979 0.1466 0.2023 -0.0225 -0.0138 0.0576  24 CYS A C   
175 O O   . CYS A 36 ? 0.1093 0.1761 0.2355 -0.0236 -0.0230 0.0829  24 CYS A O   
176 C CB  . CYS A 36 ? 0.0868 0.1173 0.2267 -0.0258 -0.0055 0.0662  24 CYS A CB  
177 S SG  . CYS A 36 ? 0.0995 0.1488 0.2235 -0.0213 -0.0246 0.0618  24 CYS A SG  
178 N N   . ASP A 37 ? 0.0832 0.1361 0.1827 -0.0226 -0.0214 0.0578  25 ASP A N   
179 C CA  . ASP A 37 ? 0.0671 0.1383 0.2155 0.0001  -0.0205 0.0620  25 ASP A CA  
180 C C   . ASP A 37 ? 0.0911 0.1136 0.2231 -0.0006 -0.0088 0.0433  25 ASP A C   
181 O O   . ASP A 37 ? 0.1320 0.1209 0.2810 0.0010  0.0410  0.0696  25 ASP A O   
182 C CB  . ASP A 37 ? 0.0928 0.1872 0.2355 0.0169  -0.0461 0.0562  25 ASP A CB  
183 C CG  . ASP A 37 ? 0.1116 0.2289 0.2594 -0.0062 -0.0567 0.0514  25 ASP A CG  
184 O OD1 . ASP A 37 ? 0.1679 0.2270 0.2802 0.0258  -0.0164 0.0605  25 ASP A OD1 
185 O OD2 . ASP A 37 ? 0.1809 0.2571 0.2657 0.0369  -0.0564 0.0184  25 ASP A OD2 
186 N N   . ILE A 38 ? 0.1075 0.1136 0.1969 -0.0299 -0.0158 0.0467  26 ILE A N   
187 C CA  . ILE A 38 ? 0.1113 0.1145 0.1716 -0.0126 -0.0303 0.0495  26 ILE A CA  
188 C C   . ILE A 38 ? 0.1146 0.1291 0.2044 -0.0030 -0.0498 0.0609  26 ILE A C   
189 O O   . ILE A 38 ? 0.1370 0.1852 0.2170 0.0042  -0.0471 0.0449  26 ILE A O   
190 C CB  . ILE A 38 ? 0.1376 0.1052 0.1661 -0.0090 -0.0224 0.0543  26 ILE A CB  
191 C CG1 . ILE A 38 ? 0.1318 0.1348 0.1870 0.0099  -0.0377 0.0395  26 ILE A CG1 
192 C CG2 . ILE A 38 ? 0.1495 0.1051 0.2091 -0.0256 -0.0464 0.0729  26 ILE A CG2 
193 C CD1 . ILE A 38 ? 0.1145 0.1278 0.2159 -0.0042 -0.0372 0.0329  26 ILE A CD1 
194 N N   . TRP A 39 ? 0.1160 0.1207 0.1750 -0.0169 -0.0467 0.0697  27 TRP A N   
195 C CA  . TRP A 39 ? 0.0972 0.1425 0.1912 -0.0344 -0.0115 0.0631  27 TRP A CA  
196 C C   . TRP A 39 ? 0.1107 0.1511 0.1864 -0.0232 -0.0282 0.0677  27 TRP A C   
197 O O   . TRP A 39 ? 0.1024 0.1611 0.1891 -0.0092 -0.0307 0.0544  27 TRP A O   
198 C CB  . TRP A 39 ? 0.1388 0.1984 0.2321 -0.0657 -0.0285 0.0471  27 TRP A CB  
199 C CG  . TRP A 39 ? 0.2066 0.2401 0.3013 -0.0190 -0.0296 0.0243  27 TRP A CG  
200 C CD1 . TRP A 39 ? 0.2347 0.3038 0.3181 -0.0141 -0.0371 0.0370  27 TRP A CD1 
201 C CD2 . TRP A 39 ? 0.2014 0.1948 0.3287 -0.0004 -0.0593 -0.0250 27 TRP A CD2 
202 N NE1 . TRP A 39 ? 0.2280 0.3091 0.3512 -0.0176 -0.0280 0.0305  27 TRP A NE1 
203 C CE2 . TRP A 39 ? 0.2594 0.2715 0.3607 0.0170  -0.0459 0.0034  27 TRP A CE2 
204 C CE3 . TRP A 39 ? 0.1581 0.2216 0.3946 0.0208  -0.0969 -0.0127 27 TRP A CE3 
205 C CZ2 . TRP A 39 ? 0.2371 0.2803 0.4023 0.0087  -0.0472 0.0080  27 TRP A CZ2 
206 C CZ3 . TRP A 39 ? 0.2482 0.2492 0.4088 0.0270  -0.0656 -0.0092 27 TRP A CZ3 
207 C CH2 . TRP A 39 ? 0.2694 0.2656 0.4113 0.0185  -0.0557 -0.0045 27 TRP A CH2 
208 N N   . ASP A 40 ? 0.1148 0.1435 0.1743 -0.0096 -0.0155 0.0639  28 ASP A N   
209 C CA  . ASP A 40 ? 0.1018 0.1660 0.1592 -0.0256 -0.0083 0.0418  28 ASP A CA  
210 C C   . ASP A 40 ? 0.1086 0.1557 0.1477 0.0029  -0.0067 0.0507  28 ASP A C   
211 O O   . ASP A 40 ? 0.1178 0.1559 0.1929 -0.0073 -0.0063 0.0571  28 ASP A O   
212 C CB  . ASP A 40 ? 0.1037 0.2372 0.1968 -0.0207 -0.0166 0.0352  28 ASP A CB  
213 C CG  . ASP A 40 ? 0.2005 0.2939 0.2675 -0.0217 -0.0241 0.0375  28 ASP A CG  
214 O OD1 . ASP A 40 ? 0.1738 0.3336 0.2850 -0.0102 -0.0432 0.0709  28 ASP A OD1 
215 O OD2 . ASP A 40 ? 0.2579 0.3572 0.3450 -0.0283 -0.0601 0.0442  28 ASP A OD2 
216 N N   . GLY A 41 ? 0.1346 0.1224 0.1572 -0.0238 -0.0330 0.0532  29 GLY A N   
217 C CA  . GLY A 41 ? 0.1201 0.1204 0.1712 -0.0081 -0.0402 0.0403  29 GLY A CA  
218 C C   . GLY A 41 ? 0.0842 0.1169 0.1692 -0.0203 -0.0305 0.0307  29 GLY A C   
219 O O   . GLY A 41 ? 0.1236 0.1431 0.1782 -0.0213 -0.0346 0.0220  29 GLY A O   
220 N N   . GLN A 42 ? 0.0978 0.1179 0.1832 -0.0070 -0.0143 0.0349  30 GLN A N   
221 C CA  . GLN A 42 ? 0.1245 0.1190 0.1948 -0.0127 -0.0045 0.0382  30 GLN A CA  
222 C C   . GLN A 42 ? 0.0955 0.1293 0.1919 -0.0106 -0.0201 0.0410  30 GLN A C   
223 O O   . GLN A 42 ? 0.0964 0.1346 0.2216 0.0022  -0.0236 0.0553  30 GLN A O   
224 C CB  . GLN A 42 ? 0.1944 0.1295 0.2144 -0.0239 0.0137  0.0389  30 GLN A CB  
225 C CG  . GLN A 42 ? 0.2387 0.1551 0.2479 -0.0148 -0.0051 0.0206  30 GLN A CG  
226 C CD  . GLN A 42 ? 0.3293 0.2719 0.3030 0.0663  -0.0615 -0.0010 30 GLN A CD  
227 O OE1 . GLN A 42 ? 0.4159 0.3789 0.3496 0.0805  -0.0731 -0.0004 30 GLN A OE1 
228 N NE2 . GLN A 42 ? 0.2927 0.3164 0.3320 0.0632  -0.0977 0.0171  30 GLN A NE2 
229 N N   . PRO A 43 ? 0.0743 0.1202 0.1944 -0.0264 -0.0246 0.0597  31 PRO A N   
230 C CA  . PRO A 43 ? 0.0877 0.1299 0.2042 -0.0248 -0.0320 0.0550  31 PRO A CA  
231 C C   . PRO A 43 ? 0.1086 0.1214 0.1968 -0.0125 -0.0058 0.0453  31 PRO A C   
232 O O   . PRO A 43 ? 0.1312 0.1559 0.2186 -0.0260 -0.0056 0.0525  31 PRO A O   
233 C CB  . PRO A 43 ? 0.0852 0.1415 0.2266 0.0068  -0.0300 0.0614  31 PRO A CB  
234 C CG  . PRO A 43 ? 0.1284 0.1614 0.2371 0.0068  -0.0181 0.0673  31 PRO A CG  
235 C CD  . PRO A 43 ? 0.0874 0.1621 0.2201 -0.0043 -0.0260 0.0626  31 PRO A CD  
236 N N   . VAL A 44 ? 0.1170 0.1124 0.1802 -0.0514 -0.0069 0.0489  32 VAL A N   
237 C CA  . VAL A 44 ? 0.1390 0.1459 0.1746 -0.0598 -0.0172 0.0498  32 VAL A CA  
238 C C   . VAL A 44 ? 0.1162 0.1366 0.2103 -0.0510 -0.0005 0.0582  32 VAL A C   
239 O O   . VAL A 44 ? 0.1691 0.1239 0.2288 -0.0428 0.0179  0.0514  32 VAL A O   
240 C CB  . VAL A 44 ? 0.1925 0.1755 0.1700 -0.0422 -0.0265 0.0459  32 VAL A CB  
241 C CG1 . VAL A 44 ? 0.2400 0.1938 0.1839 -0.0528 -0.0293 0.0553  32 VAL A CG1 
242 C CG2 . VAL A 44 ? 0.1742 0.2070 0.2560 -0.0380 -0.0475 0.0749  32 VAL A CG2 
243 N N   . CYS A 45 ? 0.1358 0.1405 0.2269 -0.0499 -0.0158 0.0670  33 CYS A N   
244 C CA  . CYS A 45 ? 0.1064 0.1551 0.2484 -0.0444 -0.0205 0.0760  33 CYS A CA  
245 C C   . CYS A 45 ? 0.1163 0.2074 0.2188 -0.0571 -0.0331 0.0873  33 CYS A C   
246 O O   . CYS A 45 ? 0.1830 0.2661 0.2732 -0.0789 -0.0395 0.0827  33 CYS A O   
247 C CB  . CYS A 45 ? 0.1853 0.1216 0.2835 -0.0331 -0.0028 0.0623  33 CYS A CB  
248 S SG  . CYS A 45 ? 0.1245 0.1443 0.3522 -0.0340 -0.0353 0.0791  33 CYS A SG  
249 N N   . LYS A 46 ? 0.1072 0.1999 0.2437 -0.0515 -0.0217 0.0903  34 LYS A N   
250 C CA  . LYS A 46 ? 0.1170 0.2078 0.2903 -0.0483 -0.0311 0.1086  34 LYS A CA  
251 C C   . LYS A 46 ? 0.1122 0.2020 0.2572 -0.0520 -0.0259 0.0900  34 LYS A C   
252 O O   . LYS A 46 ? 0.1495 0.2325 0.2240 -0.0792 -0.0331 0.0811  34 LYS A O   
253 C CB  . LYS A 46 ? 0.1475 0.2369 0.3732 -0.0578 -0.0370 0.1274  34 LYS A CB  
254 C CG  . LYS A 46 ? 0.2583 0.2877 0.3907 -0.0192 -0.0279 0.0993  34 LYS A CG  
255 C CD  . LYS A 46 ? 0.3578 0.3212 0.4137 -0.0192 -0.0174 0.0817  34 LYS A CD  
256 C CE  . LYS A 46 ? 0.4113 0.3699 0.4386 -0.0194 -0.0243 0.0784  34 LYS A CE  
257 N NZ  . LYS A 46 ? 0.4223 0.4008 0.4365 -0.0089 -0.0149 0.0695  34 LYS A NZ  
258 N N   . CYS A 47 ? 0.1179 0.1817 0.2546 -0.0518 -0.0283 0.0960  35 CYS A N   
259 C CA  . CYS A 47 ? 0.1312 0.1939 0.2315 -0.0682 -0.0158 0.0829  35 CYS A CA  
260 C C   . CYS A 47 ? 0.1446 0.2157 0.2561 -0.0583 0.0038  0.0804  35 CYS A C   
261 O O   . CYS A 47 ? 0.1821 0.2226 0.2823 -0.0154 -0.0014 0.0770  35 CYS A O   
262 C CB  . CYS A 47 ? 0.1377 0.1893 0.2385 -0.0678 -0.0109 0.0665  35 CYS A CB  
263 S SG  . CYS A 47 ? 0.1724 0.2311 0.2192 -0.0652 -0.0186 0.0771  35 CYS A SG  
264 N N   . LYS A 48 ? 0.1640 0.1962 0.2284 -0.0525 0.0250  0.0775  36 LYS A N   
265 C CA  . LYS A 48 ? 0.1654 0.2456 0.2508 -0.0482 0.0159  0.0634  36 LYS A CA  
266 C C   . LYS A 48 ? 0.1869 0.2498 0.2363 -0.0476 0.0363  0.0496  36 LYS A C   
267 O O   . LYS A 48 ? 0.1752 0.2261 0.2601 -0.0373 0.0276  0.0400  36 LYS A O   
268 C CB  . LYS A 48 ? 0.1584 0.2742 0.3087 -0.0723 0.0003  0.1009  36 LYS A CB  
269 C CG  . LYS A 48 ? 0.2206 0.2839 0.3229 -0.0730 -0.0034 0.0960  36 LYS A CG  
270 C CD  . LYS A 48 ? 0.3007 0.2747 0.3224 -0.0547 -0.0239 0.0819  36 LYS A CD  
271 C CE  . LYS A 48 ? 0.3938 0.2876 0.3092 -0.0225 -0.0203 0.0774  36 LYS A CE  
272 N NZ  . LYS A 48 ? 0.4419 0.3221 0.3012 -0.0084 -0.0346 0.0785  36 LYS A NZ  
273 N N   . ASP A 49 ? 0.1835 0.2129 0.1795 -0.0532 0.0228  0.0132  37 ASP A N   
274 C CA  . ASP A 49 ? 0.1170 0.2344 0.1830 -0.0288 0.0049  0.0280  37 ASP A CA  
275 C C   . ASP A 49 ? 0.1089 0.1880 0.1770 -0.0267 0.0122  0.0289  37 ASP A C   
276 O O   . ASP A 49 ? 0.1275 0.2229 0.1894 -0.0067 0.0287  0.0521  37 ASP A O   
277 C CB  . ASP A 49 ? 0.2008 0.2501 0.1710 0.0164  0.0122  0.0250  37 ASP A CB  
278 C CG  . ASP A 49 ? 0.3494 0.2963 0.2113 0.0425  0.0137  0.0357  37 ASP A CG  
279 O OD1 . ASP A 49 ? 0.4856 0.2914 0.2524 0.0571  0.0013  0.0238  37 ASP A OD1 
280 O OD2 . ASP A 49 ? 0.3425 0.3226 0.1929 0.0903  0.0420  0.0285  37 ASP A OD2 
281 N N   . ARG A 50 ? 0.1523 0.1415 0.1673 -0.0360 0.0119  -0.0025 38 ARG A N   
282 C CA  . ARG A 50 ? 0.1658 0.1212 0.1824 -0.0188 0.0446  0.0215  38 ARG A CA  
283 C C   . ARG A 50 ? 0.1645 0.1095 0.1670 -0.0233 0.0197  0.0282  38 ARG A C   
284 O O   . ARG A 50 ? 0.1854 0.1498 0.2140 -0.0237 -0.0095 0.0450  38 ARG A O   
285 C CB  . ARG A 50 ? 0.2602 0.1320 0.1807 -0.0169 0.0705  0.0033  38 ARG A CB  
286 C CG  . ARG A 50 ? 0.3301 0.1283 0.2378 0.0234  0.0813  -0.0009 38 ARG A CG  
287 C CD  . ARG A 50 ? 0.3869 0.1428 0.2628 0.0312  0.0626  -0.0374 38 ARG A CD  
288 N NE  . ARG A 50 ? 0.3939 0.2574 0.3324 -0.0149 0.0212  -0.0010 38 ARG A NE  
289 C CZ  . ARG A 50 ? 0.3606 0.3520 0.3506 -0.0265 0.0318  0.0147  38 ARG A CZ  
290 N NH1 . ARG A 50 ? 0.2901 0.4197 0.4202 -0.0457 0.0207  0.0635  38 ARG A NH1 
291 N NH2 . ARG A 50 ? 0.3608 0.3850 0.3752 -0.0217 0.0103  0.0229  38 ARG A NH2 
292 N N   . CYS A 51 ? 0.1367 0.0848 0.1284 -0.0220 0.0218  0.0081  39 CYS A N   
293 C CA  . CYS A 51 ? 0.1525 0.1028 0.1054 -0.0058 0.0266  0.0014  39 CYS A CA  
294 C C   . CYS A 51 ? 0.1386 0.0936 0.0929 0.0071  0.0260  -0.0020 39 CYS A C   
295 O O   . CYS A 51 ? 0.1494 0.1115 0.1103 0.0180  -0.0016 0.0043  39 CYS A O   
296 C CB  . CYS A 51 ? 0.1150 0.0704 0.1490 -0.0092 0.0415  -0.0044 39 CYS A CB  
297 S SG  . CYS A 51 ? 0.1190 0.1101 0.1447 -0.0168 0.0156  0.0094  39 CYS A SG  
298 N N   . GLU A 52 ? 0.1444 0.1250 0.0917 0.0133  0.0056  0.0012  40 GLU A N   
299 C CA  . GLU A 52 ? 0.1714 0.1659 0.0863 -0.0002 0.0111  0.0092  40 GLU A CA  
300 C C   . GLU A 52 ? 0.1387 0.1214 0.1037 -0.0045 0.0039  0.0123  40 GLU A C   
301 O O   . GLU A 52 ? 0.1722 0.1105 0.1290 -0.0016 0.0089  0.0078  40 GLU A O   
302 C CB  . GLU A 52 ? 0.1905 0.1852 0.1088 -0.0153 0.0106  -0.0097 40 GLU A CB  
303 C CG  . GLU A 52 ? 0.2514 0.1877 0.1438 -0.0692 0.0077  -0.0276 40 GLU A CG  
304 C CD  . GLU A 52 ? 0.3376 0.2524 0.1509 -0.0608 0.0175  -0.0255 40 GLU A CD  
305 O OE1 . GLU A 52 ? 0.4271 0.3357 0.1397 -0.0739 0.0135  -0.0512 40 GLU A OE1 
306 O OE2 . GLU A 52 ? 0.3507 0.2536 0.1549 -0.0530 -0.0076 -0.0341 40 GLU A OE2 
307 N N   . LYS A 53 ? 0.1417 0.1208 0.0869 -0.0097 0.0192  0.0101  41 LYS A N   
308 C CA  . LYS A 53 ? 0.1492 0.1660 0.1131 -0.0169 0.0139  0.0305  41 LYS A CA  
309 C C   . LYS A 53 ? 0.1696 0.1701 0.1191 -0.0057 0.0225  0.0275  41 LYS A C   
310 O O   . LYS A 53 ? 0.1837 0.2470 0.1599 0.0095  0.0140  0.0562  41 LYS A O   
311 C CB  . LYS A 53 ? 0.1814 0.2002 0.1496 -0.0248 -0.0140 0.0340  41 LYS A CB  
312 C CG  . LYS A 53 ? 0.1981 0.2144 0.2151 -0.0376 -0.0310 0.0470  41 LYS A CG  
313 C CD  . LYS A 53 ? 0.2519 0.2722 0.2482 -0.0003 -0.0164 0.0316  41 LYS A CD  
314 C CE  . LYS A 53 ? 0.2526 0.3406 0.2861 0.0017  -0.0167 0.0521  41 LYS A CE  
315 N NZ  . LYS A 53 ? 0.3014 0.3807 0.3582 0.0121  -0.0184 0.0682  41 LYS A NZ  
316 N N   . GLU A 54 ? 0.1708 0.1519 0.0972 -0.0140 0.0132  0.0245  42 GLU A N   
317 C CA  . GLU A 54 ? 0.1850 0.1251 0.1095 -0.0075 -0.0041 0.0156  42 GLU A CA  
318 C C   . GLU A 54 ? 0.1669 0.1384 0.0972 0.0128  0.0267  0.0034  42 GLU A C   
319 O O   . GLU A 54 ? 0.1599 0.1571 0.1162 -0.0106 0.0244  0.0132  42 GLU A O   
320 C CB  . GLU A 54 ? 0.2326 0.1632 0.1224 -0.0245 -0.0247 0.0293  42 GLU A CB  
321 C CG  . GLU A 54 ? 0.2459 0.1718 0.1516 0.0215  -0.0176 0.0234  42 GLU A CG  
322 C CD  . GLU A 54 ? 0.2695 0.1706 0.1441 0.0138  0.0071  0.0095  42 GLU A CD  
323 O OE1 . GLU A 54 ? 0.2556 0.1804 0.1393 -0.0062 -0.0013 0.0014  42 GLU A OE1 
324 O OE2 . GLU A 54 ? 0.3198 0.1859 0.1748 0.0098  0.0284  0.0234  42 GLU A OE2 
325 N N   . PRO A 55 ? 0.1313 0.1374 0.1291 0.0183  0.0201  0.0061  43 PRO A N   
326 C CA  . PRO A 55 ? 0.1163 0.1320 0.1479 0.0155  0.0002  -0.0031 43 PRO A CA  
327 C C   . PRO A 55 ? 0.1355 0.1416 0.1339 -0.0021 0.0149  0.0039  43 PRO A C   
328 O O   . PRO A 55 ? 0.1966 0.1761 0.0959 0.0273  0.0219  -0.0006 43 PRO A O   
329 C CB  . PRO A 55 ? 0.1229 0.1526 0.1540 0.0044  0.0113  0.0167  43 PRO A CB  
330 C CG  . PRO A 55 ? 0.1714 0.1446 0.1295 0.0188  0.0415  0.0063  43 PRO A CG  
331 C CD  . PRO A 55 ? 0.1530 0.1502 0.1541 0.0055  0.0275  0.0173  43 PRO A CD  
332 N N   . SER A 56 ? 0.1142 0.1324 0.1247 -0.0042 -0.0097 0.0073  44 SER A N   
333 C CA  . SER A 56 ? 0.1072 0.1572 0.1178 -0.0051 -0.0156 0.0063  44 SER A CA  
334 C C   . SER A 56 ? 0.1223 0.1205 0.0821 0.0105  -0.0026 0.0082  44 SER A C   
335 O O   . SER A 56 ? 0.1140 0.1086 0.1137 0.0082  0.0047  0.0263  44 SER A O   
336 C CB  . SER A 56 ? 0.1324 0.1915 0.1347 -0.0010 -0.0267 0.0076  44 SER A CB  
337 O OG  . SER A 56 ? 0.1956 0.2325 0.1823 0.0052  -0.0546 0.0319  44 SER A OG  
338 N N   . PHE A 57 ? 0.1274 0.1108 0.1157 -0.0026 -0.0072 0.0260  45 PHE A N   
339 C CA  . PHE A 57 ? 0.1006 0.0899 0.1440 -0.0155 0.0088  0.0215  45 PHE A CA  
340 C C   . PHE A 57 ? 0.0942 0.1102 0.1461 0.0087  0.0031  0.0314  45 PHE A C   
341 O O   . PHE A 57 ? 0.1231 0.1430 0.1464 0.0073  -0.0095 0.0650  45 PHE A O   
342 C CB  . PHE A 57 ? 0.1117 0.1165 0.1672 -0.0058 -0.0054 0.0322  45 PHE A CB  
343 C CG  . PHE A 57 ? 0.1104 0.1240 0.1543 0.0028  0.0006  0.0118  45 PHE A CG  
344 C CD1 . PHE A 57 ? 0.0921 0.1466 0.1769 0.0163  -0.0192 0.0130  45 PHE A CD1 
345 C CD2 . PHE A 57 ? 0.1145 0.1717 0.1738 -0.0199 0.0075  0.0101  45 PHE A CD2 
346 C CE1 . PHE A 57 ? 0.1019 0.1530 0.1796 -0.0034 -0.0110 0.0096  45 PHE A CE1 
347 C CE2 . PHE A 57 ? 0.1161 0.1881 0.1993 -0.0028 0.0038  0.0128  45 PHE A CE2 
348 C CZ  . PHE A 57 ? 0.1118 0.1636 0.1672 0.0356  -0.0087 -0.0041 45 PHE A CZ  
349 N N   . THR A 58 ? 0.0722 0.0980 0.1237 0.0102  0.0033  0.0098  46 THR A N   
350 C CA  . THR A 58 ? 0.0812 0.0841 0.1576 -0.0024 0.0007  0.0085  46 THR A CA  
351 C C   . THR A 58 ? 0.0752 0.0732 0.1510 0.0024  -0.0082 0.0184  46 THR A C   
352 O O   . THR A 58 ? 0.0983 0.0715 0.1491 -0.0008 -0.0130 0.0257  46 THR A O   
353 C CB  . THR A 58 ? 0.0864 0.0976 0.1843 -0.0142 0.0072  -0.0165 46 THR A CB  
354 O OG1 . THR A 58 ? 0.1190 0.1254 0.1930 -0.0182 0.0129  -0.0129 46 THR A OG1 
355 C CG2 . THR A 58 ? 0.0904 0.1243 0.2446 0.0000  -0.0064 -0.0112 46 THR A CG2 
356 N N   . CYS A 59 ? 0.0904 0.0679 0.1570 -0.0174 -0.0002 0.0003  47 CYS A N   
357 C CA  . CYS A 59 ? 0.0796 0.0591 0.1679 -0.0122 -0.0094 0.0115  47 CYS A CA  
358 C C   . CYS A 59 ? 0.0990 0.0667 0.1745 -0.0075 0.0005  0.0203  47 CYS A C   
359 O O   . CYS A 59 ? 0.0948 0.1152 0.1875 -0.0175 -0.0167 0.0218  47 CYS A O   
360 C CB  . CYS A 59 ? 0.0798 0.0830 0.2099 -0.0205 -0.0028 0.0415  47 CYS A CB  
361 S SG  . CYS A 59 ? 0.0905 0.1170 0.2148 -0.0130 -0.0154 0.0488  47 CYS A SG  
362 N N   . ALA A 60 ? 0.0694 0.0825 0.1938 -0.0177 0.0080  0.0352  48 ALA A N   
363 C CA  . ALA A 60 ? 0.0814 0.1023 0.2046 -0.0085 0.0188  0.0343  48 ALA A CA  
364 C C   . ALA A 60 ? 0.0948 0.1046 0.2251 -0.0041 0.0178  0.0167  48 ALA A C   
365 O O   . ALA A 60 ? 0.1096 0.1167 0.2178 0.0078  0.0107  0.0093  48 ALA A O   
366 C CB  . ALA A 60 ? 0.1300 0.0958 0.2142 -0.0153 0.0350  0.0575  48 ALA A CB  
367 N N   . SER A 61 ? 0.0778 0.1198 0.2511 0.0123  0.0397  0.0215  49 SER A N   
368 C CA  . SER A 61 ? 0.1020 0.0955 0.3016 0.0070  0.0449  0.0193  49 SER A CA  
369 C C   . SER A 61 ? 0.1618 0.1174 0.2834 0.0071  0.0543  0.0093  49 SER A C   
370 O O   . SER A 61 ? 0.2125 0.1593 0.2833 0.0285  0.0544  -0.0092 49 SER A O   
371 C CB  . SER A 61 ? 0.1026 0.1231 0.3167 0.0125  0.0613  0.0355  49 SER A CB  
372 O OG  . SER A 61 ? 0.1234 0.1308 0.2977 -0.0138 0.0560  0.0223  49 SER A OG  
373 N N   . ASP A 62 ? 0.1445 0.1474 0.2133 -0.0119 0.0377  0.0022  50 ASP A N   
374 C CA  . ASP A 62 ? 0.1802 0.1474 0.2074 -0.0025 0.0486  -0.0076 50 ASP A CA  
375 C C   . ASP A 62 ? 0.2050 0.1323 0.2044 0.0020  0.0583  -0.0244 50 ASP A C   
376 O O   . ASP A 62 ? 0.2617 0.1335 0.2294 -0.0057 0.0658  -0.0346 50 ASP A O   
377 C CB  . ASP A 62 ? 0.1797 0.1346 0.1913 -0.0041 0.0612  -0.0145 50 ASP A CB  
378 C CG  . ASP A 62 ? 0.1685 0.1247 0.1983 -0.0060 0.0480  -0.0082 50 ASP A CG  
379 O OD1 . ASP A 62 ? 0.1424 0.1102 0.2182 -0.0122 0.0445  -0.0022 50 ASP A OD1 
380 O OD2 . ASP A 62 ? 0.1627 0.1517 0.2196 0.0012  0.0375  0.0138  50 ASP A OD2 
381 N N   . GLY A 63 ? 0.1492 0.0999 0.2183 -0.0047 0.0537  -0.0141 51 GLY A N   
382 C CA  . GLY A 63 ? 0.1369 0.0913 0.2411 -0.0178 0.0356  -0.0225 51 GLY A CA  
383 C C   . GLY A 63 ? 0.1217 0.1129 0.2279 -0.0140 0.0349  -0.0199 51 GLY A C   
384 O O   . GLY A 63 ? 0.1509 0.1095 0.2806 -0.0309 0.0336  -0.0201 51 GLY A O   
385 N N   . LEU A 64 ? 0.1375 0.1236 0.1748 -0.0074 0.0286  -0.0102 52 LEU A N   
386 C CA  . LEU A 64 ? 0.1260 0.1234 0.1536 -0.0014 0.0230  -0.0048 52 LEU A CA  
387 C C   . LEU A 64 ? 0.1026 0.1027 0.1511 -0.0252 0.0174  0.0096  52 LEU A C   
388 O O   . LEU A 64 ? 0.0941 0.1284 0.1888 0.0077  -0.0156 0.0006  52 LEU A O   
389 C CB  . LEU A 64 ? 0.1738 0.1391 0.1315 0.0028  0.0272  -0.0120 52 LEU A CB  
390 C CG  . LEU A 64 ? 0.1755 0.1623 0.1457 -0.0227 0.0099  -0.0087 52 LEU A CG  
391 C CD1 . LEU A 64 ? 0.2135 0.1859 0.1349 -0.0287 0.0194  0.0079  52 LEU A CD1 
392 C CD2 . LEU A 64 ? 0.2020 0.1837 0.1659 -0.0507 -0.0188 -0.0014 52 LEU A CD2 
393 N N   . THR A 65 ? 0.0906 0.0663 0.1599 -0.0023 0.0229  0.0129  53 THR A N   
394 C CA  . THR A 65 ? 0.0935 0.0692 0.1037 -0.0027 0.0149  0.0037  53 THR A CA  
395 C C   . THR A 65 ? 0.1026 0.0698 0.1230 -0.0276 0.0007  0.0305  53 THR A C   
396 O O   . THR A 65 ? 0.1125 0.0897 0.1388 -0.0113 -0.0116 0.0355  53 THR A O   
397 C CB  . THR A 65 ? 0.1038 0.0828 0.1426 -0.0106 0.0131  0.0121  53 THR A CB  
398 O OG1 . THR A 65 ? 0.1142 0.0714 0.1827 -0.0157 -0.0215 0.0235  53 THR A OG1 
399 C CG2 . THR A 65 ? 0.0966 0.1183 0.1304 -0.0226 0.0001  0.0006  53 THR A CG2 
400 N N   . TYR A 66 ? 0.0789 0.0716 0.1283 -0.0224 0.0065  0.0169  54 TYR A N   
401 C CA  . TYR A 66 ? 0.0937 0.0487 0.1294 -0.0109 0.0222  -0.0003 54 TYR A CA  
402 C C   . TYR A 66 ? 0.0764 0.0622 0.1499 -0.0041 -0.0045 0.0257  54 TYR A C   
403 O O   . TYR A 66 ? 0.0881 0.1010 0.1321 -0.0103 -0.0109 0.0573  54 TYR A O   
404 C CB  . TYR A 66 ? 0.0683 0.0865 0.1440 -0.0290 0.0181  0.0059  54 TYR A CB  
405 C CG  . TYR A 66 ? 0.0952 0.0810 0.1333 -0.0246 0.0181  -0.0044 54 TYR A CG  
406 C CD1 . TYR A 66 ? 0.0897 0.1188 0.1277 -0.0430 0.0077  0.0238  54 TYR A CD1 
407 C CD2 . TYR A 66 ? 0.1064 0.0857 0.1738 -0.0029 0.0290  -0.0137 54 TYR A CD2 
408 C CE1 . TYR A 66 ? 0.1036 0.1126 0.1423 -0.0172 0.0203  0.0071  54 TYR A CE1 
409 C CE2 . TYR A 66 ? 0.1019 0.1095 0.1590 -0.0207 0.0238  -0.0043 54 TYR A CE2 
410 C CZ  . TYR A 66 ? 0.0902 0.1413 0.1548 -0.0121 0.0409  0.0135  54 TYR A CZ  
411 O OH  . TYR A 66 ? 0.1213 0.1760 0.1386 -0.0061 0.0296  0.0089  54 TYR A OH  
412 N N   . TYR A 67 ? 0.0804 0.0470 0.1241 0.0010  -0.0083 0.0049  55 TYR A N   
413 C CA  . TYR A 67 ? 0.0967 0.0578 0.1071 0.0067  -0.0247 0.0061  55 TYR A CA  
414 C C   . TYR A 67 ? 0.0781 0.0693 0.1213 -0.0116 -0.0034 0.0361  55 TYR A C   
415 O O   . TYR A 67 ? 0.1065 0.0966 0.1048 0.0002  0.0068  0.0210  55 TYR A O   
416 C CB  . TYR A 67 ? 0.0889 0.0878 0.1282 0.0087  -0.0067 0.0318  55 TYR A CB  
417 C CG  . TYR A 67 ? 0.0733 0.0884 0.1304 0.0146  0.0100  0.0203  55 TYR A CG  
418 C CD1 . TYR A 67 ? 0.1334 0.1278 0.1250 0.0171  -0.0024 0.0192  55 TYR A CD1 
419 C CD2 . TYR A 67 ? 0.0733 0.1155 0.1284 0.0115  0.0215  0.0404  55 TYR A CD2 
420 C CE1 . TYR A 67 ? 0.1289 0.1330 0.1108 0.0147  0.0200  0.0225  55 TYR A CE1 
421 C CE2 . TYR A 67 ? 0.0995 0.1174 0.1276 0.0324  0.0241  0.0300  55 TYR A CE2 
422 C CZ  . TYR A 67 ? 0.1329 0.1380 0.1165 0.0303  0.0417  0.0164  55 TYR A CZ  
423 O OH  . TYR A 67 ? 0.1798 0.1696 0.1364 0.0580  0.0272  0.0097  55 TYR A OH  
424 N N   . ASN A 68 ? 0.0735 0.0719 0.1004 -0.0229 -0.0105 0.0148  56 ASN A N   
425 C CA  . ASN A 68 ? 0.0714 0.0895 0.1086 -0.0021 -0.0149 0.0119  56 ASN A CA  
426 C C   . ASN A 68 ? 0.0755 0.0925 0.1273 -0.0172 -0.0072 0.0255  56 ASN A C   
427 O O   . ASN A 68 ? 0.0905 0.0931 0.1125 -0.0100 0.0083  0.0128  56 ASN A O   
428 C CB  . ASN A 68 ? 0.1101 0.0850 0.1181 -0.0071 -0.0196 0.0081  56 ASN A CB  
429 C CG  . ASN A 68 ? 0.0904 0.0930 0.1125 -0.0097 -0.0055 0.0020  56 ASN A CG  
430 O OD1 . ASN A 68 ? 0.0969 0.1037 0.1083 -0.0101 0.0091  0.0165  56 ASN A OD1 
431 N ND2 . ASN A 68 ? 0.1376 0.0919 0.1241 -0.0127 0.0113  -0.0030 56 ASN A ND2 
432 N N   . ARG A 69 ? 0.0902 0.1055 0.1431 -0.0190 -0.0231 0.0184  57 ARG A N   
433 C CA  . ARG A 69 ? 0.0860 0.1356 0.1410 -0.0123 -0.0183 0.0263  57 ARG A CA  
434 C C   . ARG A 69 ? 0.0857 0.1028 0.1477 -0.0136 0.0009  0.0225  57 ARG A C   
435 O O   . ARG A 69 ? 0.0868 0.1272 0.1379 -0.0131 0.0077  0.0260  57 ARG A O   
436 C CB  . ARG A 69 ? 0.1171 0.1507 0.2272 -0.0048 -0.0288 0.0385  57 ARG A CB  
437 C CG  . ARG A 69 ? 0.2070 0.1920 0.3029 -0.0090 -0.0505 0.0550  57 ARG A CG  
438 C CD  . ARG A 69 ? 0.2607 0.2429 0.3584 -0.0307 -0.0717 0.0715  57 ARG A CD  
439 N NE  . ARG A 69 ? 0.3050 0.2331 0.4154 -0.0154 -0.0792 0.0546  57 ARG A NE  
440 C CZ  . ARG A 69 ? 0.3590 0.2944 0.4496 -0.0126 -0.0719 0.0654  57 ARG A CZ  
441 N NH1 . ARG A 69 ? 0.4032 0.3287 0.4900 -0.0212 -0.0525 0.0850  57 ARG A NH1 
442 N NH2 . ARG A 69 ? 0.4037 0.3340 0.4322 -0.0114 -0.0727 0.0755  57 ARG A NH2 
443 N N   . CYS A 70 ? 0.0897 0.0817 0.1451 -0.0191 -0.0326 0.0194  58 CYS A N   
444 C CA  . CYS A 70 ? 0.1203 0.0940 0.1353 0.0010  -0.0233 0.0155  58 CYS A CA  
445 C C   . CYS A 70 ? 0.0851 0.1052 0.1066 -0.0145 -0.0054 0.0209  58 CYS A C   
446 O O   . CYS A 70 ? 0.0893 0.1103 0.1183 -0.0267 0.0095  0.0232  58 CYS A O   
447 C CB  . CYS A 70 ? 0.1154 0.0921 0.1485 -0.0329 -0.0023 0.0204  58 CYS A CB  
448 S SG  . CYS A 70 ? 0.1145 0.1182 0.1716 -0.0348 0.0044  0.0147  58 CYS A SG  
449 N N   . PHE A 71 ? 0.0684 0.1057 0.1329 -0.0222 -0.0130 0.0162  59 PHE A N   
450 C CA  . PHE A 71 ? 0.0756 0.1267 0.1126 -0.0226 0.0145  0.0016  59 PHE A CA  
451 C C   . PHE A 71 ? 0.0893 0.1259 0.1168 -0.0254 0.0332  0.0124  59 PHE A C   
452 O O   . PHE A 71 ? 0.1106 0.1546 0.1337 -0.0343 0.0232  0.0143  59 PHE A O   
453 C CB  . PHE A 71 ? 0.0636 0.1123 0.1305 -0.0213 0.0150  0.0037  59 PHE A CB  
454 C CG  . PHE A 71 ? 0.0666 0.1068 0.1257 -0.0282 -0.0021 0.0196  59 PHE A CG  
455 C CD1 . PHE A 71 ? 0.0835 0.1368 0.1563 -0.0302 -0.0068 0.0460  59 PHE A CD1 
456 C CD2 . PHE A 71 ? 0.1013 0.0944 0.1415 -0.0230 -0.0065 0.0005  59 PHE A CD2 
457 C CE1 . PHE A 71 ? 0.0992 0.1387 0.1839 -0.0338 0.0062  0.0612  59 PHE A CE1 
458 C CE2 . PHE A 71 ? 0.1072 0.1077 0.1707 -0.0354 -0.0213 0.0258  59 PHE A CE2 
459 C CZ  . PHE A 71 ? 0.1005 0.1305 0.1865 -0.0213 -0.0160 0.0440  59 PHE A CZ  
460 N N   . MET A 72 ? 0.0761 0.1121 0.1356 -0.0263 0.0087  0.0079  60 MET A N   
461 C CA  . MET A 72 ? 0.0754 0.1235 0.1370 -0.0229 0.0150  0.0187  60 MET A CA  
462 C C   . MET A 72 ? 0.0966 0.1196 0.1418 -0.0380 0.0291  0.0129  60 MET A C   
463 O O   . MET A 72 ? 0.1060 0.1172 0.1334 -0.0350 0.0394  0.0100  60 MET A O   
464 C CB  . MET A 72 ? 0.1044 0.1162 0.1493 -0.0274 0.0046  0.0168  60 MET A CB  
465 C CG  . MET A 72 ? 0.1265 0.1123 0.1831 -0.0129 0.0170  0.0103  60 MET A CG  
466 S SD  . MET A 72 ? 0.1514 0.1324 0.2291 -0.0132 0.0137  0.0459  60 MET A SD  
467 C CE  . MET A 72 ? 0.1900 0.1814 0.2546 -0.0475 -0.0114 0.0555  60 MET A CE  
468 N N   . ASP A 73 ? 0.0705 0.0943 0.1556 -0.0321 0.0154  0.0135  61 ASP A N   
469 C CA  . ASP A 73 ? 0.0823 0.1119 0.1630 -0.0423 0.0202  0.0267  61 ASP A CA  
470 C C   . ASP A 73 ? 0.0816 0.1186 0.1591 -0.0301 0.0185  0.0220  61 ASP A C   
471 O O   . ASP A 73 ? 0.0920 0.1418 0.1594 -0.0165 0.0300  0.0242  61 ASP A O   
472 C CB  . ASP A 73 ? 0.1060 0.1050 0.1695 -0.0440 -0.0275 0.0023  61 ASP A CB  
473 C CG  . ASP A 73 ? 0.1110 0.1220 0.2201 -0.0391 -0.0178 0.0136  61 ASP A CG  
474 O OD1 . ASP A 73 ? 0.1008 0.1379 0.2720 -0.0175 -0.0107 0.0341  61 ASP A OD1 
475 O OD2 . ASP A 73 ? 0.1829 0.1778 0.2289 -0.0385 -0.0246 0.0210  61 ASP A OD2 
476 N N   . ALA A 74 ? 0.0934 0.1200 0.1522 -0.0159 0.0065  0.0236  62 ALA A N   
477 C CA  . ALA A 74 ? 0.0897 0.1421 0.1730 -0.0016 -0.0016 0.0180  62 ALA A CA  
478 C C   . ALA A 74 ? 0.0886 0.1494 0.1648 -0.0221 0.0221  0.0183  62 ALA A C   
479 O O   . ALA A 74 ? 0.1373 0.2133 0.1470 -0.0267 0.0477  0.0321  62 ALA A O   
480 C CB  . ALA A 74 ? 0.1082 0.1723 0.1804 0.0123  -0.0010 0.0211  62 ALA A CB  
481 N N   . GLU A 75 ? 0.0945 0.1384 0.1735 -0.0565 0.0041  0.0141  63 GLU A N   
482 C CA  . GLU A 75 ? 0.1185 0.1600 0.1962 -0.0664 0.0198  0.0025  63 GLU A CA  
483 C C   . GLU A 75 ? 0.1475 0.1790 0.1656 -0.0587 0.0185  -0.0142 63 GLU A C   
484 O O   . GLU A 75 ? 0.1756 0.2130 0.1423 -0.0769 0.0269  -0.0098 63 GLU A O   
485 C CB  . GLU A 75 ? 0.1470 0.1863 0.1831 -0.0810 0.0242  -0.0205 63 GLU A CB  
486 C CG  . GLU A 75 ? 0.2084 0.2070 0.1689 -0.0686 0.0156  -0.0298 63 GLU A CG  
487 C CD  . GLU A 75 ? 0.2344 0.2515 0.2268 -0.0401 0.0022  0.0049  63 GLU A CD  
488 O OE1 . GLU A 75 ? 0.2709 0.3026 0.2388 -0.0389 0.0156  0.0273  63 GLU A OE1 
489 O OE2 . GLU A 75 ? 0.2646 0.3130 0.2623 -0.0336 -0.0424 0.0264  63 GLU A OE2 
490 N N   . ALA A 76 ? 0.1138 0.1521 0.1677 -0.0432 0.0404  -0.0047 64 ALA A N   
491 C CA  . ALA A 76 ? 0.1209 0.1569 0.1657 -0.0324 0.0421  -0.0049 64 ALA A CA  
492 C C   . ALA A 76 ? 0.1311 0.1647 0.1729 -0.0326 0.0567  0.0035  64 ALA A C   
493 O O   . ALA A 76 ? 0.1411 0.1862 0.1749 -0.0406 0.0604  -0.0069 64 ALA A O   
494 C CB  . ALA A 76 ? 0.1460 0.1513 0.1848 -0.0173 0.0385  0.0087  64 ALA A CB  
495 N N   . CYS A 77 ? 0.1013 0.1683 0.1835 -0.0364 0.0295  0.0246  65 CYS A N   
496 C CA  . CYS A 77 ? 0.1085 0.1843 0.1830 -0.0405 0.0107  0.0294  65 CYS A CA  
497 C C   . CYS A 77 ? 0.1392 0.2192 0.1811 -0.0503 0.0194  0.0416  65 CYS A C   
498 O O   . CYS A 77 ? 0.1540 0.2606 0.2003 -0.0587 0.0326  0.0555  65 CYS A O   
499 C CB  . CYS A 77 ? 0.1126 0.1793 0.1805 -0.0531 0.0205  0.0389  65 CYS A CB  
500 S SG  . CYS A 77 ? 0.1272 0.1872 0.2003 -0.0552 -0.0035 0.0552  65 CYS A SG  
501 N N   . SER A 78 ? 0.1174 0.2705 0.1664 -0.0568 0.0096  0.0445  66 SER A N   
502 C CA  . SER A 78 ? 0.1589 0.3384 0.1652 -0.0712 -0.0065 0.0376  66 SER A CA  
503 C C   . SER A 78 ? 0.1814 0.3625 0.1607 -0.0678 0.0237  0.0380  66 SER A C   
504 O O   . SER A 78 ? 0.2562 0.3948 0.1495 -0.0731 0.0237  0.0487  66 SER A O   
505 C CB  . SER A 78 ? 0.1543 0.4020 0.1998 -0.0747 -0.0302 0.0606  66 SER A CB  
506 O OG  . SER A 78 ? 0.3134 0.4168 0.2453 -0.0366 -0.0262 0.0592  66 SER A OG  
507 N N   . LYS A 79 ? 0.1935 0.3395 0.2117 -0.0310 0.0232  0.0030  67 LYS A N   
508 C CA  . LYS A 79 ? 0.2475 0.3304 0.2197 -0.0303 0.0398  -0.0202 67 LYS A CA  
509 C C   . LYS A 79 ? 0.2906 0.3213 0.2227 -0.0360 0.0708  -0.0251 67 LYS A C   
510 O O   . LYS A 79 ? 0.3452 0.3233 0.2439 -0.0273 0.0756  -0.0374 67 LYS A O   
511 C CB  . LYS A 79 ? 0.3005 0.3299 0.3060 -0.0306 0.0309  -0.0053 67 LYS A CB  
512 C CG  . LYS A 79 ? 0.3692 0.3559 0.3851 -0.0045 0.0234  0.0143  67 LYS A CG  
513 C CD  . LYS A 79 ? 0.3846 0.3883 0.4424 -0.0025 0.0068  0.0325  67 LYS A CD  
514 C CE  . LYS A 79 ? 0.4047 0.4258 0.4810 0.0081  -0.0103 0.0447  67 LYS A CE  
515 N NZ  . LYS A 79 ? 0.4103 0.4459 0.5000 0.0090  -0.0246 0.0509  67 LYS A NZ  
516 N N   . GLY A 80 ? 0.2402 0.3033 0.1976 -0.0531 0.0858  -0.0288 68 GLY A N   
517 C CA  . GLY A 80 ? 0.2266 0.2975 0.1926 -0.0186 0.1146  -0.0217 68 GLY A CA  
518 C C   . GLY A 80 ? 0.2571 0.2642 0.2358 -0.0180 0.0835  -0.0180 68 GLY A C   
519 O O   . GLY A 80 ? 0.3090 0.2958 0.2556 -0.0028 0.0976  0.0091  68 GLY A O   
520 N N   . ILE A 81 ? 0.2125 0.2215 0.2460 -0.0496 0.0763  -0.0183 69 ILE A N   
521 C CA  . ILE A 81 ? 0.2173 0.1964 0.2574 -0.0486 0.0877  -0.0192 69 ILE A CA  
522 C C   . ILE A 81 ? 0.2003 0.1752 0.2588 -0.0428 0.0922  -0.0168 69 ILE A C   
523 O O   . ILE A 81 ? 0.1863 0.1656 0.2718 -0.0408 0.0761  -0.0153 69 ILE A O   
524 C CB  . ILE A 81 ? 0.2364 0.2229 0.2472 -0.0713 0.0750  -0.0223 69 ILE A CB  
525 C CG1 . ILE A 81 ? 0.2324 0.2259 0.2948 -0.1074 0.0377  0.0042  69 ILE A CG1 
526 C CG2 . ILE A 81 ? 0.3079 0.2586 0.2634 -0.0496 0.0475  -0.0326 69 ILE A CG2 
527 C CD1 . ILE A 81 ? 0.2785 0.2299 0.2937 -0.1026 0.0283  -0.0032 69 ILE A CD1 
528 N N   . THR A 82 ? 0.2093 0.1973 0.2609 -0.0294 0.0927  -0.0128 70 THR A N   
529 C CA  . THR A 82 ? 0.1591 0.1926 0.3048 -0.0336 0.0778  0.0070  70 THR A CA  
530 C C   . THR A 82 ? 0.1507 0.1596 0.3198 -0.0289 0.0734  0.0143  70 THR A C   
531 O O   . THR A 82 ? 0.2103 0.1818 0.3526 -0.0302 0.0871  0.0044  70 THR A O   
532 C CB  . THR A 82 ? 0.1486 0.2476 0.3482 -0.0077 0.0845  0.0170  70 THR A CB  
533 O OG1 . THR A 82 ? 0.1905 0.2905 0.3895 -0.0221 0.1019  0.0365  70 THR A OG1 
534 C CG2 . THR A 82 ? 0.2048 0.2657 0.3709 0.0254  0.0602  0.0187  70 THR A CG2 
535 N N   . LEU A 83 ? 0.1257 0.1224 0.2759 -0.0359 0.0612  0.0113  71 LEU A N   
536 C CA  . LEU A 83 ? 0.1275 0.1186 0.2669 -0.0204 0.0602  0.0121  71 LEU A CA  
537 C C   . LEU A 83 ? 0.1504 0.1141 0.2823 -0.0170 0.0318  0.0284  71 LEU A C   
538 O O   . LEU A 83 ? 0.1978 0.1049 0.2908 -0.0109 0.0174  0.0289  71 LEU A O   
539 C CB  . LEU A 83 ? 0.1342 0.1367 0.2595 -0.0232 0.0739  0.0126  71 LEU A CB  
540 C CG  . LEU A 83 ? 0.1547 0.1464 0.2385 -0.0239 0.0620  -0.0101 71 LEU A CG  
541 C CD1 . LEU A 83 ? 0.1097 0.1769 0.2237 -0.0080 0.0192  -0.0177 71 LEU A CD1 
542 C CD2 . LEU A 83 ? 0.1772 0.1808 0.2351 -0.0373 0.0436  -0.0109 71 LEU A CD2 
543 N N   . SER A 84 ? 0.1266 0.1101 0.2919 -0.0246 0.0082  0.0397  72 SER A N   
544 C CA  . SER A 84 ? 0.0983 0.1454 0.2889 -0.0148 -0.0074 0.0489  72 SER A CA  
545 C C   . SER A 84 ? 0.0873 0.1452 0.2541 -0.0273 -0.0160 0.0435  72 SER A C   
546 O O   . SER A 84 ? 0.0956 0.1417 0.2748 -0.0072 -0.0092 0.0421  72 SER A O   
547 C CB  . SER A 84 ? 0.1445 0.2044 0.3727 -0.0118 -0.0045 0.0694  72 SER A CB  
548 O OG  . SER A 84 ? 0.2037 0.2481 0.4420 -0.0159 0.0060  0.0778  72 SER A OG  
549 N N   . VAL A 85 ? 0.1121 0.1507 0.2329 -0.0267 -0.0015 0.0415  73 VAL A N   
550 C CA  . VAL A 85 ? 0.1136 0.1242 0.2417 -0.0266 0.0025  0.0358  73 VAL A CA  
551 C C   . VAL A 85 ? 0.0794 0.1344 0.2539 -0.0239 -0.0253 0.0562  73 VAL A C   
552 O O   . VAL A 85 ? 0.1035 0.1885 0.3408 -0.0256 -0.0299 0.0867  73 VAL A O   
553 C CB  . VAL A 85 ? 0.1296 0.1452 0.2579 -0.0380 0.0036  0.0427  73 VAL A CB  
554 C CG1 . VAL A 85 ? 0.1502 0.1666 0.2721 -0.0592 0.0182  0.0417  73 VAL A CG1 
555 C CG2 . VAL A 85 ? 0.1685 0.1372 0.2815 -0.0160 -0.0068 0.0407  73 VAL A CG2 
556 N N   . VAL A 86 ? 0.0967 0.1014 0.2529 -0.0255 -0.0172 0.0519  74 VAL A N   
557 C CA  . VAL A 86 ? 0.1094 0.0926 0.2407 -0.0122 0.0005  0.0412  74 VAL A CA  
558 C C   . VAL A 86 ? 0.0858 0.0871 0.2442 -0.0175 -0.0107 0.0465  74 VAL A C   
559 O O   . VAL A 86 ? 0.1180 0.0899 0.2702 0.0180  0.0058  0.0456  74 VAL A O   
560 C CB  . VAL A 86 ? 0.0978 0.1380 0.2700 0.0046  0.0205  0.0367  74 VAL A CB  
561 C CG1 . VAL A 86 ? 0.1405 0.1792 0.2834 0.0136  0.0457  0.0330  74 VAL A CG1 
562 C CG2 . VAL A 86 ? 0.0730 0.1490 0.2872 0.0032  -0.0038 0.0231  74 VAL A CG2 
563 N N   . THR A 87 ? 0.1046 0.1062 0.2037 -0.0229 -0.0198 0.0330  75 THR A N   
564 C CA  . THR A 87 ? 0.1235 0.1047 0.1903 -0.0116 -0.0144 0.0355  75 THR A CA  
565 C C   . THR A 87 ? 0.1013 0.1147 0.1788 -0.0229 -0.0158 0.0265  75 THR A C   
566 O O   . THR A 87 ? 0.1050 0.1143 0.2047 -0.0012 -0.0157 -0.0134 75 THR A O   
567 C CB  . THR A 87 ? 0.1372 0.1526 0.2278 -0.0308 -0.0285 0.0778  75 THR A CB  
568 O OG1 . THR A 87 ? 0.1585 0.2592 0.3073 -0.0466 -0.0811 0.1474  75 THR A OG1 
569 C CG2 . THR A 87 ? 0.2067 0.1041 0.1901 -0.0041 -0.0155 0.0181  75 THR A CG2 
570 N N   . CYS A 88 ? 0.0939 0.0981 0.1718 -0.0093 0.0017  0.0390  76 CYS A N   
571 C CA  . CYS A 88 ? 0.1127 0.0731 0.1630 -0.0014 0.0040  0.0218  76 CYS A CA  
572 C C   . CYS A 88 ? 0.1253 0.0882 0.1411 -0.0208 0.0117  0.0112  76 CYS A C   
573 O O   . CYS A 88 ? 0.1897 0.1005 0.1416 -0.0263 0.0323  0.0079  76 CYS A O   
574 C CB  . CYS A 88 ? 0.1029 0.0911 0.1796 -0.0106 0.0203  0.0264  76 CYS A CB  
575 S SG  . CYS A 88 ? 0.1097 0.1018 0.2213 -0.0002 0.0064  0.0228  76 CYS A SG  
576 N N   . ARG A 89 ? 0.1023 0.0833 0.1584 -0.0210 0.0121  0.0121  77 ARG A N   
577 C CA  . ARG A 89 ? 0.1037 0.0980 0.1498 -0.0245 0.0127  0.0244  77 ARG A CA  
578 C C   . ARG A 89 ? 0.1290 0.1108 0.1253 -0.0221 0.0166  0.0156  77 ARG A C   
579 O O   . ARG A 89 ? 0.1263 0.1298 0.1269 -0.0173 -0.0136 0.0343  77 ARG A O   
580 C CB  . ARG A 89 ? 0.1368 0.1006 0.1428 0.0001  0.0077  0.0058  77 ARG A CB  
581 C CG  . ARG A 89 ? 0.1326 0.1367 0.1458 0.0310  0.0003  0.0061  77 ARG A CG  
582 C CD  . ARG A 89 ? 0.1756 0.1183 0.1653 0.0516  -0.0201 -0.0113 77 ARG A CD  
583 N NE  . ARG A 89 ? 0.2052 0.1254 0.2157 0.0456  -0.0382 -0.0130 77 ARG A NE  
584 C CZ  . ARG A 89 ? 0.2333 0.1130 0.2243 0.0530  -0.0579 -0.0142 77 ARG A CZ  
585 N NH1 . ARG A 89 ? 0.1952 0.1238 0.2678 0.0179  -0.0602 0.0151  77 ARG A NH1 
586 N NH2 . ARG A 89 ? 0.3057 0.1548 0.2610 0.0550  -0.0741 -0.0066 77 ARG A NH2 
# 
